data_5FAC
#
_entry.id   5FAC
#
_cell.length_a   78.960
_cell.length_b   87.170
_cell.length_c   109.626
_cell.angle_alpha   90.00
_cell.angle_beta   102.26
_cell.angle_gamma   90.00
#
_symmetry.space_group_name_H-M   'P 1 21 1'
#
loop_
_entity.id
_entity.type
_entity.pdbx_description
1 polymer 'Alanine racemase'
2 non-polymer "PYRIDOXAL-5'-PHOSPHATE"
3 non-polymer 'CHLORIDE ION'
4 water water
#
_entity_poly.entity_id   1
_entity_poly.type   'polypeptide(L)'
_entity_poly.pdbx_seq_one_letter_code
;MGSHHHHHHSSGLVPRGSHMSETTARRDADAVLRARAEIDLAALRANVRALRERAPGAALMAVVKADAYGHGAIPCARAA
VAAGATWLGTATPQEALALRAAEPGLPDDVRIMCWLWTPGGPWREAVEARLDVSVSAMWAMEEVTGAARAAGVPARVQL
(KCX)ADTGLGRGGCQPGADWERLVGAALRAEEEGLLRVTGLWSHFACADEPGHPSIAAQLTRFREMTAYAEQRGLRPEV
RHIANSPATLTLPDAHFDLVRPGIAMYGVSPSPEIGTPADFGLRPVMTLAASLALVKQVPGGHGVSYGHHYTTPGETTLG
LVPLGYADGIPRHASSSGPVLVDGKWRTVAGRIAMDQFVVDLGGDRPEPGAEAVLFGPGDRGEPTAEDWAQAAGTIAYEI
VTRIGSRVPRVYVNE
;
_entity_poly.pdbx_strand_id   A,B,C,D
#
# COMPACT_ATOMS: atom_id res chain seq x y z
N ARG A 27 4.41 18.61 -18.49
CA ARG A 27 3.76 19.96 -18.32
C ARG A 27 3.09 20.09 -16.97
N ASP A 28 2.04 19.32 -16.72
CA ASP A 28 1.43 19.24 -15.37
C ASP A 28 2.36 18.53 -14.35
N ALA A 29 3.30 17.71 -14.85
CA ALA A 29 4.44 17.23 -14.06
C ALA A 29 5.39 18.38 -13.62
N ASP A 30 5.03 19.64 -13.93
CA ASP A 30 5.71 20.84 -13.40
C ASP A 30 5.09 21.43 -12.11
N ALA A 31 3.74 21.47 -11.98
CA ALA A 31 3.06 22.02 -10.77
C ALA A 31 3.20 21.17 -9.50
N VAL A 32 3.47 19.87 -9.67
CA VAL A 32 3.76 18.91 -8.56
C VAL A 32 5.04 19.25 -7.76
N LEU A 33 5.96 19.99 -8.38
CA LEU A 33 7.23 20.33 -7.73
C LEU A 33 7.03 21.20 -6.51
N ARG A 34 6.01 22.05 -6.50
CA ARG A 34 5.75 22.87 -5.32
C ARG A 34 5.16 21.98 -4.24
N ALA A 35 4.08 21.30 -4.62
CA ALA A 35 3.26 20.51 -3.70
C ALA A 35 2.32 19.59 -4.44
N ARG A 36 1.76 18.63 -3.72
CA ARG A 36 0.89 17.61 -4.29
C ARG A 36 0.14 16.85 -3.23
N ALA A 37 -1.00 16.32 -3.62
CA ALA A 37 -1.76 15.38 -2.81
C ALA A 37 -1.69 14.05 -3.52
N GLU A 38 -0.91 13.09 -2.98
CA GLU A 38 -0.80 11.73 -3.57
C GLU A 38 -1.99 10.93 -3.14
N ILE A 39 -2.75 10.42 -4.10
CA ILE A 39 -4.00 9.70 -3.84
C ILE A 39 -3.72 8.23 -4.14
N ASP A 40 -3.57 7.43 -3.10
CA ASP A 40 -3.26 6.00 -3.25
C ASP A 40 -4.54 5.16 -3.38
N LEU A 41 -4.93 4.92 -4.62
CA LEU A 41 -6.20 4.26 -4.92
C LEU A 41 -6.20 2.80 -4.50
N ALA A 42 -5.03 2.21 -4.36
CA ALA A 42 -4.93 0.86 -3.77
C ALA A 42 -5.33 0.84 -2.30
N ALA A 43 -4.96 1.87 -1.53
CA ALA A 43 -5.38 1.97 -0.15
C ALA A 43 -6.90 2.12 -0.10
N LEU A 44 -7.45 2.91 -1.02
CA LEU A 44 -8.90 3.12 -1.10
C LEU A 44 -9.64 1.81 -1.30
N ARG A 45 -9.15 0.98 -2.23
CA ARG A 45 -9.73 -0.34 -2.52
C ARG A 45 -9.58 -1.25 -1.29
N ALA A 46 -8.41 -1.18 -0.63
CA ALA A 46 -8.20 -1.91 0.62
C ALA A 46 -9.23 -1.52 1.67
N ASN A 47 -9.48 -0.22 1.81
CA ASN A 47 -10.52 0.26 2.73
C ASN A 47 -11.97 -0.18 2.38
N VAL A 48 -12.39 -0.05 1.12
CA VAL A 48 -13.74 -0.48 0.67
C VAL A 48 -13.96 -1.96 0.97
N ARG A 49 -12.94 -2.80 0.75
CA ARG A 49 -12.97 -4.22 1.18
C ARG A 49 -13.04 -4.39 2.69
N ALA A 50 -12.20 -3.69 3.45
CA ALA A 50 -12.27 -3.76 4.90
C ALA A 50 -13.67 -3.43 5.39
N LEU A 51 -14.30 -2.47 4.74
CA LEU A 51 -15.63 -2.00 5.11
C LEU A 51 -16.75 -2.95 4.71
N ARG A 52 -16.63 -3.59 3.55
CA ARG A 52 -17.56 -4.63 3.15
C ARG A 52 -17.51 -5.84 4.08
N GLU A 53 -16.35 -6.05 4.70
CA GLU A 53 -16.19 -7.09 5.71
C GLU A 53 -16.93 -6.74 6.98
N ARG A 54 -16.77 -5.50 7.46
CA ARG A 54 -17.46 -5.05 8.68
C ARG A 54 -18.99 -5.03 8.52
N ALA A 55 -19.49 -4.85 7.30
CA ALA A 55 -20.92 -4.85 7.00
C ALA A 55 -21.21 -5.94 5.98
N PRO A 56 -21.10 -7.21 6.43
CA PRO A 56 -21.19 -8.33 5.50
C PRO A 56 -22.57 -8.54 4.92
N GLY A 57 -23.61 -8.19 5.67
CA GLY A 57 -24.98 -8.35 5.21
C GLY A 57 -25.53 -7.18 4.42
N ALA A 58 -24.67 -6.30 3.91
CA ALA A 58 -25.12 -5.07 3.28
C ALA A 58 -24.33 -4.70 2.03
N ALA A 59 -24.99 -3.95 1.13
CA ALA A 59 -24.27 -3.32 0.05
C ALA A 59 -23.51 -2.13 0.63
N LEU A 60 -22.50 -1.69 -0.11
CA LEU A 60 -21.74 -0.52 0.27
C LEU A 60 -21.90 0.59 -0.79
N MET A 61 -22.21 1.78 -0.30
CA MET A 61 -22.19 3.01 -1.09
C MET A 61 -20.85 3.71 -0.88
N ALA A 62 -20.20 4.03 -1.98
CA ALA A 62 -19.02 4.86 -1.96
C ALA A 62 -19.49 6.30 -2.07
N VAL A 63 -19.32 7.04 -0.97
CA VAL A 63 -19.69 8.44 -0.92
C VAL A 63 -18.55 9.25 -1.54
N VAL A 64 -18.82 9.86 -2.69
CA VAL A 64 -17.82 10.62 -3.43
C VAL A 64 -18.25 12.09 -3.59
N LYS A 65 -19.00 12.58 -2.59
CA LYS A 65 -19.42 13.99 -2.55
C LYS A 65 -18.18 14.87 -2.31
N ALA A 66 -18.31 16.17 -2.58
CA ALA A 66 -17.25 17.14 -2.30
C ALA A 66 -15.92 16.73 -2.89
N ASP A 67 -15.98 16.37 -4.17
CA ASP A 67 -14.84 15.88 -4.91
C ASP A 67 -14.17 14.70 -4.19
N ALA A 68 -14.97 13.68 -3.87
CA ALA A 68 -14.51 12.55 -3.08
C ALA A 68 -13.73 13.01 -1.84
N TYR A 69 -14.31 13.95 -1.09
CA TYR A 69 -13.66 14.46 0.13
C TYR A 69 -12.24 15.03 -0.20
N GLY A 70 -12.12 15.72 -1.33
CA GLY A 70 -10.85 16.30 -1.72
C GLY A 70 -9.90 15.35 -2.40
N HIS A 71 -10.29 14.08 -2.53
CA HIS A 71 -9.42 13.05 -3.16
C HIS A 71 -9.65 12.84 -4.70
N GLY A 72 -10.68 13.46 -5.29
CA GLY A 72 -10.98 13.28 -6.72
C GLY A 72 -12.12 12.32 -7.02
N ALA A 73 -13.29 12.88 -7.35
CA ALA A 73 -14.53 12.11 -7.43
C ALA A 73 -14.50 10.88 -8.34
N ILE A 74 -14.19 11.09 -9.62
CA ILE A 74 -14.28 10.01 -10.60
C ILE A 74 -13.25 8.92 -10.29
N PRO A 75 -11.96 9.26 -10.21
CA PRO A 75 -10.96 8.23 -9.90
C PRO A 75 -11.31 7.35 -8.71
N CYS A 76 -11.70 7.98 -7.60
CA CYS A 76 -12.09 7.26 -6.39
C CYS A 76 -13.35 6.42 -6.59
N ALA A 77 -14.33 6.97 -7.30
CA ALA A 77 -15.55 6.22 -7.63
C ALA A 77 -15.24 4.95 -8.43
N ARG A 78 -14.35 5.04 -9.43
CA ARG A 78 -13.94 3.85 -10.18
C ARG A 78 -13.34 2.82 -9.28
N ALA A 79 -12.40 3.25 -8.45
CA ALA A 79 -11.70 2.34 -7.54
C ALA A 79 -12.70 1.68 -6.61
N ALA A 80 -13.65 2.47 -6.11
CA ALA A 80 -14.59 1.92 -5.14
C ALA A 80 -15.55 0.87 -5.77
N VAL A 81 -15.97 1.09 -7.02
CA VAL A 81 -16.75 0.11 -7.76
C VAL A 81 -15.89 -1.15 -7.97
N ALA A 82 -14.67 -0.95 -8.47
CA ALA A 82 -13.76 -2.06 -8.71
C ALA A 82 -13.71 -2.99 -7.50
N ALA A 83 -13.64 -2.41 -6.30
CA ALA A 83 -13.52 -3.18 -5.07
C ALA A 83 -14.84 -3.55 -4.38
N GLY A 84 -15.98 -3.42 -5.06
CA GLY A 84 -17.27 -3.94 -4.54
C GLY A 84 -18.39 -2.96 -4.17
N ALA A 85 -18.14 -1.66 -4.27
CA ALA A 85 -19.21 -0.68 -4.04
C ALA A 85 -20.20 -0.85 -5.17
N THR A 86 -21.47 -1.04 -4.81
CA THR A 86 -22.51 -1.12 -5.80
C THR A 86 -23.36 0.12 -5.84
N TRP A 87 -23.14 1.07 -4.93
CA TRP A 87 -23.79 2.40 -4.98
C TRP A 87 -22.76 3.50 -4.90
N LEU A 88 -23.07 4.62 -5.53
CA LEU A 88 -22.32 5.86 -5.38
C LEU A 88 -23.22 6.91 -4.76
N GLY A 89 -22.62 7.81 -3.99
CA GLY A 89 -23.33 8.80 -3.21
C GLY A 89 -22.73 10.17 -3.42
N THR A 90 -23.59 11.16 -3.68
CA THR A 90 -23.17 12.55 -3.83
C THR A 90 -24.15 13.46 -3.13
N ALA A 91 -23.79 14.73 -2.98
CA ALA A 91 -24.69 15.70 -2.38
C ALA A 91 -25.49 16.30 -3.49
N THR A 92 -24.84 17.07 -4.37
CA THR A 92 -25.56 17.85 -5.38
C THR A 92 -25.89 16.96 -6.58
N PRO A 93 -26.95 17.30 -7.32
CA PRO A 93 -27.21 16.57 -8.56
C PRO A 93 -26.16 16.82 -9.66
N GLN A 94 -25.44 17.93 -9.58
CA GLN A 94 -24.39 18.23 -10.57
C GLN A 94 -23.25 17.21 -10.46
N GLU A 95 -22.86 16.91 -9.22
CA GLU A 95 -21.84 15.88 -8.91
C GLU A 95 -22.23 14.49 -9.45
N ALA A 96 -23.47 14.09 -9.17
CA ALA A 96 -23.99 12.81 -9.60
C ALA A 96 -24.10 12.67 -11.14
N LEU A 97 -24.47 13.75 -11.82
CA LEU A 97 -24.59 13.76 -13.27
C LEU A 97 -23.23 13.66 -13.92
N ALA A 98 -22.22 14.27 -13.31
CA ALA A 98 -20.86 14.18 -13.80
C ALA A 98 -20.33 12.74 -13.70
N LEU A 99 -20.80 11.99 -12.68
CA LEU A 99 -20.41 10.58 -12.53
C LEU A 99 -21.01 9.78 -13.66
N ARG A 100 -22.28 10.06 -13.96
CA ARG A 100 -22.98 9.37 -15.03
C ARG A 100 -22.43 9.72 -16.41
N ALA A 101 -21.85 10.90 -16.55
CA ALA A 101 -21.24 11.35 -17.81
C ALA A 101 -19.77 10.99 -17.92
N ALA A 102 -19.25 10.14 -17.03
CA ALA A 102 -17.81 9.93 -16.94
C ALA A 102 -17.30 9.17 -18.15
N GLU A 103 -16.13 9.55 -18.66
CA GLU A 103 -15.48 8.86 -19.80
C GLU A 103 -14.07 8.44 -19.42
N PRO A 104 -13.76 7.14 -19.39
CA PRO A 104 -14.71 6.02 -19.70
C PRO A 104 -15.87 5.89 -18.69
N GLY A 105 -16.97 5.26 -19.13
CA GLY A 105 -18.17 5.14 -18.32
C GLY A 105 -17.95 4.29 -17.08
N LEU A 106 -18.64 4.63 -16.00
CA LEU A 106 -18.83 3.70 -14.88
C LEU A 106 -19.88 2.72 -15.35
N PRO A 107 -19.96 1.52 -14.74
CA PRO A 107 -21.00 0.56 -15.16
C PRO A 107 -22.37 1.20 -15.15
N ASP A 108 -23.15 0.99 -16.22
CA ASP A 108 -24.51 1.56 -16.29
C ASP A 108 -25.42 0.95 -15.23
N ASP A 109 -25.13 -0.30 -14.89
CA ASP A 109 -25.81 -1.04 -13.85
C ASP A 109 -25.64 -0.45 -12.40
N VAL A 110 -24.67 0.45 -12.19
CA VAL A 110 -24.40 1.06 -10.86
C VAL A 110 -25.42 2.19 -10.47
N ARG A 111 -25.80 2.19 -9.21
CA ARG A 111 -26.77 3.13 -8.67
C ARG A 111 -26.06 4.35 -8.11
N ILE A 112 -26.58 5.51 -8.45
CA ILE A 112 -26.00 6.80 -8.06
C ILE A 112 -27.10 7.62 -7.36
N MET A 113 -26.86 7.98 -6.10
CA MET A 113 -27.81 8.74 -5.35
C MET A 113 -27.33 10.15 -5.06
N CYS A 114 -28.26 11.11 -5.10
CA CYS A 114 -27.97 12.53 -4.76
C CYS A 114 -29.10 13.10 -3.93
N TRP A 115 -28.75 13.90 -2.91
CA TRP A 115 -29.72 14.26 -1.86
C TRP A 115 -29.98 15.74 -1.65
N LEU A 116 -28.98 16.60 -1.94
CA LEU A 116 -29.03 18.05 -1.69
C LEU A 116 -29.68 18.85 -2.82
N TRP A 117 -31.01 18.92 -2.76
CA TRP A 117 -31.82 19.58 -3.81
C TRP A 117 -32.38 20.91 -3.31
N THR A 118 -32.53 21.85 -4.25
CA THR A 118 -33.26 23.09 -4.03
C THR A 118 -34.29 23.26 -5.16
N PRO A 119 -35.33 24.06 -4.92
CA PRO A 119 -36.31 24.38 -5.95
C PRO A 119 -35.73 24.73 -7.31
N GLY A 120 -36.39 24.28 -8.37
CA GLY A 120 -35.95 24.54 -9.72
C GLY A 120 -34.73 23.72 -10.14
N GLY A 121 -34.26 22.81 -9.29
CA GLY A 121 -33.07 22.00 -9.61
C GLY A 121 -33.32 21.07 -10.79
N PRO A 122 -32.26 20.51 -11.40
CA PRO A 122 -32.42 19.72 -12.62
C PRO A 122 -33.04 18.32 -12.38
N TRP A 123 -34.29 18.28 -11.92
CA TRP A 123 -34.98 17.04 -11.60
C TRP A 123 -35.25 16.18 -12.83
N ARG A 124 -35.62 16.81 -13.93
CA ARG A 124 -35.78 16.11 -15.19
C ARG A 124 -34.48 15.38 -15.63
N GLU A 125 -33.35 16.11 -15.68
CA GLU A 125 -32.04 15.55 -16.12
C GLU A 125 -31.62 14.38 -15.22
N ALA A 126 -31.98 14.47 -13.94
CA ALA A 126 -31.76 13.41 -12.96
C ALA A 126 -32.59 12.15 -13.23
N VAL A 127 -33.89 12.33 -13.46
CA VAL A 127 -34.78 11.21 -13.78
C VAL A 127 -34.35 10.53 -15.07
N GLU A 128 -34.00 11.33 -16.08
CA GLU A 128 -33.49 10.80 -17.37
C GLU A 128 -32.19 10.03 -17.21
N ALA A 129 -31.26 10.59 -16.42
CA ALA A 129 -29.97 9.94 -16.12
C ALA A 129 -30.06 8.79 -15.09
N ARG A 130 -31.29 8.47 -14.63
CA ARG A 130 -31.56 7.28 -13.81
C ARG A 130 -30.92 7.34 -12.41
N LEU A 131 -30.92 8.55 -11.86
CA LEU A 131 -30.36 8.82 -10.55
C LEU A 131 -31.40 8.47 -9.50
N ASP A 132 -30.94 7.99 -8.35
CA ASP A 132 -31.80 7.91 -7.18
C ASP A 132 -31.76 9.28 -6.52
N VAL A 133 -32.93 9.87 -6.28
CA VAL A 133 -33.01 11.21 -5.70
C VAL A 133 -33.68 11.18 -4.34
N SER A 134 -33.07 11.83 -3.36
CA SER A 134 -33.70 11.98 -2.09
C SER A 134 -34.78 13.05 -2.17
N VAL A 135 -35.86 12.81 -1.43
CA VAL A 135 -36.97 13.73 -1.29
C VAL A 135 -37.26 13.69 0.20
N SER A 136 -37.31 14.85 0.83
CA SER A 136 -37.67 14.88 2.24
C SER A 136 -38.79 15.86 2.55
N ALA A 137 -39.41 16.42 1.52
CA ALA A 137 -40.33 17.50 1.68
C ALA A 137 -41.24 17.57 0.49
N MET A 138 -42.43 18.10 0.74
CA MET A 138 -43.53 18.00 -0.20
C MET A 138 -43.25 18.76 -1.52
N TRP A 139 -42.63 19.95 -1.43
CA TRP A 139 -42.23 20.71 -2.63
C TRP A 139 -41.41 19.87 -3.62
N ALA A 140 -40.49 19.07 -3.06
CA ALA A 140 -39.63 18.21 -3.86
C ALA A 140 -40.40 17.04 -4.52
N MET A 141 -41.31 16.42 -3.74
CA MET A 141 -42.20 15.40 -4.28
C MET A 141 -42.99 15.91 -5.48
N GLU A 142 -43.52 17.12 -5.37
CA GLU A 142 -44.26 17.72 -6.49
C GLU A 142 -43.37 18.02 -7.68
N GLU A 143 -42.18 18.57 -7.43
CA GLU A 143 -41.24 18.87 -8.50
C GLU A 143 -40.71 17.63 -9.23
N VAL A 144 -40.40 16.56 -8.48
CA VAL A 144 -39.85 15.32 -9.07
C VAL A 144 -40.90 14.56 -9.89
N THR A 145 -42.11 14.47 -9.35
CA THR A 145 -43.27 13.91 -10.04
C THR A 145 -43.56 14.65 -11.30
N GLY A 146 -43.57 16.00 -11.21
CA GLY A 146 -43.76 16.86 -12.39
C GLY A 146 -42.74 16.60 -13.49
N ALA A 147 -41.49 16.38 -13.09
CA ALA A 147 -40.40 16.08 -14.00
C ALA A 147 -40.52 14.69 -14.64
N ALA A 148 -40.96 13.70 -13.87
CA ALA A 148 -41.18 12.36 -14.41
C ALA A 148 -42.24 12.36 -15.52
N ARG A 149 -43.32 13.13 -15.32
CA ARG A 149 -44.34 13.35 -16.37
CA ARG A 149 -44.34 13.35 -16.37
C ARG A 149 -43.69 13.89 -17.63
N ALA A 150 -43.04 15.04 -17.51
CA ALA A 150 -42.41 15.68 -18.66
C ALA A 150 -41.46 14.71 -19.37
N ALA A 151 -40.71 13.92 -18.61
CA ALA A 151 -39.69 13.03 -19.19
C ALA A 151 -40.30 11.77 -19.77
N GLY A 152 -41.43 11.32 -19.21
CA GLY A 152 -42.08 10.11 -19.68
C GLY A 152 -41.65 8.84 -18.98
N VAL A 153 -40.41 8.81 -18.48
CA VAL A 153 -39.84 7.66 -17.69
C VAL A 153 -39.95 7.87 -16.18
N PRO A 154 -40.17 6.78 -15.41
CA PRO A 154 -40.39 6.97 -13.97
C PRO A 154 -39.12 7.39 -13.17
N ALA A 155 -39.34 7.94 -11.98
CA ALA A 155 -38.30 8.39 -11.06
C ALA A 155 -37.97 7.34 -10.00
N ARG A 156 -36.70 7.25 -9.62
CA ARG A 156 -36.28 6.46 -8.45
C ARG A 156 -36.12 7.39 -7.27
N VAL A 157 -36.97 7.28 -6.25
CA VAL A 157 -37.00 8.26 -5.17
C VAL A 157 -36.72 7.65 -3.82
N GLN A 158 -35.99 8.37 -2.97
CA GLN A 158 -35.65 7.87 -1.64
C GLN A 158 -36.18 8.88 -0.65
N LEU A 159 -37.07 8.47 0.24
CA LEU A 159 -37.61 9.38 1.23
C LEU A 159 -36.61 9.51 2.38
N ALA A 161 -35.91 10.43 6.12
CA ALA A 161 -36.60 10.57 7.37
C ALA A 161 -35.73 11.30 8.37
N ASP A 162 -36.32 12.26 9.08
CA ASP A 162 -35.65 12.98 10.18
C ASP A 162 -35.84 12.24 11.50
N THR A 163 -34.82 11.48 11.88
CA THR A 163 -34.87 10.62 13.05
C THR A 163 -34.47 11.32 14.34
N GLY A 164 -34.07 12.59 14.28
CA GLY A 164 -33.46 13.27 15.43
C GLY A 164 -32.32 14.25 15.10
N LEU A 165 -31.72 14.09 13.91
CA LEU A 165 -30.63 14.95 13.44
C LEU A 165 -31.07 16.40 13.33
N GLY A 166 -32.24 16.61 12.73
CA GLY A 166 -32.86 17.92 12.67
C GLY A 166 -32.28 18.79 11.59
N ARG A 167 -31.59 18.17 10.63
CA ARG A 167 -31.06 18.92 9.49
C ARG A 167 -32.09 18.71 8.35
N GLY A 168 -31.70 18.07 7.25
CA GLY A 168 -32.62 17.90 6.11
C GLY A 168 -33.60 16.75 5.86
N GLY A 169 -34.10 16.12 6.88
CA GLY A 169 -35.09 15.06 6.64
C GLY A 169 -36.53 15.51 6.83
N CYS A 170 -37.44 14.56 6.70
CA CYS A 170 -38.88 14.75 6.99
C CYS A 170 -39.21 14.44 8.43
N GLN A 171 -39.86 15.36 9.14
CA GLN A 171 -40.24 15.16 10.55
C GLN A 171 -41.30 14.06 10.67
N PRO A 172 -41.34 13.31 11.80
CA PRO A 172 -42.36 12.25 11.94
C PRO A 172 -43.81 12.80 12.10
N GLY A 173 -44.79 11.90 12.11
CA GLY A 173 -46.18 12.29 12.28
C GLY A 173 -46.76 12.87 11.00
N ALA A 174 -47.32 14.09 11.11
CA ALA A 174 -48.13 14.72 10.03
C ALA A 174 -47.43 14.92 8.69
N ASP A 175 -46.15 15.31 8.73
CA ASP A 175 -45.33 15.47 7.51
C ASP A 175 -44.96 14.13 6.84
N TRP A 176 -44.59 13.13 7.65
CA TRP A 176 -44.24 11.79 7.14
C TRP A 176 -45.46 11.12 6.54
N GLU A 177 -46.56 11.10 7.30
CA GLU A 177 -47.88 10.62 6.84
C GLU A 177 -48.14 11.11 5.41
N ARG A 178 -48.06 12.43 5.27
CA ARG A 178 -48.42 13.09 4.00
C ARG A 178 -47.48 12.71 2.85
N LEU A 179 -46.17 12.71 3.12
CA LEU A 179 -45.12 12.37 2.16
C LEU A 179 -45.17 10.91 1.73
N VAL A 180 -45.33 10.02 2.71
CA VAL A 180 -45.53 8.60 2.41
C VAL A 180 -46.76 8.44 1.49
N GLY A 181 -47.84 9.15 1.80
CA GLY A 181 -49.08 9.09 1.01
C GLY A 181 -48.96 9.64 -0.39
N ALA A 182 -48.30 10.79 -0.51
CA ALA A 182 -48.04 11.40 -1.81
C ALA A 182 -47.17 10.53 -2.70
N ALA A 183 -46.22 9.85 -2.05
CA ALA A 183 -45.36 8.89 -2.71
C ALA A 183 -46.16 7.71 -3.22
N LEU A 184 -47.03 7.16 -2.36
CA LEU A 184 -47.95 6.06 -2.72
C LEU A 184 -48.82 6.34 -3.95
N ARG A 185 -49.39 7.54 -3.98
CA ARG A 185 -50.15 8.03 -5.13
C ARG A 185 -49.34 8.14 -6.43
N ALA A 186 -48.11 8.63 -6.28
CA ALA A 186 -47.19 8.76 -7.40
C ALA A 186 -46.82 7.39 -7.96
N GLU A 187 -46.69 6.40 -7.06
CA GLU A 187 -46.48 5.00 -7.47
C GLU A 187 -47.70 4.45 -8.22
N GLU A 188 -48.91 4.65 -7.67
CA GLU A 188 -50.18 4.32 -8.38
C GLU A 188 -50.22 4.83 -9.81
N GLU A 189 -49.90 6.12 -9.95
CA GLU A 189 -49.94 6.80 -11.25
C GLU A 189 -48.75 6.43 -12.13
N GLY A 190 -47.79 5.70 -11.57
CA GLY A 190 -46.69 5.11 -12.32
C GLY A 190 -45.56 6.09 -12.64
N LEU A 191 -45.45 7.15 -11.85
CA LEU A 191 -44.48 8.24 -12.10
C LEU A 191 -43.16 8.06 -11.36
N LEU A 192 -43.16 7.28 -10.29
CA LEU A 192 -41.97 7.01 -9.52
C LEU A 192 -42.10 5.72 -8.76
N ARG A 193 -40.97 5.12 -8.41
CA ARG A 193 -40.97 4.05 -7.41
C ARG A 193 -40.04 4.44 -6.28
N VAL A 194 -40.54 4.42 -5.05
CA VAL A 194 -39.71 4.68 -3.88
C VAL A 194 -38.75 3.52 -3.71
N THR A 195 -37.50 3.76 -4.07
CA THR A 195 -36.45 2.76 -4.02
C THR A 195 -35.70 2.70 -2.68
N GLY A 196 -35.86 3.71 -1.82
CA GLY A 196 -35.25 3.63 -0.48
C GLY A 196 -35.88 4.50 0.58
N LEU A 197 -35.61 4.16 1.84
CA LEU A 197 -36.04 4.96 2.99
C LEU A 197 -34.81 5.11 3.80
N TRP A 198 -34.48 6.33 4.19
CA TRP A 198 -33.15 6.57 4.77
C TRP A 198 -33.02 7.76 5.72
N SER A 199 -31.98 7.72 6.53
CA SER A 199 -31.74 8.75 7.51
C SER A 199 -30.25 8.89 7.79
N HIS A 200 -29.90 9.70 8.79
CA HIS A 200 -28.52 10.00 9.07
C HIS A 200 -28.39 10.27 10.56
N PHE A 201 -27.29 9.80 11.15
CA PHE A 201 -27.06 9.87 12.60
C PHE A 201 -26.43 11.19 12.95
N ALA A 202 -26.80 11.69 14.12
CA ALA A 202 -26.25 12.95 14.65
C ALA A 202 -25.02 12.74 15.53
N CYS A 203 -24.99 11.66 16.30
CA CYS A 203 -23.94 11.47 17.32
C CYS A 203 -23.30 10.08 17.30
N ALA A 204 -23.30 9.39 16.16
CA ALA A 204 -22.70 8.04 16.05
C ALA A 204 -21.19 8.04 16.36
N ASP A 205 -20.49 9.15 16.10
CA ASP A 205 -19.07 9.28 16.40
C ASP A 205 -18.70 9.29 17.89
N GLU A 206 -19.69 9.48 18.77
CA GLU A 206 -19.55 9.37 20.24
C GLU A 206 -20.24 8.07 20.66
N PRO A 207 -19.46 6.98 20.88
CA PRO A 207 -20.09 5.65 20.96
C PRO A 207 -20.99 5.48 22.18
N GLY A 208 -22.14 4.85 21.97
CA GLY A 208 -23.16 4.69 23.02
C GLY A 208 -23.87 5.93 23.55
N HIS A 209 -23.72 7.09 22.90
CA HIS A 209 -24.50 8.31 23.22
C HIS A 209 -26.00 7.96 23.11
N PRO A 210 -26.84 8.50 24.02
CA PRO A 210 -28.25 8.08 24.03
C PRO A 210 -28.98 8.22 22.68
N SER A 211 -28.91 9.39 22.08
CA SER A 211 -29.50 9.68 20.75
C SER A 211 -29.32 8.63 19.64
N ILE A 212 -28.21 7.89 19.66
CA ILE A 212 -27.96 6.85 18.65
C ILE A 212 -29.10 5.84 18.69
N ALA A 213 -29.31 5.25 19.86
CA ALA A 213 -30.41 4.27 20.06
C ALA A 213 -31.80 4.86 19.74
N ALA A 214 -31.98 6.14 20.12
CA ALA A 214 -33.21 6.86 19.91
C ALA A 214 -33.53 6.99 18.45
N GLN A 215 -32.60 7.58 17.72
CA GLN A 215 -32.74 7.75 16.25
C GLN A 215 -33.00 6.42 15.56
N LEU A 216 -32.33 5.39 16.07
CA LEU A 216 -32.37 4.06 15.47
C LEU A 216 -33.75 3.42 15.61
N THR A 217 -34.35 3.51 16.80
CA THR A 217 -35.72 2.99 17.00
C THR A 217 -36.78 3.85 16.32
N ARG A 218 -36.55 5.17 16.22
CA ARG A 218 -37.42 6.03 15.42
C ARG A 218 -37.28 5.77 13.91
N PHE A 219 -36.09 5.37 13.47
CA PHE A 219 -35.91 4.93 12.09
C PHE A 219 -36.72 3.65 11.83
N ARG A 220 -36.77 2.73 12.80
CA ARG A 220 -37.55 1.48 12.68
C ARG A 220 -39.06 1.74 12.66
N GLU A 221 -39.55 2.63 13.53
CA GLU A 221 -40.97 3.11 13.54
C GLU A 221 -41.38 3.72 12.22
N MET A 222 -40.63 4.74 11.77
CA MET A 222 -40.93 5.44 10.51
C MET A 222 -40.83 4.57 9.24
N THR A 223 -39.83 3.68 9.16
CA THR A 223 -39.74 2.74 8.05
C THR A 223 -40.89 1.72 8.08
N ALA A 224 -41.19 1.20 9.26
CA ALA A 224 -42.30 0.22 9.46
C ALA A 224 -43.62 0.80 8.98
N TYR A 225 -43.90 2.03 9.43
CA TYR A 225 -45.07 2.79 9.00
C TYR A 225 -45.19 2.86 7.47
N ALA A 226 -44.09 3.12 6.77
CA ALA A 226 -44.17 3.35 5.31
C ALA A 226 -44.35 2.07 4.51
N GLU A 227 -43.74 1.00 4.99
CA GLU A 227 -43.92 -0.33 4.41
C GLU A 227 -45.32 -0.86 4.68
N GLN A 228 -45.78 -0.62 5.89
CA GLN A 228 -47.12 -0.98 6.33
C GLN A 228 -48.23 -0.33 5.50
N ARG A 229 -47.95 0.84 4.94
CA ARG A 229 -48.88 1.55 4.06
C ARG A 229 -48.67 1.27 2.58
N GLY A 230 -47.81 0.33 2.23
CA GLY A 230 -47.72 -0.17 0.85
C GLY A 230 -46.44 0.15 0.09
N LEU A 231 -45.52 0.92 0.68
CA LEU A 231 -44.23 1.20 0.01
C LEU A 231 -43.30 -0.02 0.14
N ARG A 232 -42.59 -0.31 -0.94
CA ARG A 232 -41.76 -1.50 -1.07
C ARG A 232 -40.36 -1.05 -1.57
N PRO A 233 -39.47 -0.63 -0.64
CA PRO A 233 -38.15 -0.16 -1.04
C PRO A 233 -37.11 -1.25 -1.28
N GLU A 234 -36.13 -0.96 -2.13
CA GLU A 234 -34.98 -1.82 -2.34
C GLU A 234 -34.05 -1.77 -1.15
N VAL A 235 -33.90 -0.60 -0.54
CA VAL A 235 -32.92 -0.43 0.54
C VAL A 235 -33.34 0.52 1.66
N ARG A 236 -33.18 0.10 2.90
CA ARG A 236 -33.18 0.96 4.06
C ARG A 236 -31.75 1.22 4.45
N HIS A 237 -31.44 2.47 4.85
CA HIS A 237 -30.08 2.82 5.29
C HIS A 237 -29.96 4.04 6.18
N ILE A 238 -29.13 3.91 7.22
CA ILE A 238 -28.87 5.02 8.13
C ILE A 238 -27.35 5.22 8.44
N ALA A 239 -26.57 4.22 8.17
CA ALA A 239 -25.19 4.21 8.55
C ALA A 239 -24.10 4.94 7.86
N ASN A 240 -23.58 5.93 8.56
CA ASN A 240 -22.37 6.64 8.12
C ASN A 240 -21.14 5.80 8.51
N SER A 241 -19.95 6.36 8.43
CA SER A 241 -18.73 5.66 8.80
C SER A 241 -18.76 5.13 10.23
N PRO A 242 -18.89 6.02 11.25
CA PRO A 242 -18.80 5.51 12.63
C PRO A 242 -19.87 4.44 12.95
N ALA A 243 -21.08 4.63 12.43
CA ALA A 243 -22.11 3.62 12.56
C ALA A 243 -21.60 2.31 11.98
N THR A 244 -21.24 2.31 10.69
CA THR A 244 -20.74 1.10 10.00
C THR A 244 -19.67 0.37 10.82
N LEU A 245 -18.74 1.10 11.40
CA LEU A 245 -17.65 0.50 12.17
C LEU A 245 -18.06 -0.05 13.56
N THR A 246 -19.05 0.55 14.21
CA THR A 246 -19.41 0.24 15.60
C THR A 246 -20.85 -0.28 15.87
N LEU A 247 -21.74 -0.32 14.89
CA LEU A 247 -23.16 -0.68 15.11
C LEU A 247 -23.69 -1.60 14.03
N PRO A 248 -23.51 -2.92 14.19
CA PRO A 248 -24.09 -3.87 13.23
C PRO A 248 -25.63 -3.87 13.13
N ASP A 249 -26.32 -3.50 14.21
CA ASP A 249 -27.77 -3.22 14.16
C ASP A 249 -28.16 -2.18 13.11
N ALA A 250 -27.30 -1.18 12.93
CA ALA A 250 -27.54 -0.06 12.02
C ALA A 250 -27.32 -0.31 10.53
N HIS A 251 -26.80 -1.47 10.15
CA HIS A 251 -26.37 -1.67 8.75
C HIS A 251 -27.50 -1.76 7.76
N PHE A 252 -28.55 -2.50 8.11
CA PHE A 252 -29.72 -2.68 7.25
C PHE A 252 -29.25 -3.09 5.84
N ASP A 253 -29.94 -2.67 4.78
CA ASP A 253 -29.61 -3.14 3.44
C ASP A 253 -28.35 -2.47 2.81
N LEU A 254 -27.87 -1.37 3.41
CA LEU A 254 -26.87 -0.51 2.78
C LEU A 254 -26.16 0.41 3.77
N VAL A 255 -24.85 0.58 3.56
CA VAL A 255 -23.99 1.43 4.38
C VAL A 255 -23.32 2.51 3.53
N ARG A 256 -23.07 3.66 4.16
CA ARG A 256 -22.53 4.85 3.51
C ARG A 256 -21.29 5.33 4.28
N PRO A 257 -20.23 4.50 4.33
CA PRO A 257 -19.04 4.94 5.03
C PRO A 257 -18.20 5.85 4.13
N GLY A 258 -18.23 7.14 4.43
CA GLY A 258 -17.50 8.12 3.62
C GLY A 258 -16.03 8.21 4.03
N ILE A 259 -15.80 8.86 5.17
CA ILE A 259 -14.47 9.17 5.64
C ILE A 259 -13.62 7.93 5.84
N ALA A 260 -14.24 6.86 6.30
CA ALA A 260 -13.54 5.60 6.48
C ALA A 260 -13.00 5.00 5.18
N MET A 261 -13.75 5.16 4.09
CA MET A 261 -13.28 4.80 2.75
C MET A 261 -11.98 5.56 2.36
N TYR A 262 -11.80 6.78 2.84
CA TYR A 262 -10.57 7.53 2.57
C TYR A 262 -9.51 7.24 3.61
N GLY A 263 -9.74 6.17 4.37
CA GLY A 263 -8.82 5.69 5.37
C GLY A 263 -8.63 6.55 6.61
N VAL A 264 -9.52 7.52 6.87
CA VAL A 264 -9.42 8.32 8.13
C VAL A 264 -10.56 8.04 9.10
N SER A 265 -10.21 7.99 10.37
CA SER A 265 -11.16 7.63 11.40
C SER A 265 -12.16 8.74 11.65
N PRO A 266 -13.46 8.42 11.74
CA PRO A 266 -14.42 9.47 12.03
C PRO A 266 -14.17 10.25 13.36
N SER A 267 -13.45 9.61 14.30
CA SER A 267 -13.21 10.18 15.63
C SER A 267 -12.13 9.36 16.32
N PRO A 268 -11.22 10.00 17.05
CA PRO A 268 -10.29 9.20 17.89
C PRO A 268 -10.95 8.35 18.99
N GLU A 269 -12.14 8.76 19.43
CA GLU A 269 -12.98 7.97 20.35
C GLU A 269 -13.46 6.63 19.71
N ILE A 270 -13.76 6.63 18.40
CA ILE A 270 -14.04 5.39 17.65
C ILE A 270 -12.76 4.53 17.55
N GLY A 271 -11.65 5.14 17.15
CA GLY A 271 -10.36 4.47 17.07
C GLY A 271 -9.41 5.07 16.05
N THR A 272 -8.24 4.44 15.89
CA THR A 272 -7.36 4.75 14.77
C THR A 272 -7.83 4.02 13.48
N PRO A 273 -7.31 4.43 12.31
CA PRO A 273 -7.60 3.67 11.10
C PRO A 273 -7.09 2.23 11.16
N ALA A 274 -5.87 2.07 11.69
CA ALA A 274 -5.28 0.75 11.95
C ALA A 274 -6.19 -0.20 12.74
N ASP A 275 -6.93 0.33 13.73
CA ASP A 275 -7.92 -0.47 14.50
C ASP A 275 -9.00 -1.12 13.63
N PHE A 276 -9.32 -0.53 12.49
CA PHE A 276 -10.36 -1.09 11.59
C PHE A 276 -9.82 -1.57 10.22
N GLY A 277 -8.52 -1.78 10.12
CA GLY A 277 -7.90 -2.29 8.90
C GLY A 277 -7.91 -1.31 7.75
N LEU A 278 -7.77 -0.03 8.08
CA LEU A 278 -7.91 1.10 7.17
C LEU A 278 -6.65 1.93 7.08
N ARG A 279 -6.38 2.46 5.88
CA ARG A 279 -5.10 3.14 5.54
C ARG A 279 -5.41 4.46 4.86
N PRO A 280 -4.91 5.58 5.41
CA PRO A 280 -5.25 6.85 4.80
C PRO A 280 -4.84 6.94 3.32
N VAL A 281 -5.73 7.48 2.49
CA VAL A 281 -5.55 7.54 1.05
C VAL A 281 -4.72 8.76 0.60
N MET A 282 -4.82 9.88 1.30
CA MET A 282 -4.14 11.11 0.90
C MET A 282 -2.86 11.36 1.66
N THR A 283 -1.79 11.62 0.92
CA THR A 283 -0.52 12.12 1.45
C THR A 283 -0.33 13.51 0.89
N LEU A 284 -0.13 14.50 1.75
CA LEU A 284 0.04 15.94 1.33
C LEU A 284 1.47 16.35 1.58
N ALA A 285 2.18 16.65 0.51
CA ALA A 285 3.60 16.95 0.61
C ALA A 285 4.01 18.12 -0.26
N ALA A 286 5.15 18.69 0.07
CA ALA A 286 5.64 19.86 -0.63
C ALA A 286 7.12 19.88 -0.60
N SER A 287 7.69 20.72 -1.44
CA SER A 287 9.14 20.91 -1.54
C SER A 287 9.55 22.21 -0.91
N LEU A 288 10.57 22.18 -0.07
CA LEU A 288 11.07 23.39 0.54
C LEU A 288 11.52 24.43 -0.50
N ALA A 289 10.88 25.61 -0.47
CA ALA A 289 11.29 26.72 -1.32
C ALA A 289 12.59 27.39 -0.83
N LEU A 290 12.80 27.41 0.49
CA LEU A 290 13.88 28.18 1.08
C LEU A 290 14.35 27.59 2.39
N VAL A 291 15.66 27.51 2.54
CA VAL A 291 16.30 27.16 3.81
C VAL A 291 17.30 28.29 4.05
N LYS A 292 17.23 28.88 5.23
CA LYS A 292 18.06 30.02 5.52
C LYS A 292 18.30 30.16 7.00
N GLN A 293 19.46 30.73 7.33
CA GLN A 293 19.89 30.96 8.68
C GLN A 293 19.47 32.35 9.11
N VAL A 294 18.92 32.44 10.30
CA VAL A 294 18.51 33.72 10.87
C VAL A 294 19.09 33.84 12.29
N PRO A 295 19.46 35.06 12.72
CA PRO A 295 19.90 35.22 14.11
C PRO A 295 18.75 35.01 15.13
N GLY A 296 19.08 35.10 16.41
CA GLY A 296 18.09 35.08 17.49
C GLY A 296 17.33 36.40 17.53
N GLY A 297 16.18 36.39 18.23
CA GLY A 297 15.32 37.57 18.34
C GLY A 297 14.83 38.14 17.01
N HIS A 298 14.68 37.27 16.01
CA HIS A 298 14.22 37.62 14.68
C HIS A 298 12.82 37.01 14.55
N GLY A 299 11.83 37.86 14.25
CA GLY A 299 10.44 37.44 14.15
C GLY A 299 10.17 36.60 12.91
N VAL A 300 9.08 35.84 12.98
CA VAL A 300 8.65 34.94 11.89
C VAL A 300 7.15 35.11 11.60
N SER A 301 6.88 35.47 10.35
CA SER A 301 5.53 35.54 9.78
C SER A 301 4.69 36.69 10.38
N TYR A 302 3.45 36.82 9.91
CA TYR A 302 2.56 37.95 10.24
C TYR A 302 2.33 38.08 11.76
N GLY A 303 2.33 39.33 12.25
CA GLY A 303 2.17 39.64 13.67
C GLY A 303 3.35 39.31 14.59
N HIS A 304 4.49 38.88 14.02
CA HIS A 304 5.63 38.28 14.74
C HIS A 304 5.24 37.39 15.94
N HIS A 305 4.41 36.36 15.69
CA HIS A 305 3.96 35.43 16.77
C HIS A 305 4.90 34.26 17.04
N TYR A 306 6.03 34.24 16.34
CA TYR A 306 7.18 33.45 16.74
C TYR A 306 8.42 34.30 16.48
N THR A 307 9.28 34.39 17.48
CA THR A 307 10.62 34.97 17.33
C THR A 307 11.63 33.87 17.69
N THR A 308 12.75 33.83 16.95
CA THR A 308 13.71 32.72 17.09
C THR A 308 14.42 32.76 18.46
N PRO A 309 14.55 31.60 19.15
CA PRO A 309 15.13 31.63 20.50
C PRO A 309 16.63 31.98 20.54
N GLY A 310 17.42 31.33 19.70
CA GLY A 310 18.81 31.73 19.46
C GLY A 310 19.01 31.75 17.95
N GLU A 311 20.25 31.58 17.50
CA GLU A 311 20.52 31.42 16.07
C GLU A 311 20.04 30.06 15.59
N THR A 312 19.47 30.02 14.39
CA THR A 312 18.71 28.86 13.93
C THR A 312 18.53 28.90 12.40
N THR A 313 17.92 27.83 11.88
CA THR A 313 17.53 27.73 10.46
C THR A 313 15.99 27.70 10.30
N LEU A 314 15.53 28.33 9.21
CA LEU A 314 14.11 28.37 8.84
C LEU A 314 13.87 27.73 7.48
N GLY A 315 12.87 26.85 7.44
CA GLY A 315 12.38 26.25 6.22
C GLY A 315 11.06 26.85 5.74
N LEU A 316 11.02 27.27 4.47
CA LEU A 316 9.80 27.80 3.86
C LEU A 316 9.10 26.67 3.15
N VAL A 317 7.88 26.35 3.62
CA VAL A 317 7.00 25.38 2.97
C VAL A 317 6.03 26.20 2.13
N PRO A 318 5.98 25.97 0.79
CA PRO A 318 5.14 26.76 -0.08
C PRO A 318 3.67 26.24 -0.20
N LEU A 319 2.97 26.21 0.93
CA LEU A 319 1.55 25.96 0.98
C LEU A 319 1.02 26.86 2.03
N GLY A 320 -0.14 27.46 1.80
CA GLY A 320 -0.80 28.27 2.83
C GLY A 320 -2.30 28.01 2.90
N TYR A 321 -3.03 28.95 3.49
CA TYR A 321 -4.46 28.76 3.71
C TYR A 321 -5.27 28.76 2.40
N ALA A 322 -4.78 29.44 1.37
CA ALA A 322 -5.37 29.30 0.04
C ALA A 322 -5.27 27.89 -0.48
N ASP A 323 -4.27 27.14 -0.05
CA ASP A 323 -4.13 25.70 -0.38
C ASP A 323 -4.84 24.73 0.57
N GLY A 324 -5.55 25.28 1.55
CA GLY A 324 -6.26 24.50 2.57
C GLY A 324 -5.44 24.12 3.79
N ILE A 325 -4.30 24.78 3.99
CA ILE A 325 -3.54 24.58 5.21
C ILE A 325 -4.24 25.50 6.21
N PRO A 326 -5.00 24.93 7.15
CA PRO A 326 -5.80 25.84 7.99
C PRO A 326 -4.95 26.85 8.79
N ARG A 327 -5.39 28.11 8.80
CA ARG A 327 -4.73 29.17 9.56
C ARG A 327 -4.87 28.96 11.08
N HIS A 328 -5.89 28.22 11.52
CA HIS A 328 -5.98 27.80 12.93
C HIS A 328 -4.84 26.93 13.40
N ALA A 329 -4.19 26.21 12.47
CA ALA A 329 -2.98 25.46 12.81
C ALA A 329 -1.74 26.33 12.77
N SER A 330 -1.89 27.65 12.89
CA SER A 330 -0.74 28.55 13.11
C SER A 330 -0.11 28.19 14.46
N SER A 331 1.22 28.21 14.44
CA SER A 331 2.06 27.82 15.58
C SER A 331 2.01 26.35 16.06
N SER A 332 1.13 25.52 15.51
CA SER A 332 0.93 24.14 15.99
C SER A 332 1.08 23.00 14.93
N GLY A 333 0.77 23.28 13.67
CA GLY A 333 0.75 22.26 12.61
C GLY A 333 2.04 21.50 12.48
N PRO A 334 1.99 20.16 12.44
CA PRO A 334 3.17 19.35 12.27
C PRO A 334 3.52 19.08 10.80
N VAL A 335 4.83 19.06 10.51
CA VAL A 335 5.34 18.67 9.21
C VAL A 335 6.66 17.88 9.33
N LEU A 336 6.71 16.69 8.71
CA LEU A 336 7.95 15.91 8.66
C LEU A 336 8.90 16.53 7.62
N VAL A 337 10.05 17.04 8.09
CA VAL A 337 11.08 17.58 7.21
C VAL A 337 12.42 17.00 7.67
N ASP A 338 13.19 16.45 6.72
CA ASP A 338 14.59 16.08 6.97
C ASP A 338 14.74 14.99 8.06
N GLY A 339 13.74 14.12 8.22
CA GLY A 339 13.75 13.08 9.24
C GLY A 339 13.16 13.36 10.63
N LYS A 340 12.87 14.62 10.95
CA LYS A 340 12.23 14.97 12.24
C LYS A 340 10.91 15.75 12.03
N TRP A 341 9.93 15.56 12.91
CA TRP A 341 8.77 16.44 12.96
C TRP A 341 9.15 17.87 13.31
N ARG A 342 8.81 18.80 12.43
CA ARG A 342 8.90 20.23 12.68
C ARG A 342 7.49 20.73 12.96
N THR A 343 7.35 21.91 13.56
CA THR A 343 6.03 22.50 13.73
C THR A 343 6.01 23.92 13.24
N VAL A 344 4.85 24.34 12.79
CA VAL A 344 4.69 25.64 12.17
C VAL A 344 5.17 26.68 13.15
N ALA A 345 6.02 27.57 12.64
CA ALA A 345 6.54 28.71 13.35
C ALA A 345 5.67 29.92 13.05
N GLY A 346 4.77 30.24 13.99
CA GLY A 346 3.99 31.46 13.89
C GLY A 346 2.84 31.31 12.93
N ARG A 347 2.50 32.39 12.25
CA ARG A 347 1.31 32.42 11.39
C ARG A 347 1.54 31.78 10.02
N ILE A 348 0.43 31.23 9.51
CA ILE A 348 0.32 30.63 8.20
C ILE A 348 -0.17 31.74 7.27
N ALA A 349 0.51 31.91 6.13
CA ALA A 349 0.13 32.96 5.19
C ALA A 349 -0.75 32.34 4.10
N MET A 350 -1.17 33.15 3.14
CA MET A 350 -1.97 32.67 2.02
C MET A 350 -1.30 31.55 1.20
N ASP A 351 0.02 31.63 1.00
CA ASP A 351 0.71 30.67 0.14
C ASP A 351 1.85 29.89 0.77
N GLN A 352 2.16 30.21 2.03
CA GLN A 352 3.38 29.68 2.64
C GLN A 352 3.27 29.66 4.16
N PHE A 353 4.11 28.80 4.77
CA PHE A 353 4.43 28.92 6.17
C PHE A 353 5.87 28.50 6.41
N VAL A 354 6.35 28.82 7.62
CA VAL A 354 7.70 28.55 8.04
C VAL A 354 7.74 27.53 9.18
N VAL A 355 8.81 26.74 9.19
CA VAL A 355 9.16 25.85 10.29
C VAL A 355 10.55 26.19 10.77
N ASP A 356 10.75 26.09 12.10
CA ASP A 356 12.08 26.16 12.73
C ASP A 356 12.74 24.80 12.55
N LEU A 357 13.92 24.77 11.93
CA LEU A 357 14.62 23.51 11.61
C LEU A 357 15.76 23.20 12.59
N GLY A 358 15.63 23.65 13.85
CA GLY A 358 16.75 23.61 14.81
C GLY A 358 17.93 24.37 14.25
N GLY A 359 18.96 23.64 13.85
CA GLY A 359 20.02 24.18 12.99
C GLY A 359 20.22 23.37 11.72
N ASP A 360 19.34 22.40 11.46
CA ASP A 360 19.53 21.48 10.33
C ASP A 360 19.46 22.25 9.01
N ARG A 361 20.15 21.73 8.00
CA ARG A 361 20.34 22.44 6.73
C ARG A 361 20.04 21.55 5.53
N PRO A 362 18.77 21.15 5.35
CA PRO A 362 18.45 20.34 4.18
C PRO A 362 18.52 21.19 2.93
N GLU A 363 18.68 20.53 1.78
CA GLU A 363 18.82 21.22 0.50
C GLU A 363 17.40 21.78 0.11
N PRO A 364 17.33 23.00 -0.49
CA PRO A 364 16.03 23.45 -0.98
C PRO A 364 15.58 22.51 -2.11
N GLY A 365 14.28 22.21 -2.16
CA GLY A 365 13.75 21.11 -2.96
C GLY A 365 13.41 19.87 -2.12
N ALA A 366 13.90 19.81 -0.88
CA ALA A 366 13.64 18.68 0.05
C ALA A 366 12.17 18.50 0.35
N GLU A 367 11.79 17.25 0.58
CA GLU A 367 10.40 16.89 0.81
C GLU A 367 9.94 17.31 2.23
N ALA A 368 8.81 17.99 2.30
CA ALA A 368 8.16 18.36 3.53
C ALA A 368 6.80 17.65 3.48
N VAL A 369 6.62 16.60 4.25
CA VAL A 369 5.37 15.83 4.27
C VAL A 369 4.45 16.30 5.40
N LEU A 370 3.30 16.85 5.04
CA LEU A 370 2.42 17.50 6.02
C LEU A 370 1.60 16.45 6.70
N PHE A 371 1.02 15.55 5.91
CA PHE A 371 0.39 14.37 6.47
C PHE A 371 0.32 13.22 5.45
N GLY A 372 0.06 12.04 5.99
CA GLY A 372 -0.06 10.84 5.20
C GLY A 372 -0.66 9.70 6.02
N PRO A 373 -0.36 8.45 5.61
CA PRO A 373 -0.77 7.23 6.32
C PRO A 373 -0.19 7.05 7.72
N GLY A 374 1.07 7.41 7.92
CA GLY A 374 1.71 7.34 9.23
C GLY A 374 3.00 6.51 9.23
N ASP A 375 3.12 5.60 8.27
CA ASP A 375 4.14 4.57 8.31
C ASP A 375 5.56 5.00 7.91
N ARG A 376 5.74 6.21 7.39
CA ARG A 376 7.09 6.74 7.15
C ARG A 376 7.50 7.81 8.18
N GLY A 377 6.82 7.82 9.32
CA GLY A 377 7.05 8.83 10.36
C GLY A 377 6.31 10.16 10.17
N GLU A 378 5.37 10.22 9.20
CA GLU A 378 4.69 11.48 8.87
C GLU A 378 3.62 11.68 9.92
N PRO A 379 3.12 12.92 10.07
CA PRO A 379 1.87 13.13 10.79
C PRO A 379 0.71 12.58 10.00
N THR A 380 -0.45 12.48 10.62
CA THR A 380 -1.66 12.12 9.90
C THR A 380 -2.63 13.31 9.81
N ALA A 381 -3.64 13.16 8.97
CA ALA A 381 -4.72 14.14 8.85
C ALA A 381 -5.28 14.53 10.22
N GLU A 382 -5.50 13.53 11.09
CA GLU A 382 -5.99 13.77 12.48
C GLU A 382 -5.06 14.66 13.31
N ASP A 383 -3.75 14.49 13.11
CA ASP A 383 -2.78 15.35 13.77
C ASP A 383 -2.97 16.81 13.36
N TRP A 384 -3.26 17.05 12.09
CA TRP A 384 -3.59 18.42 11.64
C TRP A 384 -4.96 18.88 12.17
N ALA A 385 -5.94 17.98 12.20
CA ALA A 385 -7.23 18.31 12.74
C ALA A 385 -7.09 18.87 14.17
N GLN A 386 -6.20 18.26 14.95
CA GLN A 386 -5.99 18.69 16.33
C GLN A 386 -5.24 20.01 16.43
N ALA A 387 -4.15 20.16 15.69
CA ALA A 387 -3.45 21.43 15.60
C ALA A 387 -4.35 22.61 15.20
N ALA A 388 -5.37 22.36 14.37
CA ALA A 388 -6.29 23.39 13.90
C ALA A 388 -7.60 23.45 14.68
N GLY A 389 -7.80 22.56 15.65
CA GLY A 389 -9.03 22.59 16.47
C GLY A 389 -10.29 22.27 15.71
N THR A 390 -10.20 21.23 14.89
CA THR A 390 -11.31 20.82 14.03
C THR A 390 -11.27 19.30 13.82
N ILE A 391 -12.07 18.81 12.89
CA ILE A 391 -12.11 17.38 12.57
C ILE A 391 -11.33 17.07 11.30
N ALA A 392 -10.76 15.88 11.23
CA ALA A 392 -10.01 15.43 10.04
C ALA A 392 -10.80 15.54 8.72
N TYR A 393 -12.12 15.37 8.78
CA TYR A 393 -13.03 15.54 7.63
C TYR A 393 -12.72 16.85 6.91
N GLU A 394 -12.64 17.93 7.69
CA GLU A 394 -12.38 19.27 7.15
C GLU A 394 -10.97 19.39 6.57
N ILE A 395 -9.99 18.74 7.20
CA ILE A 395 -8.60 18.81 6.75
C ILE A 395 -8.41 18.32 5.29
N VAL A 396 -8.93 17.13 4.98
CA VAL A 396 -8.76 16.53 3.65
C VAL A 396 -9.68 17.16 2.59
N THR A 397 -10.93 17.45 2.98
CA THR A 397 -11.98 17.97 2.07
C THR A 397 -11.66 19.32 1.49
N ARG A 398 -11.01 20.14 2.29
CA ARG A 398 -10.71 21.52 1.92
C ARG A 398 -9.28 21.75 1.43
N ILE A 399 -8.53 20.69 1.13
CA ILE A 399 -7.24 20.84 0.47
C ILE A 399 -7.55 21.49 -0.88
N GLY A 400 -6.89 22.60 -1.15
CA GLY A 400 -7.30 23.46 -2.29
C GLY A 400 -7.10 22.89 -3.67
N SER A 401 -7.88 23.41 -4.60
CA SER A 401 -7.81 22.97 -6.00
C SER A 401 -6.50 23.37 -6.70
N ARG A 402 -5.77 24.29 -6.08
CA ARG A 402 -4.46 24.73 -6.51
C ARG A 402 -3.35 23.75 -6.11
N VAL A 403 -3.69 22.72 -5.36
CA VAL A 403 -2.76 21.64 -5.04
C VAL A 403 -3.09 20.52 -6.00
N PRO A 404 -2.22 20.24 -6.96
CA PRO A 404 -2.57 19.17 -7.89
C PRO A 404 -2.61 17.76 -7.24
N ARG A 405 -3.57 16.94 -7.63
CA ARG A 405 -3.68 15.57 -7.15
C ARG A 405 -2.92 14.64 -8.07
N VAL A 406 -2.09 13.79 -7.49
CA VAL A 406 -1.40 12.74 -8.23
C VAL A 406 -1.94 11.35 -7.81
N TYR A 407 -2.41 10.56 -8.77
CA TYR A 407 -3.07 9.26 -8.49
C TYR A 407 -2.12 8.10 -8.67
N VAL A 408 -1.90 7.29 -7.63
CA VAL A 408 -0.98 6.16 -7.72
C VAL A 408 -1.80 4.86 -7.56
N ASN A 409 -1.24 3.76 -8.07
CA ASN A 409 -1.94 2.47 -8.20
C ASN A 409 -3.35 2.55 -8.83
N GLU A 410 -3.52 3.26 -9.95
CA GLU A 410 -4.84 3.34 -10.61
C GLU A 410 -5.11 2.08 -11.42
N ASP B 30 -28.21 27.17 -13.34
CA ASP B 30 -28.59 25.76 -12.93
C ASP B 30 -27.95 25.39 -11.56
N ALA B 31 -26.61 25.29 -11.51
CA ALA B 31 -25.86 25.14 -10.24
C ALA B 31 -25.95 26.37 -9.31
N VAL B 32 -26.25 27.55 -9.90
CA VAL B 32 -26.46 28.83 -9.17
C VAL B 32 -27.66 28.81 -8.20
N LEU B 33 -28.64 27.94 -8.48
CA LEU B 33 -29.85 27.84 -7.66
C LEU B 33 -29.56 27.40 -6.22
N ARG B 34 -28.51 26.59 -6.00
CA ARG B 34 -28.17 26.18 -4.65
C ARG B 34 -27.49 27.34 -3.95
N ALA B 35 -26.44 27.83 -4.59
CA ALA B 35 -25.59 28.88 -4.04
C ALA B 35 -24.74 29.51 -5.13
N ARG B 36 -24.16 30.66 -4.79
CA ARG B 36 -23.32 31.41 -5.72
C ARG B 36 -22.50 32.46 -5.01
N ALA B 37 -21.41 32.84 -5.64
CA ALA B 37 -20.60 33.97 -5.20
C ALA B 37 -20.73 35.00 -6.30
N GLU B 38 -21.48 36.08 -6.04
CA GLU B 38 -21.63 37.18 -7.01
C GLU B 38 -20.38 38.06 -6.93
N ILE B 39 -19.68 38.20 -8.05
CA ILE B 39 -18.48 38.98 -8.12
C ILE B 39 -18.81 40.27 -8.86
N ASP B 40 -18.91 41.38 -8.12
CA ASP B 40 -19.25 42.68 -8.69
C ASP B 40 -17.97 43.40 -9.15
N LEU B 41 -17.66 43.21 -10.43
CA LEU B 41 -16.47 43.77 -11.03
C LEU B 41 -16.47 45.32 -11.09
N ALA B 42 -17.63 45.94 -11.03
CA ALA B 42 -17.70 47.38 -10.90
C ALA B 42 -17.20 47.85 -9.55
N ALA B 43 -17.50 47.10 -8.49
CA ALA B 43 -16.97 47.46 -7.17
C ALA B 43 -15.46 47.33 -7.15
N LEU B 44 -14.97 46.28 -7.82
CA LEU B 44 -13.54 46.08 -7.92
C LEU B 44 -12.84 47.27 -8.57
N ARG B 45 -13.39 47.73 -9.68
CA ARG B 45 -12.81 48.86 -10.40
C ARG B 45 -12.92 50.10 -9.49
N ALA B 46 -14.04 50.27 -8.80
CA ALA B 46 -14.18 51.37 -7.87
C ALA B 46 -13.05 51.33 -6.84
N ASN B 47 -12.76 50.14 -6.31
CA ASN B 47 -11.70 49.98 -5.33
C ASN B 47 -10.31 50.30 -5.91
N VAL B 48 -9.99 49.80 -7.09
CA VAL B 48 -8.69 50.08 -7.69
C VAL B 48 -8.47 51.57 -7.81
N ARG B 49 -9.51 52.29 -8.24
CA ARG B 49 -9.45 53.74 -8.37
C ARG B 49 -9.28 54.37 -7.02
N ALA B 50 -10.07 53.96 -6.04
CA ALA B 50 -9.89 54.49 -4.68
C ALA B 50 -8.44 54.35 -4.19
N LEU B 51 -7.83 53.22 -4.53
CA LEU B 51 -6.47 52.89 -4.12
C LEU B 51 -5.41 53.66 -4.88
N ARG B 52 -5.63 53.91 -6.17
CA ARG B 52 -4.75 54.77 -6.97
C ARG B 52 -4.76 56.21 -6.50
N GLU B 53 -5.88 56.61 -5.90
CA GLU B 53 -5.98 57.90 -5.24
C GLU B 53 -5.13 57.95 -3.97
N ARG B 54 -5.22 56.93 -3.12
CA ARG B 54 -4.48 56.91 -1.85
CA ARG B 54 -4.47 56.90 -1.87
C ARG B 54 -2.97 56.83 -2.10
N ALA B 55 -2.56 56.26 -3.22
CA ALA B 55 -1.15 56.16 -3.57
C ALA B 55 -0.88 56.87 -4.90
N PRO B 56 -0.90 58.21 -4.86
CA PRO B 56 -0.97 58.97 -6.11
C PRO B 56 0.37 58.96 -6.81
N GLY B 57 1.44 58.86 -6.04
CA GLY B 57 2.77 58.87 -6.63
C GLY B 57 3.29 57.50 -7.02
N ALA B 58 2.40 56.51 -7.18
CA ALA B 58 2.84 55.13 -7.42
C ALA B 58 1.99 54.38 -8.44
N ALA B 59 2.60 53.39 -9.08
CA ALA B 59 1.82 52.44 -9.86
C ALA B 59 1.14 51.50 -8.90
N LEU B 60 0.10 50.84 -9.40
CA LEU B 60 -0.65 49.90 -8.61
C LEU B 60 -0.57 48.51 -9.26
N MET B 61 -0.23 47.52 -8.43
CA MET B 61 -0.29 46.08 -8.78
C MET B 61 -1.57 45.47 -8.27
N ALA B 62 -2.28 44.81 -9.18
CA ALA B 62 -3.48 44.07 -8.83
C ALA B 62 -3.04 42.66 -8.53
N VAL B 63 -3.09 42.31 -7.25
CA VAL B 63 -2.67 41.00 -6.78
C VAL B 63 -3.83 40.05 -7.02
N VAL B 64 -3.63 39.12 -7.93
CA VAL B 64 -4.69 38.16 -8.32
C VAL B 64 -4.26 36.72 -8.02
N LYS B 65 -3.44 36.55 -6.98
CA LYS B 65 -2.97 35.21 -6.55
C LYS B 65 -4.17 34.47 -5.97
N ALA B 66 -4.04 33.16 -5.85
CA ALA B 66 -5.05 32.33 -5.21
C ALA B 66 -6.43 32.55 -5.82
N ASP B 67 -6.46 32.48 -7.15
CA ASP B 67 -7.65 32.71 -7.93
C ASP B 67 -8.29 34.04 -7.57
N ALA B 68 -7.49 35.11 -7.63
CA ALA B 68 -7.90 36.46 -7.19
C ALA B 68 -8.59 36.43 -5.81
N TYR B 69 -7.95 35.78 -4.84
CA TYR B 69 -8.50 35.67 -3.49
C TYR B 69 -9.91 35.03 -3.52
N GLY B 70 -10.10 34.04 -4.37
CA GLY B 70 -11.41 33.38 -4.48
C GLY B 70 -12.46 34.09 -5.34
N HIS B 71 -12.11 35.24 -5.88
CA HIS B 71 -13.00 35.99 -6.76
C HIS B 71 -12.89 35.67 -8.28
N GLY B 72 -11.89 34.90 -8.72
CA GLY B 72 -11.67 34.63 -10.17
C GLY B 72 -10.56 35.46 -10.83
N ALA B 73 -9.41 34.82 -11.02
CA ALA B 73 -8.18 35.51 -11.44
C ALA B 73 -8.30 36.39 -12.69
N ILE B 74 -8.72 35.80 -13.81
CA ILE B 74 -8.72 36.48 -15.09
C ILE B 74 -9.73 37.64 -15.11
N PRO B 75 -11.00 37.35 -14.83
CA PRO B 75 -11.97 38.42 -14.79
C PRO B 75 -11.55 39.62 -13.96
N CYS B 76 -11.08 39.36 -12.74
CA CYS B 76 -10.63 40.44 -11.85
C CYS B 76 -9.40 41.16 -12.39
N ALA B 77 -8.45 40.42 -12.95
CA ALA B 77 -7.28 41.02 -13.57
C ALA B 77 -7.65 41.96 -14.72
N ARG B 78 -8.61 41.57 -15.57
CA ARG B 78 -9.11 42.46 -16.64
C ARG B 78 -9.69 43.75 -16.08
N ALA B 79 -10.56 43.62 -15.09
CA ALA B 79 -11.18 44.75 -14.46
C ALA B 79 -10.12 45.66 -13.84
N ALA B 80 -9.14 45.08 -13.18
CA ALA B 80 -8.13 45.89 -12.51
C ALA B 80 -7.22 46.67 -13.50
N VAL B 81 -6.85 46.06 -14.65
CA VAL B 81 -6.14 46.80 -15.73
C VAL B 81 -7.03 47.91 -16.28
N ALA B 82 -8.28 47.56 -16.61
CA ALA B 82 -9.24 48.56 -17.10
C ALA B 82 -9.24 49.80 -16.23
N ALA B 83 -9.23 49.62 -14.91
CA ALA B 83 -9.28 50.73 -13.97
C ALA B 83 -7.92 51.33 -13.52
N GLY B 84 -6.81 50.99 -14.19
CA GLY B 84 -5.51 51.64 -13.94
C GLY B 84 -4.37 50.83 -13.32
N ALA B 85 -4.60 49.57 -13.00
CA ALA B 85 -3.52 48.70 -12.57
C ALA B 85 -2.61 48.51 -13.78
N THR B 86 -1.33 48.79 -13.58
CA THR B 86 -0.34 48.53 -14.59
C THR B 86 0.51 47.32 -14.28
N TRP B 87 0.38 46.73 -13.08
CA TRP B 87 1.06 45.44 -12.75
C TRP B 87 0.07 44.42 -12.24
N LEU B 88 0.35 43.15 -12.54
CA LEU B 88 -0.38 42.04 -11.97
C LEU B 88 0.58 41.25 -11.11
N GLY B 89 0.03 40.66 -10.06
CA GLY B 89 0.82 39.94 -9.06
C GLY B 89 0.23 38.57 -8.81
N THR B 90 1.09 37.55 -8.80
CA THR B 90 0.67 36.17 -8.46
C THR B 90 1.72 35.51 -7.58
N ALA B 91 1.36 34.38 -7.01
CA ALA B 91 2.32 33.64 -6.20
C ALA B 91 3.08 32.70 -7.12
N THR B 92 2.39 31.70 -7.65
CA THR B 92 3.05 30.65 -8.40
C THR B 92 3.27 31.10 -9.84
N PRO B 93 4.27 30.54 -10.51
CA PRO B 93 4.43 30.83 -11.94
C PRO B 93 3.33 30.25 -12.83
N GLN B 94 2.65 29.23 -12.38
CA GLN B 94 1.54 28.64 -13.13
C GLN B 94 0.38 29.65 -13.28
N GLU B 95 0.08 30.34 -12.17
CA GLU B 95 -0.94 31.40 -12.12
C GLU B 95 -0.60 32.56 -13.10
N ALA B 96 0.66 33.02 -13.06
CA ALA B 96 1.10 34.10 -13.90
C ALA B 96 1.10 33.73 -15.38
N LEU B 97 1.45 32.50 -15.71
CA LEU B 97 1.48 32.04 -17.10
C LEU B 97 0.07 31.95 -17.66
N ALA B 98 -0.88 31.58 -16.81
CA ALA B 98 -2.28 31.53 -17.21
C ALA B 98 -2.82 32.91 -17.53
N LEU B 99 -2.31 33.94 -16.86
CA LEU B 99 -2.70 35.32 -17.14
C LEU B 99 -2.18 35.72 -18.48
N ARG B 100 -0.95 35.36 -18.76
CA ARG B 100 -0.33 35.66 -20.04
C ARG B 100 -0.95 34.90 -21.20
N ALA B 101 -1.51 33.72 -20.92
CA ALA B 101 -2.20 32.89 -21.91
C ALA B 101 -3.67 33.20 -22.06
N ALA B 102 -4.14 34.30 -21.46
CA ALA B 102 -5.58 34.52 -21.35
C ALA B 102 -6.14 34.86 -22.70
N GLU B 103 -7.33 34.35 -22.99
CA GLU B 103 -8.05 34.66 -24.24
C GLU B 103 -9.46 35.18 -23.95
N PRO B 104 -9.80 36.41 -24.34
CA PRO B 104 -8.89 37.37 -25.00
C PRO B 104 -7.67 37.82 -24.16
N GLY B 105 -6.60 38.27 -24.84
CA GLY B 105 -5.35 38.66 -24.18
C GLY B 105 -5.50 39.86 -23.28
N LEU B 106 -4.75 39.87 -22.18
CA LEU B 106 -4.53 41.10 -21.43
C LEU B 106 -3.55 41.89 -22.27
N PRO B 107 -3.49 43.22 -22.08
CA PRO B 107 -2.46 43.98 -22.81
C PRO B 107 -1.07 43.38 -22.70
N ASP B 108 -0.36 43.26 -23.82
CA ASP B 108 1.02 42.70 -23.80
C ASP B 108 1.98 43.61 -23.03
N ASP B 109 1.70 44.91 -23.07
CA ASP B 109 2.46 45.92 -22.32
C ASP B 109 2.38 45.80 -20.77
N VAL B 110 1.41 45.04 -20.25
CA VAL B 110 1.25 44.85 -18.80
C VAL B 110 2.31 43.92 -18.15
N ARG B 111 2.77 44.33 -16.97
CA ARG B 111 3.79 43.61 -16.23
C ARG B 111 3.13 42.60 -15.26
N ILE B 112 3.65 41.37 -15.24
CA ILE B 112 3.12 40.27 -14.44
C ILE B 112 4.25 39.70 -13.60
N MET B 113 4.11 39.75 -12.29
CA MET B 113 5.14 39.26 -11.38
C MET B 113 4.69 38.00 -10.66
N CYS B 114 5.62 37.07 -10.46
CA CYS B 114 5.39 35.85 -9.66
C CYS B 114 6.58 35.57 -8.76
N TRP B 115 6.31 35.17 -7.52
CA TRP B 115 7.35 35.16 -6.45
C TRP B 115 7.66 33.80 -5.82
N LEU B 116 6.67 32.89 -5.79
CA LEU B 116 6.77 31.59 -5.11
C LEU B 116 7.36 30.49 -5.98
N TRP B 117 8.68 30.43 -6.00
CA TRP B 117 9.43 29.45 -6.82
C TRP B 117 10.09 28.35 -6.00
N THR B 118 10.18 27.17 -6.59
CA THR B 118 10.91 26.04 -6.03
C THR B 118 11.88 25.51 -7.11
N PRO B 119 12.94 24.79 -6.71
CA PRO B 119 13.87 24.16 -7.66
C PRO B 119 13.20 23.40 -8.79
N GLY B 120 13.77 23.51 -9.99
CA GLY B 120 13.24 22.86 -11.17
C GLY B 120 12.00 23.51 -11.72
N GLY B 121 11.58 24.64 -11.17
CA GLY B 121 10.35 25.29 -11.65
C GLY B 121 10.50 25.80 -13.08
N PRO B 122 9.39 26.16 -13.75
CA PRO B 122 9.44 26.56 -15.16
C PRO B 122 10.03 27.97 -15.39
N TRP B 123 11.30 28.14 -15.04
CA TRP B 123 11.98 29.44 -15.17
C TRP B 123 12.12 29.86 -16.64
N ARG B 124 12.43 28.91 -17.52
CA ARG B 124 12.52 29.20 -18.95
C ARG B 124 11.20 29.75 -19.51
N GLU B 125 10.10 29.05 -19.26
CA GLU B 125 8.76 29.45 -19.75
C GLU B 125 8.39 30.85 -19.24
N ALA B 126 8.83 31.16 -18.02
CA ALA B 126 8.62 32.47 -17.40
C ALA B 126 9.42 33.56 -18.09
N VAL B 127 10.70 33.33 -18.33
CA VAL B 127 11.56 34.31 -19.04
C VAL B 127 11.04 34.53 -20.48
N GLU B 128 10.65 33.44 -21.17
CA GLU B 128 10.03 33.54 -22.51
C GLU B 128 8.71 34.31 -22.52
N ALA B 129 7.85 34.04 -21.54
CA ALA B 129 6.57 34.76 -21.37
C ALA B 129 6.71 36.18 -20.75
N ARG B 130 7.94 36.62 -20.50
CA ARG B 130 8.24 38.01 -20.10
C ARG B 130 7.73 38.40 -18.72
N LEU B 131 7.79 37.44 -17.82
CA LEU B 131 7.34 37.61 -16.46
C LEU B 131 8.42 38.28 -15.66
N ASP B 132 8.04 39.08 -14.69
CA ASP B 132 8.95 39.49 -13.62
C ASP B 132 8.98 38.38 -12.59
N VAL B 133 10.19 37.90 -12.25
CA VAL B 133 10.33 36.80 -11.28
C VAL B 133 11.08 37.27 -10.04
N SER B 134 10.55 36.97 -8.87
CA SER B 134 11.29 37.23 -7.63
C SER B 134 12.37 36.17 -7.46
N VAL B 135 13.49 36.64 -6.91
CA VAL B 135 14.63 35.82 -6.56
C VAL B 135 15.04 36.31 -5.20
N SER B 136 15.14 35.42 -4.23
CA SER B 136 15.58 35.83 -2.89
C SER B 136 16.73 34.99 -2.37
N ALA B 137 17.30 34.15 -3.23
CA ALA B 137 18.26 33.16 -2.80
C ALA B 137 19.10 32.71 -3.98
N MET B 138 20.31 32.28 -3.67
CA MET B 138 21.33 32.04 -4.67
C MET B 138 21.00 30.91 -5.66
N TRP B 139 20.41 29.81 -5.16
CA TRP B 139 19.95 28.71 -6.05
C TRP B 139 19.03 29.21 -7.18
N ALA B 140 18.14 30.15 -6.85
CA ALA B 140 17.20 30.74 -7.82
C ALA B 140 17.89 31.62 -8.84
N MET B 141 18.83 32.44 -8.37
CA MET B 141 19.66 33.24 -9.24
C MET B 141 20.36 32.36 -10.29
N GLU B 142 20.94 31.25 -9.85
CA GLU B 142 21.62 30.33 -10.77
C GLU B 142 20.67 29.67 -11.75
N GLU B 143 19.51 29.24 -11.26
CA GLU B 143 18.49 28.64 -12.10
C GLU B 143 17.87 29.58 -13.14
N VAL B 144 17.59 30.82 -12.74
CA VAL B 144 16.99 31.81 -13.65
C VAL B 144 17.98 32.26 -14.73
N THR B 145 19.21 32.52 -14.32
CA THR B 145 20.31 32.86 -15.21
C THR B 145 20.56 31.74 -16.23
N GLY B 146 20.62 30.51 -15.75
CA GLY B 146 20.73 29.34 -16.60
C GLY B 146 19.64 29.28 -17.66
N ALA B 147 18.41 29.60 -17.25
CA ALA B 147 17.25 29.58 -18.13
C ALA B 147 17.27 30.69 -19.17
N ALA B 148 17.74 31.87 -18.78
CA ALA B 148 17.91 32.99 -19.73
C ALA B 148 18.90 32.65 -20.87
N ARG B 149 20.01 31.98 -20.53
CA ARG B 149 20.95 31.43 -21.53
C ARG B 149 20.22 30.52 -22.50
N ALA B 150 19.59 29.48 -21.97
CA ALA B 150 18.91 28.52 -22.82
C ALA B 150 17.90 29.20 -23.72
N ALA B 151 17.18 30.19 -23.19
CA ALA B 151 16.12 30.85 -23.94
C ALA B 151 16.66 31.86 -24.93
N GLY B 152 17.81 32.45 -24.62
CA GLY B 152 18.41 33.47 -25.49
C GLY B 152 18.00 34.91 -25.19
N VAL B 153 16.79 35.10 -24.64
CA VAL B 153 16.27 36.42 -24.21
C VAL B 153 16.49 36.69 -22.71
N PRO B 154 16.75 37.95 -22.34
CA PRO B 154 17.04 38.23 -20.93
C PRO B 154 15.85 38.11 -19.95
N ALA B 155 16.17 37.97 -18.66
CA ALA B 155 15.19 37.82 -17.58
C ALA B 155 14.92 39.13 -16.87
N ARG B 156 13.68 39.35 -16.46
CA ARG B 156 13.34 40.46 -15.59
C ARG B 156 13.26 39.94 -14.16
N VAL B 157 14.19 40.35 -13.29
CA VAL B 157 14.25 39.74 -11.94
C VAL B 157 14.07 40.76 -10.84
N GLN B 158 13.43 40.35 -9.76
CA GLN B 158 13.18 41.26 -8.65
C GLN B 158 13.76 40.63 -7.40
N LEU B 159 14.69 41.32 -6.75
CA LEU B 159 15.32 40.74 -5.58
C LEU B 159 14.43 40.98 -4.39
N ALA B 161 14.00 41.30 -0.49
CA ALA B 161 14.80 41.59 0.68
C ALA B 161 14.01 41.23 1.92
N ASP B 162 14.67 40.52 2.86
CA ASP B 162 14.05 40.18 4.16
C ASP B 162 14.31 41.31 5.16
N THR B 163 13.30 42.15 5.33
CA THR B 163 13.41 43.33 6.16
C THR B 163 13.12 43.08 7.65
N GLY B 164 12.74 41.86 8.02
CA GLY B 164 12.21 41.57 9.36
C GLY B 164 11.12 40.52 9.41
N LEU B 165 10.44 40.30 8.29
CA LEU B 165 9.30 39.38 8.22
C LEU B 165 9.76 37.99 8.57
N GLY B 166 10.89 37.60 8.00
CA GLY B 166 11.51 36.32 8.31
C GLY B 166 10.85 35.14 7.63
N ARG B 167 10.10 35.40 6.56
CA ARG B 167 9.50 34.33 5.77
C ARG B 167 10.43 34.08 4.59
N GLY B 168 9.97 34.33 3.37
CA GLY B 168 10.85 34.30 2.22
C GLY B 168 11.63 35.59 2.31
N GLY B 169 12.49 35.86 1.36
CA GLY B 169 13.32 37.06 1.42
C GLY B 169 14.75 36.72 1.74
N CYS B 170 15.64 37.59 1.28
CA CYS B 170 17.07 37.46 1.51
C CYS B 170 17.49 38.22 2.76
N GLN B 171 18.21 37.56 3.68
CA GLN B 171 18.69 38.21 4.91
C GLN B 171 19.73 39.30 4.60
N PRO B 172 19.80 40.37 5.43
CA PRO B 172 20.83 41.40 5.17
C PRO B 172 22.31 40.93 5.43
N GLY B 173 23.28 41.78 5.09
CA GLY B 173 24.69 41.46 5.25
C GLY B 173 25.19 40.51 4.19
N ALA B 174 25.79 39.41 4.62
CA ALA B 174 26.54 38.47 3.74
C ALA B 174 25.74 37.86 2.56
N ASP B 175 24.47 37.51 2.82
CA ASP B 175 23.57 36.95 1.78
C ASP B 175 23.12 37.98 0.75
N TRP B 176 22.77 39.19 1.24
CA TRP B 176 22.39 40.31 0.35
C TRP B 176 23.56 40.76 -0.53
N GLU B 177 24.71 41.00 0.10
CA GLU B 177 25.99 41.29 -0.60
C GLU B 177 26.14 40.38 -1.81
N ARG B 178 26.08 39.09 -1.51
CA ARG B 178 26.38 38.09 -2.51
C ARG B 178 25.37 38.11 -3.67
N LEU B 179 24.08 38.19 -3.32
CA LEU B 179 22.97 38.17 -4.27
C LEU B 179 22.95 39.42 -5.15
N VAL B 180 23.15 40.56 -4.52
CA VAL B 180 23.31 41.81 -5.27
C VAL B 180 24.46 41.65 -6.28
N GLY B 181 25.57 41.07 -5.83
CA GLY B 181 26.74 40.89 -6.67
C GLY B 181 26.50 39.95 -7.83
N ALA B 182 25.87 38.83 -7.52
CA ALA B 182 25.57 37.81 -8.54
C ALA B 182 24.61 38.35 -9.59
N ALA B 183 23.70 39.22 -9.12
CA ALA B 183 22.78 39.94 -10.00
C ALA B 183 23.52 40.92 -10.90
N LEU B 184 24.43 41.70 -10.32
CA LEU B 184 25.31 42.61 -11.08
C LEU B 184 26.10 41.94 -12.21
N ARG B 185 26.69 40.78 -11.91
CA ARG B 185 27.40 39.99 -12.93
C ARG B 185 26.49 39.46 -14.03
N ALA B 186 25.31 39.02 -13.66
CA ALA B 186 24.32 38.56 -14.61
C ALA B 186 23.88 39.69 -15.54
N GLU B 187 23.80 40.91 -14.99
CA GLU B 187 23.52 42.12 -15.81
C GLU B 187 24.67 42.41 -16.79
N GLU B 188 25.92 42.41 -16.30
CA GLU B 188 27.12 42.49 -17.15
C GLU B 188 27.05 41.53 -18.33
N GLU B 189 26.77 40.27 -18.03
CA GLU B 189 26.74 39.19 -19.04
C GLU B 189 25.50 39.26 -19.92
N GLY B 190 24.56 40.15 -19.56
CA GLY B 190 23.40 40.48 -20.39
C GLY B 190 22.28 39.47 -20.31
N LEU B 191 22.24 38.69 -19.23
CA LEU B 191 21.28 37.59 -19.05
C LEU B 191 19.99 38.00 -18.31
N LEU B 192 20.05 39.08 -17.55
CA LEU B 192 18.93 39.58 -16.81
C LEU B 192 19.09 41.04 -16.50
N ARG B 193 17.98 41.73 -16.28
CA ARG B 193 18.02 43.06 -15.69
C ARG B 193 17.18 43.05 -14.43
N VAL B 194 17.77 43.48 -13.31
CA VAL B 194 17.04 43.58 -12.06
C VAL B 194 16.07 44.74 -12.19
N THR B 195 14.79 44.40 -12.39
CA THR B 195 13.73 45.37 -12.58
C THR B 195 13.08 45.85 -11.27
N GLY B 196 13.30 45.16 -10.15
CA GLY B 196 12.80 45.65 -8.87
C GLY B 196 13.53 45.19 -7.65
N LEU B 197 13.35 45.92 -6.55
CA LEU B 197 13.84 45.49 -5.22
C LEU B 197 12.65 45.62 -4.32
N TRP B 198 12.36 44.58 -3.55
CA TRP B 198 11.10 44.55 -2.84
C TRP B 198 11.06 43.75 -1.56
N SER B 199 10.08 44.06 -0.73
CA SER B 199 9.89 43.39 0.55
C SER B 199 8.41 43.37 0.97
N HIS B 200 8.15 42.92 2.18
CA HIS B 200 6.80 42.70 2.64
C HIS B 200 6.80 42.95 4.15
N PHE B 201 5.74 43.61 4.62
CA PHE B 201 5.60 43.98 6.01
C PHE B 201 5.01 42.80 6.82
N ALA B 202 5.46 42.70 8.07
CA ALA B 202 4.95 41.70 9.03
C ALA B 202 3.79 42.19 9.88
N CYS B 203 3.79 43.47 10.25
CA CYS B 203 2.81 43.99 11.22
C CYS B 203 2.13 45.32 10.80
N ALA B 204 2.07 45.60 9.49
CA ALA B 204 1.45 46.84 9.01
C ALA B 204 -0.04 46.94 9.39
N ASP B 205 -0.73 45.82 9.55
CA ASP B 205 -2.15 45.81 9.97
C ASP B 205 -2.43 46.28 11.42
N GLU B 206 -1.38 46.36 12.25
CA GLU B 206 -1.41 46.95 13.62
C GLU B 206 -0.73 48.32 13.51
N PRO B 207 -1.52 49.42 13.40
CA PRO B 207 -0.90 50.70 13.00
C PRO B 207 0.07 51.23 14.06
N GLY B 208 1.22 51.74 13.60
CA GLY B 208 2.27 52.25 14.48
C GLY B 208 3.00 51.24 15.36
N HIS B 209 2.82 49.93 15.14
CA HIS B 209 3.65 48.88 15.77
C HIS B 209 5.15 49.17 15.46
N PRO B 210 6.05 48.94 16.43
CA PRO B 210 7.45 49.33 16.21
C PRO B 210 8.10 48.75 14.93
N SER B 211 8.01 47.43 14.75
CA SER B 211 8.51 46.71 13.54
C SER B 211 8.26 47.38 12.17
N ILE B 212 7.14 48.11 12.01
CA ILE B 212 6.81 48.77 10.75
C ILE B 212 7.93 49.73 10.40
N ALA B 213 8.21 50.67 11.32
CA ALA B 213 9.31 51.64 11.13
C ALA B 213 10.70 51.00 10.95
N ALA B 214 10.94 49.92 11.71
CA ALA B 214 12.18 49.12 11.64
C ALA B 214 12.41 48.50 10.29
N GLN B 215 11.43 47.70 9.83
CA GLN B 215 11.44 47.11 8.49
C GLN B 215 11.63 48.15 7.38
N LEU B 216 10.97 49.29 7.57
CA LEU B 216 10.97 50.35 6.59
C LEU B 216 12.36 51.01 6.40
N THR B 217 13.05 51.29 7.52
CA THR B 217 14.41 51.86 7.45
C THR B 217 15.42 50.83 7.01
N ARG B 218 15.20 49.56 7.36
CA ARG B 218 16.04 48.47 6.83
C ARG B 218 15.80 48.23 5.32
N PHE B 219 14.57 48.46 4.84
CA PHE B 219 14.29 48.45 3.41
C PHE B 219 15.07 49.55 2.69
N ARG B 220 15.17 50.73 3.32
CA ARG B 220 15.92 51.87 2.76
C ARG B 220 17.42 51.61 2.71
N GLU B 221 17.97 51.05 3.79
CA GLU B 221 19.39 50.60 3.86
C GLU B 221 19.73 49.60 2.76
N MET B 222 18.97 48.51 2.70
CA MET B 222 19.22 47.42 1.75
C MET B 222 19.05 47.86 0.29
N THR B 223 18.02 48.67 0.01
CA THR B 223 17.83 49.22 -1.34
C THR B 223 18.96 50.17 -1.72
N ALA B 224 19.34 51.03 -0.77
CA ALA B 224 20.44 52.03 -0.97
C ALA B 224 21.75 51.32 -1.33
N TYR B 225 22.09 50.30 -0.54
CA TYR B 225 23.21 49.41 -0.81
C TYR B 225 23.23 48.86 -2.24
N ALA B 226 22.11 48.39 -2.74
CA ALA B 226 22.08 47.72 -4.04
C ALA B 226 22.20 48.69 -5.21
N GLU B 227 21.60 49.87 -5.03
CA GLU B 227 21.70 50.95 -6.02
C GLU B 227 23.10 51.56 -6.04
N GLN B 228 23.65 51.72 -4.86
CA GLN B 228 25.03 52.17 -4.65
C GLN B 228 26.09 51.26 -5.29
N ARG B 229 25.79 49.97 -5.42
CA ARG B 229 26.65 49.01 -6.13
C ARG B 229 26.33 48.80 -7.61
N GLY B 230 25.44 49.61 -8.17
CA GLY B 230 25.23 49.65 -9.63
C GLY B 230 23.92 49.10 -10.16
N LEU B 231 23.05 48.56 -9.29
CA LEU B 231 21.75 48.10 -9.74
C LEU B 231 20.80 49.28 -9.93
N ARG B 232 20.01 49.23 -11.01
CA ARG B 232 19.12 50.32 -11.47
C ARG B 232 17.73 49.73 -11.72
N PRO B 233 16.91 49.63 -10.65
CA PRO B 233 15.58 49.06 -10.80
C PRO B 233 14.53 50.05 -11.32
N GLU B 234 13.51 49.52 -11.98
CA GLU B 234 12.34 50.28 -12.36
C GLU B 234 11.50 50.59 -11.14
N VAL B 235 11.42 49.67 -10.17
CA VAL B 235 10.51 49.85 -9.05
C VAL B 235 11.04 49.30 -7.74
N ARG B 236 10.94 50.11 -6.68
CA ARG B 236 11.00 49.65 -5.29
C ARG B 236 9.60 49.53 -4.73
N HIS B 237 9.34 48.47 -3.95
CA HIS B 237 8.02 48.28 -3.32
C HIS B 237 7.98 47.42 -2.07
N ILE B 238 7.23 47.89 -1.08
CA ILE B 238 7.03 47.13 0.14
C ILE B 238 5.54 47.04 0.58
N ALA B 239 4.74 47.92 0.05
CA ALA B 239 3.41 48.02 0.51
C ALA B 239 2.31 47.08 0.15
N ASN B 240 1.80 46.40 1.16
CA ASN B 240 0.59 45.60 1.05
C ASN B 240 -0.64 46.52 1.26
N SER B 241 -1.83 45.97 1.44
CA SER B 241 -3.04 46.77 1.65
C SER B 241 -2.94 47.75 2.82
N PRO B 242 -2.78 47.26 4.08
CA PRO B 242 -2.73 48.17 5.23
C PRO B 242 -1.65 49.26 5.13
N ALA B 243 -0.48 48.91 4.62
CA ALA B 243 0.54 49.90 4.34
C ALA B 243 -0.04 50.96 3.40
N THR B 244 -0.47 50.56 2.21
CA THR B 244 -1.02 51.48 1.19
C THR B 244 -2.04 52.48 1.81
N LEU B 245 -2.91 51.98 2.64
CA LEU B 245 -3.96 52.79 3.23
C LEU B 245 -3.48 53.77 4.30
N THR B 246 -2.42 53.40 5.04
CA THR B 246 -2.00 54.15 6.25
C THR B 246 -0.57 54.71 6.26
N LEU B 247 0.26 54.39 5.25
CA LEU B 247 1.68 54.79 5.27
C LEU B 247 2.15 55.32 3.93
N PRO B 248 1.93 56.61 3.68
CA PRO B 248 2.44 57.20 2.43
C PRO B 248 3.96 57.16 2.24
N ASP B 249 4.73 57.16 3.34
CA ASP B 249 6.19 56.86 3.30
C ASP B 249 6.54 55.54 2.62
N ALA B 250 5.67 54.54 2.82
CA ALA B 250 5.87 53.18 2.29
C ALA B 250 5.57 52.94 0.81
N HIS B 251 5.00 53.92 0.11
CA HIS B 251 4.46 53.67 -1.24
C HIS B 251 5.54 53.40 -2.27
N PHE B 252 6.60 54.22 -2.25
CA PHE B 252 7.71 54.11 -3.19
C PHE B 252 7.14 54.03 -4.62
N ASP B 253 7.75 53.28 -5.55
CA ASP B 253 7.32 53.33 -6.96
C ASP B 253 6.06 52.51 -7.25
N LEU B 254 5.66 51.66 -6.32
CA LEU B 254 4.63 50.64 -6.57
C LEU B 254 3.99 50.09 -5.28
N VAL B 255 2.67 49.87 -5.36
CA VAL B 255 1.87 49.33 -4.24
C VAL B 255 1.19 48.03 -4.66
N ARG B 256 1.00 47.14 -3.68
CA ARG B 256 0.41 45.82 -3.90
C ARG B 256 -0.79 45.60 -2.96
N PRO B 257 -1.86 46.39 -3.13
CA PRO B 257 -2.97 46.23 -2.22
C PRO B 257 -3.87 45.11 -2.73
N GLY B 258 -3.81 43.99 -2.03
CA GLY B 258 -4.56 42.81 -2.44
C GLY B 258 -5.98 42.88 -1.92
N ILE B 259 -6.12 42.60 -0.63
CA ILE B 259 -7.40 42.46 0.00
C ILE B 259 -8.26 43.73 -0.20
N ALA B 260 -7.63 44.89 -0.13
CA ALA B 260 -8.33 46.14 -0.28
C ALA B 260 -8.98 46.29 -1.65
N MET B 261 -8.30 45.76 -2.68
CA MET B 261 -8.88 45.69 -4.04
C MET B 261 -10.17 44.87 -4.09
N TYR B 262 -10.30 43.85 -3.24
CA TYR B 262 -11.55 43.07 -3.16
C TYR B 262 -12.53 43.68 -2.21
N GLY B 263 -12.27 44.92 -1.84
CA GLY B 263 -13.13 45.72 -1.00
C GLY B 263 -13.21 45.33 0.46
N VAL B 264 -12.28 44.51 0.96
CA VAL B 264 -12.27 44.09 2.37
C VAL B 264 -11.11 44.73 3.12
N SER B 265 -11.39 45.17 4.35
CA SER B 265 -10.37 45.83 5.18
C SER B 265 -9.35 44.82 5.71
N PRO B 266 -8.05 45.14 5.61
CA PRO B 266 -7.06 44.24 6.17
C PRO B 266 -7.21 43.96 7.68
N SER B 267 -7.89 44.87 8.41
CA SER B 267 -8.03 44.78 9.86
C SER B 267 -9.09 45.76 10.32
N PRO B 268 -9.94 45.39 11.28
CA PRO B 268 -10.85 46.42 11.87
C PRO B 268 -10.12 47.59 12.60
N GLU B 269 -8.90 47.35 13.09
CA GLU B 269 -8.03 48.39 13.64
C GLU B 269 -7.63 49.45 12.56
N ILE B 270 -7.40 49.01 11.31
CA ILE B 270 -7.16 49.95 10.18
C ILE B 270 -8.44 50.74 9.89
N GLY B 271 -9.57 50.02 9.78
CA GLY B 271 -10.87 50.64 9.56
C GLY B 271 -11.87 49.75 8.83
N THR B 272 -13.06 50.29 8.56
CA THR B 272 -14.00 49.63 7.67
C THR B 272 -13.59 49.88 6.21
N PRO B 273 -14.16 49.12 5.26
CA PRO B 273 -13.99 49.48 3.87
C PRO B 273 -14.53 50.86 3.54
N ALA B 274 -15.71 51.20 4.04
CA ALA B 274 -16.31 52.54 3.90
C ALA B 274 -15.36 53.71 4.29
N ASP B 275 -14.53 53.52 5.33
CA ASP B 275 -13.51 54.52 5.71
C ASP B 275 -12.49 54.82 4.62
N PHE B 276 -12.25 53.89 3.70
CA PHE B 276 -11.28 54.14 2.62
C PHE B 276 -11.91 54.14 1.21
N GLY B 277 -13.23 54.32 1.15
CA GLY B 277 -13.93 54.42 -0.13
C GLY B 277 -13.98 53.13 -0.90
N LEU B 278 -14.08 52.02 -0.16
CA LEU B 278 -13.99 50.66 -0.69
C LEU B 278 -15.26 49.87 -0.44
N ARG B 279 -15.59 48.98 -1.40
CA ARG B 279 -16.83 48.23 -1.41
C ARG B 279 -16.55 46.75 -1.63
N PRO B 280 -17.02 45.87 -0.75
CA PRO B 280 -16.70 44.45 -0.94
C PRO B 280 -17.21 43.90 -2.26
N VAL B 281 -16.36 43.13 -2.93
CA VAL B 281 -16.64 42.61 -4.27
C VAL B 281 -17.49 41.32 -4.25
N MET B 282 -17.31 40.47 -3.25
CA MET B 282 -17.99 39.17 -3.22
C MET B 282 -19.22 39.19 -2.35
N THR B 283 -20.33 38.72 -2.91
CA THR B 283 -21.55 38.44 -2.13
C THR B 283 -21.76 36.93 -2.20
N LEU B 284 -21.88 36.26 -1.05
CA LEU B 284 -22.06 34.79 -0.98
C LEU B 284 -23.46 34.49 -0.53
N ALA B 285 -24.26 33.89 -1.41
CA ALA B 285 -25.66 33.67 -1.11
C ALA B 285 -26.12 32.27 -1.53
N ALA B 286 -27.25 31.85 -0.96
CA ALA B 286 -27.75 30.51 -1.20
C ALA B 286 -29.22 30.52 -1.05
N SER B 287 -29.86 29.46 -1.53
CA SER B 287 -31.31 29.30 -1.45
C SER B 287 -31.64 28.27 -0.42
N LEU B 288 -32.61 28.57 0.44
CA LEU B 288 -33.06 27.60 1.44
C LEU B 288 -33.58 26.31 0.84
N ALA B 289 -32.92 25.20 1.17
CA ALA B 289 -33.37 23.87 0.72
C ALA B 289 -34.61 23.40 1.48
N LEU B 290 -34.73 23.82 2.74
CA LEU B 290 -35.75 23.26 3.63
C LEU B 290 -36.13 24.22 4.74
N VAL B 291 -37.44 24.33 4.95
CA VAL B 291 -38.00 25.09 6.04
C VAL B 291 -38.93 24.12 6.70
N LYS B 292 -38.78 23.97 8.01
CA LYS B 292 -39.60 23.00 8.72
C LYS B 292 -39.71 23.33 10.17
N GLN B 293 -40.84 22.90 10.74
CA GLN B 293 -41.18 23.14 12.13
C GLN B 293 -40.71 21.96 12.93
N VAL B 294 -40.07 22.24 14.06
CA VAL B 294 -39.62 21.18 14.97
C VAL B 294 -40.08 21.53 16.38
N PRO B 295 -40.41 20.50 17.21
CA PRO B 295 -40.74 20.80 18.60
C PRO B 295 -39.53 21.29 19.41
N GLY B 296 -39.77 21.62 20.68
CA GLY B 296 -38.71 21.97 21.61
C GLY B 296 -37.93 20.72 22.01
N GLY B 297 -36.75 20.94 22.58
CA GLY B 297 -35.86 19.84 23.00
C GLY B 297 -35.46 18.89 21.88
N HIS B 298 -35.41 19.40 20.65
CA HIS B 298 -35.02 18.62 19.48
C HIS B 298 -33.65 19.15 19.05
N GLY B 299 -32.69 18.24 18.97
CA GLY B 299 -31.31 18.61 18.64
C GLY B 299 -31.14 19.01 17.19
N VAL B 300 -30.05 19.75 16.94
CA VAL B 300 -29.72 20.25 15.59
C VAL B 300 -28.23 19.97 15.28
N SER B 301 -28.04 19.24 14.18
CA SER B 301 -26.73 18.98 13.58
C SER B 301 -25.83 18.07 14.46
N TYR B 302 -24.62 17.79 13.97
CA TYR B 302 -23.68 16.83 14.60
C TYR B 302 -23.36 17.17 16.06
N GLY B 303 -23.33 16.14 16.91
CA GLY B 303 -23.07 16.27 18.35
C GLY B 303 -24.17 16.90 19.18
N HIS B 304 -25.36 17.14 18.58
CA HIS B 304 -26.45 17.95 19.16
C HIS B 304 -25.97 19.17 20.00
N HIS B 305 -25.16 20.05 19.39
CA HIS B 305 -24.66 21.27 20.07
C HIS B 305 -25.61 22.48 20.03
N TYR B 306 -26.78 22.29 19.42
CA TYR B 306 -27.91 23.18 19.62
C TYR B 306 -29.16 22.31 19.71
N THR B 307 -29.96 22.54 20.76
CA THR B 307 -31.29 21.95 20.90
C THR B 307 -32.29 23.12 20.96
N THR B 308 -33.44 22.94 20.34
CA THR B 308 -34.41 24.03 20.19
C THR B 308 -35.02 24.44 21.55
N PRO B 309 -35.12 25.75 21.85
CA PRO B 309 -35.59 26.16 23.18
C PRO B 309 -37.08 25.86 23.44
N GLY B 310 -37.94 26.22 22.49
CA GLY B 310 -39.33 25.79 22.48
C GLY B 310 -39.63 25.31 21.08
N GLU B 311 -40.89 25.34 20.69
CA GLU B 311 -41.28 25.03 19.32
C GLU B 311 -40.83 26.18 18.41
N THR B 312 -40.35 25.82 17.22
CA THR B 312 -39.63 26.76 16.34
C THR B 312 -39.55 26.24 14.91
N THR B 313 -39.00 27.08 14.02
CA THR B 313 -38.74 26.72 12.63
C THR B 313 -37.22 26.68 12.35
N LEU B 314 -36.83 25.73 11.48
CA LEU B 314 -35.44 25.57 11.05
C LEU B 314 -35.31 25.74 9.54
N GLY B 315 -34.32 26.56 9.17
CA GLY B 315 -33.92 26.74 7.78
C GLY B 315 -32.63 26.00 7.41
N LEU B 316 -32.67 25.19 6.35
CA LEU B 316 -31.51 24.49 5.87
C LEU B 316 -30.86 25.33 4.79
N VAL B 317 -29.61 25.77 5.02
CA VAL B 317 -28.78 26.48 4.04
C VAL B 317 -27.85 25.45 3.45
N PRO B 318 -27.88 25.26 2.11
CA PRO B 318 -27.10 24.19 1.48
C PRO B 318 -25.69 24.63 1.10
N LEU B 319 -24.91 25.02 2.11
CA LEU B 319 -23.47 25.26 1.97
C LEU B 319 -22.84 24.73 3.24
N GLY B 320 -21.69 24.08 3.13
CA GLY B 320 -20.96 23.60 4.29
C GLY B 320 -19.47 23.82 4.16
N TYR B 321 -18.69 23.12 4.99
CA TYR B 321 -17.24 23.36 5.04
C TYR B 321 -16.54 22.94 3.75
N ALA B 322 -17.10 21.99 3.03
CA ALA B 322 -16.61 21.66 1.69
C ALA B 322 -16.73 22.84 0.74
N ASP B 323 -17.72 23.71 0.96
CA ASP B 323 -17.88 24.95 0.19
C ASP B 323 -17.09 26.15 0.73
N GLY B 324 -16.31 25.93 1.79
CA GLY B 324 -15.58 26.99 2.47
C GLY B 324 -16.34 27.78 3.54
N ILE B 325 -17.44 27.24 4.02
CA ILE B 325 -18.10 27.82 5.18
C ILE B 325 -17.32 27.26 6.37
N PRO B 326 -16.50 28.09 7.04
CA PRO B 326 -15.65 27.51 8.07
C PRO B 326 -16.41 26.81 9.22
N ARG B 327 -15.96 25.63 9.61
CA ARG B 327 -16.56 24.86 10.69
C ARG B 327 -16.34 25.53 12.05
N HIS B 328 -15.29 26.36 12.17
CA HIS B 328 -15.12 27.19 13.35
C HIS B 328 -16.23 28.18 13.60
N ALA B 329 -16.95 28.56 12.54
CA ALA B 329 -18.15 29.40 12.68
C ALA B 329 -19.39 28.57 12.99
N SER B 330 -19.22 27.35 13.51
CA SER B 330 -20.33 26.60 14.10
C SER B 330 -20.86 27.38 15.29
N SER B 331 -22.19 27.37 15.39
CA SER B 331 -22.96 28.11 16.40
C SER B 331 -22.88 29.66 16.39
N SER B 332 -22.06 30.27 15.52
CA SER B 332 -21.81 31.73 15.52
C SER B 332 -22.04 32.48 14.19
N GLY B 333 -21.83 31.81 13.06
CA GLY B 333 -21.90 32.42 11.72
C GLY B 333 -23.22 33.12 11.45
N PRO B 334 -23.19 34.39 11.00
CA PRO B 334 -24.40 35.12 10.67
C PRO B 334 -24.85 34.95 9.21
N VAL B 335 -26.18 34.88 9.01
CA VAL B 335 -26.82 34.78 7.72
C VAL B 335 -28.09 35.62 7.68
N LEU B 336 -28.21 36.51 6.71
CA LEU B 336 -29.46 37.25 6.50
C LEU B 336 -30.48 36.37 5.78
N VAL B 337 -31.57 36.06 6.47
CA VAL B 337 -32.66 35.28 5.89
C VAL B 337 -33.98 35.98 6.23
N ASP B 338 -34.82 36.19 5.21
CA ASP B 338 -36.21 36.63 5.42
C ASP B 338 -36.30 38.02 6.11
N GLY B 339 -35.30 38.88 5.91
CA GLY B 339 -35.24 40.20 6.56
C GLY B 339 -34.54 40.37 7.92
N LYS B 340 -34.20 39.27 8.60
CA LYS B 340 -33.47 39.34 9.89
C LYS B 340 -32.17 38.54 9.84
N TRP B 341 -31.14 39.00 10.52
CA TRP B 341 -29.95 38.16 10.79
C TRP B 341 -30.28 36.91 11.60
N ARG B 342 -29.99 35.76 11.03
CA ARG B 342 -30.05 34.47 11.75
C ARG B 342 -28.61 34.09 12.08
N THR B 343 -28.41 33.15 12.99
CA THR B 343 -27.08 32.63 13.22
C THR B 343 -27.09 31.11 13.17
N VAL B 344 -25.96 30.54 12.77
CA VAL B 344 -25.85 29.10 12.61
C VAL B 344 -26.24 28.43 13.92
N ALA B 345 -27.11 27.45 13.78
CA ALA B 345 -27.57 26.59 14.87
C ALA B 345 -26.69 25.35 14.92
N GLY B 346 -25.74 25.34 15.83
CA GLY B 346 -24.96 24.14 16.07
C GLY B 346 -23.89 23.97 15.04
N ARG B 347 -23.59 22.73 14.71
CA ARG B 347 -22.45 22.43 13.84
C ARG B 347 -22.78 22.61 12.36
N ILE B 348 -21.71 22.94 11.63
CA ILE B 348 -21.70 23.06 10.18
C ILE B 348 -21.27 21.73 9.62
N ALA B 349 -22.01 21.22 8.66
CA ALA B 349 -21.69 19.92 8.07
C ALA B 349 -20.90 20.14 6.80
N MET B 350 -20.53 19.05 6.14
CA MET B 350 -19.80 19.14 4.89
C MET B 350 -20.56 19.97 3.79
N ASP B 351 -21.88 19.84 3.71
CA ASP B 351 -22.65 20.47 2.63
C ASP B 351 -23.75 21.43 3.07
N GLN B 352 -23.99 21.53 4.36
CA GLN B 352 -25.16 22.24 4.86
C GLN B 352 -24.96 22.73 6.27
N PHE B 353 -25.75 23.75 6.64
CA PHE B 353 -25.97 24.10 8.04
C PHE B 353 -27.40 24.56 8.21
N VAL B 354 -27.77 24.65 9.48
CA VAL B 354 -29.11 25.06 9.88
C VAL B 354 -29.08 26.40 10.63
N VAL B 355 -30.15 27.17 10.47
CA VAL B 355 -30.40 28.37 11.28
C VAL B 355 -31.75 28.21 11.96
N ASP B 356 -31.86 28.72 13.19
CA ASP B 356 -33.15 28.87 13.89
C ASP B 356 -33.83 30.11 13.32
N LEU B 357 -35.06 29.95 12.82
CA LEU B 357 -35.80 31.03 12.17
C LEU B 357 -36.88 31.64 13.09
N GLY B 358 -36.64 31.64 14.42
CA GLY B 358 -37.68 32.00 15.40
C GLY B 358 -38.89 31.12 15.18
N GLY B 359 -39.97 31.70 14.66
CA GLY B 359 -41.07 30.94 14.08
C GLY B 359 -41.38 31.31 12.64
N ASP B 360 -40.53 32.13 12.02
CA ASP B 360 -40.82 32.65 10.66
C ASP B 360 -40.84 31.52 9.67
N ARG B 361 -41.60 31.69 8.60
CA ARG B 361 -41.87 30.63 7.64
C ARG B 361 -41.67 31.09 6.22
N PRO B 362 -40.43 31.42 5.84
CA PRO B 362 -40.20 31.78 4.44
C PRO B 362 -40.35 30.57 3.52
N GLU B 363 -40.61 30.81 2.24
CA GLU B 363 -40.76 29.71 1.26
C GLU B 363 -39.38 29.07 1.03
N PRO B 364 -39.35 27.74 0.86
CA PRO B 364 -38.09 27.17 0.41
C PRO B 364 -37.76 27.72 -0.98
N GLY B 365 -36.48 27.97 -1.22
CA GLY B 365 -36.00 28.72 -2.39
C GLY B 365 -35.63 30.16 -2.05
N ALA B 366 -36.03 30.62 -0.86
CA ALA B 366 -35.71 31.95 -0.38
C ALA B 366 -34.21 32.20 -0.26
N GLU B 367 -33.83 33.46 -0.46
CA GLU B 367 -32.44 33.85 -0.44
C GLU B 367 -31.88 33.91 0.99
N ALA B 368 -30.74 33.28 1.19
CA ALA B 368 -29.97 33.31 2.44
C ALA B 368 -28.62 33.93 2.09
N VAL B 369 -28.42 35.18 2.46
CA VAL B 369 -27.18 35.90 2.12
C VAL B 369 -26.20 35.79 3.29
N LEU B 370 -25.07 35.13 3.04
CA LEU B 370 -24.10 34.83 4.11
C LEU B 370 -23.26 36.08 4.35
N PHE B 371 -22.75 36.66 3.28
CA PHE B 371 -22.09 37.93 3.39
C PHE B 371 -22.06 38.68 2.07
N GLY B 372 -21.80 39.97 2.19
CA GLY B 372 -21.76 40.87 1.05
C GLY B 372 -21.16 42.21 1.44
N PRO B 373 -21.50 43.27 0.68
CA PRO B 373 -21.05 44.64 0.91
C PRO B 373 -21.54 45.27 2.21
N GLY B 374 -22.78 45.01 2.59
CA GLY B 374 -23.33 45.49 3.87
C GLY B 374 -24.61 46.29 3.68
N ASP B 375 -24.81 46.84 2.49
CA ASP B 375 -25.85 47.86 2.26
C ASP B 375 -27.29 47.32 2.12
N ARG B 376 -27.48 46.01 2.04
CA ARG B 376 -28.83 45.44 2.06
C ARG B 376 -29.14 44.76 3.40
N GLY B 377 -28.37 45.11 4.43
CA GLY B 377 -28.52 44.50 5.76
C GLY B 377 -27.77 43.19 5.96
N GLU B 378 -26.89 42.81 5.01
CA GLU B 378 -26.23 41.51 5.04
C GLU B 378 -25.09 41.64 6.01
N PRO B 379 -24.57 40.51 6.53
CA PRO B 379 -23.27 40.53 7.21
C PRO B 379 -22.17 40.78 6.20
N THR B 380 -20.96 41.01 6.67
CA THR B 380 -19.83 41.11 5.80
C THR B 380 -18.88 39.95 6.01
N ALA B 381 -17.92 39.81 5.09
CA ALA B 381 -16.82 38.84 5.23
C ALA B 381 -16.13 38.92 6.59
N GLU B 382 -15.86 40.14 7.08
CA GLU B 382 -15.31 40.35 8.44
C GLU B 382 -16.19 39.80 9.58
N ASP B 383 -17.49 39.90 9.43
CA ASP B 383 -18.40 39.30 10.42
C ASP B 383 -18.20 37.78 10.48
N TRP B 384 -17.98 37.12 9.32
CA TRP B 384 -17.69 35.69 9.31
C TRP B 384 -16.29 35.39 9.82
N ALA B 385 -15.34 36.24 9.50
CA ALA B 385 -13.99 36.11 10.06
C ALA B 385 -14.02 36.04 11.60
N GLN B 386 -14.86 36.87 12.22
CA GLN B 386 -14.98 36.91 13.67
C GLN B 386 -15.67 35.69 14.23
N ALA B 387 -16.81 35.34 13.64
CA ALA B 387 -17.50 34.11 14.00
C ALA B 387 -16.61 32.85 13.95
N ALA B 388 -15.66 32.80 13.03
CA ALA B 388 -14.79 31.67 12.84
C ALA B 388 -13.42 31.84 13.51
N GLY B 389 -13.14 32.98 14.13
CA GLY B 389 -11.87 33.19 14.83
C GLY B 389 -10.66 33.27 13.91
N THR B 390 -10.82 33.99 12.80
CA THR B 390 -9.78 34.09 11.78
C THR B 390 -9.88 35.46 11.10
N ILE B 391 -9.13 35.64 10.03
CA ILE B 391 -9.14 36.89 9.28
C ILE B 391 -10.02 36.81 8.01
N ALA B 392 -10.63 37.91 7.62
CA ALA B 392 -11.47 37.96 6.42
C ALA B 392 -10.77 37.46 5.14
N TYR B 393 -9.44 37.63 5.06
CA TYR B 393 -8.64 37.07 3.96
C TYR B 393 -8.99 35.61 3.72
N GLU B 394 -9.01 34.84 4.80
CA GLU B 394 -9.25 33.39 4.71
C GLU B 394 -10.70 33.11 4.30
N ILE B 395 -11.63 33.95 4.76
CA ILE B 395 -13.06 33.75 4.46
C ILE B 395 -13.36 33.72 2.94
N VAL B 396 -12.86 34.73 2.23
CA VAL B 396 -13.12 34.89 0.80
C VAL B 396 -12.27 33.96 -0.08
N THR B 397 -11.01 33.79 0.32
CA THR B 397 -10.04 33.01 -0.46
C THR B 397 -10.39 31.54 -0.55
N ARG B 398 -10.97 31.01 0.51
CA ARG B 398 -11.25 29.60 0.60
C ARG B 398 -12.69 29.20 0.28
N ILE B 399 -13.45 30.12 -0.31
CA ILE B 399 -14.78 29.77 -0.76
C ILE B 399 -14.56 28.72 -1.83
N GLY B 400 -15.22 27.59 -1.68
CA GLY B 400 -14.92 26.43 -2.51
C GLY B 400 -15.24 26.51 -3.99
N SER B 401 -14.56 25.69 -4.77
CA SER B 401 -14.72 25.66 -6.23
C SER B 401 -16.01 25.05 -6.68
N ARG B 402 -16.67 24.38 -5.76
CA ARG B 402 -18.02 23.89 -5.95
C ARG B 402 -19.13 24.98 -5.81
N VAL B 403 -18.74 26.20 -5.44
CA VAL B 403 -19.66 27.31 -5.39
C VAL B 403 -19.41 28.06 -6.68
N PRO B 404 -20.37 28.07 -7.60
CA PRO B 404 -20.09 28.75 -8.87
C PRO B 404 -20.02 30.29 -8.70
N ARG B 405 -19.07 30.93 -9.39
CA ARG B 405 -18.93 32.38 -9.39
C ARG B 405 -19.77 32.99 -10.51
N VAL B 406 -20.58 33.99 -10.19
CA VAL B 406 -21.33 34.76 -11.15
C VAL B 406 -20.77 36.17 -11.20
N TYR B 407 -20.36 36.62 -12.40
CA TYR B 407 -19.70 37.94 -12.59
C TYR B 407 -20.70 38.98 -13.07
N VAL B 408 -20.88 40.07 -12.32
CA VAL B 408 -21.81 41.13 -12.70
C VAL B 408 -20.99 42.41 -13.03
N ASN B 409 -21.59 43.28 -13.84
CA ASN B 409 -20.93 44.46 -14.40
C ASN B 409 -19.57 44.19 -15.04
N GLU B 410 -19.47 43.15 -15.89
CA GLU B 410 -18.22 42.87 -16.63
C GLU B 410 -17.79 44.04 -17.55
N ASP C 28 17.80 -8.26 13.07
CA ASP C 28 16.71 -9.23 13.42
C ASP C 28 15.51 -9.08 12.45
N ALA C 29 14.57 -8.17 12.76
CA ALA C 29 13.38 -7.93 11.92
C ALA C 29 13.64 -7.21 10.56
N ASP C 30 14.89 -6.87 10.26
CA ASP C 30 15.29 -6.22 8.97
C ASP C 30 15.70 -7.22 7.90
N ALA C 31 15.36 -8.49 8.13
CA ALA C 31 15.39 -9.52 7.10
C ALA C 31 14.36 -9.28 5.98
N VAL C 32 13.31 -8.49 6.28
CA VAL C 32 12.27 -8.06 5.28
C VAL C 32 12.82 -7.18 4.12
N LEU C 33 13.94 -6.50 4.37
CA LEU C 33 14.54 -5.63 3.37
C LEU C 33 15.01 -6.36 2.13
N ARG C 34 15.44 -7.62 2.26
CA ARG C 34 15.85 -8.39 1.10
C ARG C 34 14.59 -8.82 0.33
N ALA C 35 13.68 -9.48 1.07
CA ALA C 35 12.46 -10.05 0.51
C ALA C 35 11.46 -10.36 1.59
N ARG C 36 10.22 -10.61 1.18
CA ARG C 36 9.13 -10.94 2.11
C ARG C 36 7.94 -11.54 1.40
N ALA C 37 7.15 -12.28 2.16
CA ALA C 37 5.86 -12.75 1.71
C ALA C 37 4.82 -12.03 2.55
N GLU C 38 4.10 -11.06 1.96
CA GLU C 38 3.03 -10.35 2.67
C GLU C 38 1.79 -11.21 2.67
N ILE C 39 1.29 -11.53 3.85
CA ILE C 39 0.13 -12.40 4.03
C ILE C 39 -1.05 -11.53 4.46
N ASP C 40 -1.97 -11.27 3.53
CA ASP C 40 -3.10 -10.38 3.78
C ASP C 40 -4.27 -11.17 4.36
N LEU C 41 -4.33 -11.21 5.71
CA LEU C 41 -5.32 -12.00 6.41
C LEU C 41 -6.75 -11.51 6.19
N ALA C 42 -6.90 -10.25 5.81
CA ALA C 42 -8.22 -9.76 5.43
C ALA C 42 -8.70 -10.42 4.18
N ALA C 43 -7.80 -10.64 3.22
CA ALA C 43 -8.19 -11.29 1.96
C ALA C 43 -8.62 -12.72 2.25
N LEU C 44 -7.90 -13.35 3.17
CA LEU C 44 -8.19 -14.70 3.59
C LEU C 44 -9.59 -14.81 4.20
N ARG C 45 -9.95 -13.87 5.09
CA ARG C 45 -11.30 -13.80 5.67
C ARG C 45 -12.34 -13.48 4.60
N ALA C 46 -12.04 -12.58 3.68
CA ALA C 46 -12.90 -12.37 2.49
C ALA C 46 -13.14 -13.68 1.73
N ASN C 47 -12.09 -14.46 1.47
CA ASN C 47 -12.22 -15.73 0.74
C ASN C 47 -13.06 -16.78 1.49
N VAL C 48 -12.81 -16.95 2.78
CA VAL C 48 -13.60 -17.86 3.59
C VAL C 48 -15.09 -17.55 3.52
N ARG C 49 -15.44 -16.27 3.63
CA ARG C 49 -16.83 -15.82 3.49
C ARG C 49 -17.35 -16.10 2.08
N ALA C 50 -16.58 -15.77 1.06
CA ALA C 50 -16.99 -16.07 -0.32
C ALA C 50 -17.33 -17.56 -0.47
N LEU C 51 -16.53 -18.39 0.18
CA LEU C 51 -16.65 -19.84 0.09
C LEU C 51 -17.81 -20.39 0.88
N ARG C 52 -18.09 -19.82 2.04
CA ARG C 52 -19.27 -20.16 2.84
C ARG C 52 -20.57 -19.79 2.12
N GLU C 53 -20.50 -18.75 1.29
CA GLU C 53 -21.62 -18.36 0.43
C GLU C 53 -21.82 -19.40 -0.69
N ARG C 54 -20.75 -19.86 -1.35
CA ARG C 54 -20.87 -20.90 -2.42
C ARG C 54 -21.36 -22.25 -1.88
N ALA C 55 -21.09 -22.57 -0.61
CA ALA C 55 -21.52 -23.82 0.02
C ALA C 55 -22.38 -23.46 1.22
N PRO C 56 -23.59 -22.94 0.94
CA PRO C 56 -24.45 -22.41 2.00
C PRO C 56 -25.02 -23.48 2.93
N GLY C 57 -25.26 -24.69 2.42
CA GLY C 57 -25.76 -25.77 3.24
C GLY C 57 -24.69 -26.60 3.98
N ALA C 58 -23.47 -26.05 4.15
CA ALA C 58 -22.36 -26.84 4.68
C ALA C 58 -21.47 -26.03 5.63
N ALA C 59 -20.81 -26.74 6.56
CA ALA C 59 -19.72 -26.16 7.32
C ALA C 59 -18.50 -26.08 6.42
N LEU C 60 -17.57 -25.22 6.79
CA LEU C 60 -16.34 -25.06 6.07
C LEU C 60 -15.15 -25.40 6.95
N MET C 61 -14.27 -26.24 6.40
CA MET C 61 -12.99 -26.57 7.00
C MET C 61 -11.91 -25.70 6.36
N ALA C 62 -11.14 -25.04 7.20
CA ALA C 62 -9.99 -24.30 6.75
C ALA C 62 -8.84 -25.28 6.80
N VAL C 63 -8.37 -25.65 5.61
CA VAL C 63 -7.22 -26.52 5.48
C VAL C 63 -5.94 -25.69 5.66
N VAL C 64 -5.24 -25.95 6.75
CA VAL C 64 -4.02 -25.22 7.09
C VAL C 64 -2.79 -26.17 7.14
N LYS C 65 -2.82 -27.22 6.31
CA LYS C 65 -1.70 -28.17 6.22
C LYS C 65 -0.53 -27.47 5.53
N ALA C 66 0.66 -28.06 5.62
CA ALA C 66 1.85 -27.54 4.96
C ALA C 66 2.08 -26.06 5.26
N ASP C 67 2.02 -25.73 6.54
CA ASP C 67 2.15 -24.37 7.03
C ASP C 67 1.17 -23.45 6.30
N ALA C 68 -0.10 -23.85 6.32
CA ALA C 68 -1.16 -23.12 5.61
C ALA C 68 -0.77 -22.82 4.16
N TYR C 69 -0.28 -23.83 3.47
CA TYR C 69 0.16 -23.68 2.08
C TYR C 69 1.27 -22.60 1.92
N GLY C 70 2.19 -22.54 2.88
CA GLY C 70 3.23 -21.51 2.87
C GLY C 70 2.86 -20.14 3.41
N HIS C 71 1.60 -19.95 3.81
CA HIS C 71 1.11 -18.67 4.34
C HIS C 71 1.18 -18.51 5.87
N GLY C 72 1.51 -19.58 6.63
CA GLY C 72 1.56 -19.52 8.12
C GLY C 72 0.34 -20.12 8.81
N ALA C 73 0.50 -21.34 9.34
CA ALA C 73 -0.63 -22.14 9.86
C ALA C 73 -1.53 -21.47 10.89
N ILE C 74 -0.94 -21.01 12.00
CA ILE C 74 -1.71 -20.47 13.13
C ILE C 74 -2.42 -19.17 12.73
N PRO C 75 -1.67 -18.16 12.24
CA PRO C 75 -2.31 -16.91 11.85
C PRO C 75 -3.49 -17.11 10.92
N CYS C 76 -3.29 -17.92 9.89
CA CYS C 76 -4.36 -18.20 8.91
C CYS C 76 -5.54 -18.95 9.55
N ALA C 77 -5.23 -19.91 10.43
CA ALA C 77 -6.26 -20.65 11.14
C ALA C 77 -7.11 -19.72 12.00
N ARG C 78 -6.49 -18.77 12.70
CA ARG C 78 -7.27 -17.78 13.48
C ARG C 78 -8.20 -16.99 12.60
N ALA C 79 -7.66 -16.48 11.50
CA ALA C 79 -8.43 -15.70 10.56
C ALA C 79 -9.59 -16.51 10.02
N ALA C 80 -9.33 -17.76 9.68
CA ALA C 80 -10.38 -18.56 9.08
C ALA C 80 -11.51 -18.91 10.06
N VAL C 81 -11.18 -19.15 11.33
CA VAL C 81 -12.20 -19.29 12.36
C VAL C 81 -13.00 -17.98 12.54
N ALA C 82 -12.29 -16.87 12.68
CA ALA C 82 -12.91 -15.56 12.84
C ALA C 82 -13.99 -15.37 11.78
N ALA C 83 -13.71 -15.79 10.54
CA ALA C 83 -14.64 -15.60 9.45
C ALA C 83 -15.63 -16.76 9.16
N GLY C 84 -15.75 -17.72 10.08
CA GLY C 84 -16.81 -18.76 9.98
C GLY C 84 -16.38 -20.21 9.75
N ALA C 85 -15.10 -20.48 9.60
CA ALA C 85 -14.63 -21.85 9.55
C ALA C 85 -14.90 -22.46 10.91
N THR C 86 -15.59 -23.60 10.93
CA THR C 86 -15.81 -24.35 12.15
C THR C 86 -14.96 -25.60 12.25
N TRP C 87 -14.25 -25.96 11.17
CA TRP C 87 -13.26 -27.06 11.22
C TRP C 87 -11.90 -26.59 10.72
N LEU C 88 -10.86 -27.19 11.28
CA LEU C 88 -9.51 -27.03 10.77
C LEU C 88 -9.00 -28.37 10.26
N GLY C 89 -8.16 -28.32 9.24
CA GLY C 89 -7.68 -29.52 8.54
C GLY C 89 -6.18 -29.48 8.40
N THR C 90 -5.53 -30.60 8.75
CA THR C 90 -4.07 -30.74 8.62
C THR C 90 -3.75 -32.11 8.10
N ALA C 91 -2.49 -32.30 7.68
CA ALA C 91 -2.05 -33.58 7.22
C ALA C 91 -1.54 -34.36 8.42
N THR C 92 -0.41 -33.94 8.97
CA THR C 92 0.23 -34.68 10.04
C THR C 92 -0.45 -34.38 11.39
N PRO C 93 -0.36 -35.32 12.34
CA PRO C 93 -0.81 -35.02 13.70
C PRO C 93 0.04 -33.95 14.44
N GLN C 94 1.29 -33.75 14.04
CA GLN C 94 2.15 -32.75 14.68
C GLN C 94 1.59 -31.35 14.40
N GLU C 95 1.17 -31.13 13.14
CA GLU C 95 0.54 -29.88 12.69
C GLU C 95 -0.74 -29.58 13.48
N ALA C 96 -1.60 -30.59 13.61
CA ALA C 96 -2.85 -30.46 14.34
C ALA C 96 -2.68 -30.22 15.85
N LEU C 97 -1.68 -30.86 16.46
CA LEU C 97 -1.41 -30.68 17.89
C LEU C 97 -0.89 -29.29 18.16
N ALA C 98 -0.12 -28.75 17.22
CA ALA C 98 0.41 -27.39 17.34
C ALA C 98 -0.72 -26.37 17.30
N LEU C 99 -1.77 -26.67 16.54
CA LEU C 99 -2.94 -25.81 16.49
C LEU C 99 -3.63 -25.82 17.84
N ARG C 100 -3.78 -27.01 18.41
CA ARG C 100 -4.43 -27.16 19.71
C ARG C 100 -3.60 -26.55 20.86
N ALA C 101 -2.27 -26.50 20.69
CA ALA C 101 -1.37 -25.89 21.67
C ALA C 101 -1.14 -24.40 21.43
N ALA C 102 -1.93 -23.78 20.55
CA ALA C 102 -1.62 -22.42 20.13
C ALA C 102 -1.85 -21.44 21.27
N GLU C 103 -0.98 -20.44 21.40
CA GLU C 103 -1.13 -19.36 22.42
C GLU C 103 -1.10 -17.99 21.72
N PRO C 104 -2.20 -17.21 21.78
CA PRO C 104 -3.46 -17.55 22.47
C PRO C 104 -4.23 -18.71 21.83
N GLY C 105 -5.08 -19.37 22.62
CA GLY C 105 -5.81 -20.55 22.17
C GLY C 105 -6.78 -20.24 21.04
N LEU C 106 -6.95 -21.20 20.14
CA LEU C 106 -8.11 -21.22 19.25
C LEU C 106 -9.28 -21.67 20.11
N PRO C 107 -10.52 -21.36 19.71
CA PRO C 107 -11.67 -21.84 20.49
C PRO C 107 -11.59 -23.34 20.75
N ASP C 108 -11.84 -23.76 22.00
CA ASP C 108 -11.79 -25.20 22.36
C ASP C 108 -12.90 -25.98 21.64
N ASP C 109 -14.03 -25.31 21.39
CA ASP C 109 -15.16 -25.86 20.63
C ASP C 109 -14.87 -26.19 19.14
N VAL C 110 -13.76 -25.68 18.58
CA VAL C 110 -13.37 -25.96 17.18
C VAL C 110 -12.81 -27.39 16.92
N ARG C 111 -13.23 -27.97 15.81
CA ARG C 111 -12.85 -29.32 15.42
C ARG C 111 -11.60 -29.27 14.53
N ILE C 112 -10.64 -30.14 14.84
CA ILE C 112 -9.36 -30.18 14.15
C ILE C 112 -9.12 -31.60 13.67
N MET C 113 -8.99 -31.79 12.36
CA MET C 113 -8.82 -33.11 11.78
C MET C 113 -7.44 -33.28 11.20
N CYS C 114 -6.88 -34.49 11.36
CA CYS C 114 -5.57 -34.87 10.78
C CYS C 114 -5.62 -36.26 10.21
N TRP C 115 -5.01 -36.46 9.05
CA TRP C 115 -5.26 -37.65 8.23
C TRP C 115 -4.03 -38.51 7.92
N LEU C 116 -2.85 -37.90 7.82
CA LEU C 116 -1.60 -38.58 7.40
C LEU C 116 -0.86 -39.25 8.57
N TRP C 117 -1.26 -40.49 8.85
CA TRP C 117 -0.70 -41.25 9.97
C TRP C 117 0.22 -42.35 9.47
N THR C 118 1.23 -42.65 10.29
CA THR C 118 2.10 -43.84 10.12
C THR C 118 2.16 -44.64 11.45
N PRO C 119 2.56 -45.92 11.38
CA PRO C 119 2.66 -46.75 12.59
C PRO C 119 3.49 -46.13 13.70
N GLY C 120 3.05 -46.33 14.94
CA GLY C 120 3.71 -45.74 16.08
C GLY C 120 3.49 -44.24 16.27
N GLY C 121 2.61 -43.63 15.48
CA GLY C 121 2.37 -42.20 15.58
C GLY C 121 1.72 -41.86 16.92
N PRO C 122 1.74 -40.57 17.32
CA PRO C 122 1.16 -40.15 18.61
C PRO C 122 -0.41 -40.20 18.71
N TRP C 123 -0.97 -41.40 18.58
CA TRP C 123 -2.42 -41.58 18.58
C TRP C 123 -3.03 -41.21 19.94
N ARG C 124 -2.36 -41.57 21.02
CA ARG C 124 -2.82 -41.22 22.35
C ARG C 124 -2.93 -39.69 22.53
N GLU C 125 -1.86 -38.97 22.20
CA GLU C 125 -1.81 -37.49 22.35
C GLU C 125 -2.93 -36.85 21.53
N ALA C 126 -3.24 -37.45 20.38
CA ALA C 126 -4.34 -37.01 19.52
C ALA C 126 -5.71 -37.21 20.15
N VAL C 127 -5.95 -38.40 20.68
CA VAL C 127 -7.23 -38.70 21.35
C VAL C 127 -7.43 -37.79 22.58
N GLU C 128 -6.36 -37.62 23.36
CA GLU C 128 -6.37 -36.70 24.53
C GLU C 128 -6.63 -35.26 24.13
N ALA C 129 -5.97 -34.80 23.06
CA ALA C 129 -6.18 -33.45 22.52
C ALA C 129 -7.49 -33.26 21.71
N ARG C 130 -8.33 -34.31 21.63
CA ARG C 130 -9.68 -34.24 21.08
C ARG C 130 -9.70 -33.98 19.55
N LEU C 131 -8.72 -34.55 18.87
CA LEU C 131 -8.57 -34.41 17.44
C LEU C 131 -9.49 -35.38 16.75
N ASP C 132 -10.01 -35.01 15.59
CA ASP C 132 -10.61 -35.98 14.69
C ASP C 132 -9.49 -36.62 13.88
N VAL C 133 -9.44 -37.94 13.88
CA VAL C 133 -8.36 -38.65 13.17
C VAL C 133 -8.92 -39.50 12.02
N SER C 134 -8.32 -39.41 10.85
CA SER C 134 -8.69 -40.30 9.77
C SER C 134 -8.07 -41.67 10.02
N VAL C 135 -8.82 -42.69 9.64
CA VAL C 135 -8.32 -44.07 9.63
C VAL C 135 -8.84 -44.59 8.28
N SER C 136 -7.96 -45.20 7.52
CA SER C 136 -8.37 -45.80 6.26
C SER C 136 -7.94 -47.25 6.13
N ALA C 137 -7.42 -47.82 7.21
CA ALA C 137 -6.77 -49.12 7.17
C ALA C 137 -6.72 -49.73 8.56
N MET C 138 -6.69 -51.06 8.58
CA MET C 138 -6.99 -51.82 9.79
C MET C 138 -5.94 -51.61 10.88
N TRP C 139 -4.66 -51.56 10.48
CA TRP C 139 -3.56 -51.27 11.44
C TRP C 139 -3.86 -50.02 12.27
N ALA C 140 -4.39 -48.98 11.61
CA ALA C 140 -4.70 -47.70 12.24
C ALA C 140 -5.88 -47.81 13.20
N MET C 141 -6.91 -48.54 12.78
CA MET C 141 -8.05 -48.82 13.65
C MET C 141 -7.60 -49.49 14.95
N GLU C 142 -6.71 -50.47 14.83
CA GLU C 142 -6.19 -51.16 16.01
C GLU C 142 -5.35 -50.24 16.88
N GLU C 143 -4.48 -49.44 16.27
CA GLU C 143 -3.64 -48.50 16.99
C GLU C 143 -4.42 -47.40 17.71
N VAL C 144 -5.43 -46.85 17.05
CA VAL C 144 -6.25 -45.76 17.63
C VAL C 144 -7.15 -46.25 18.77
N THR C 145 -7.77 -47.41 18.58
CA THR C 145 -8.55 -48.12 19.61
C THR C 145 -7.69 -48.44 20.83
N GLY C 146 -6.50 -48.99 20.58
CA GLY C 146 -5.51 -49.27 21.63
C GLY C 146 -5.16 -48.04 22.45
N ALA C 147 -5.02 -46.93 21.76
CA ALA C 147 -4.72 -45.64 22.42
C ALA C 147 -5.89 -45.08 23.24
N ALA C 148 -7.12 -45.24 22.73
CA ALA C 148 -8.30 -44.78 23.46
C ALA C 148 -8.45 -45.53 24.80
N ARG C 149 -8.16 -46.85 24.80
CA ARG C 149 -8.07 -47.66 26.05
C ARG C 149 -7.09 -47.04 27.01
N ALA C 150 -5.84 -46.92 26.58
CA ALA C 150 -4.79 -46.36 27.43
C ALA C 150 -5.17 -45.00 28.00
N ALA C 151 -5.78 -44.15 27.17
CA ALA C 151 -6.13 -42.78 27.58
C ALA C 151 -7.38 -42.72 28.46
N GLY C 152 -8.29 -43.67 28.27
CA GLY C 152 -9.54 -43.68 29.02
C GLY C 152 -10.70 -42.94 28.37
N VAL C 153 -10.40 -41.89 27.60
CA VAL C 153 -11.41 -41.11 26.86
C VAL C 153 -11.59 -41.59 25.41
N PRO C 154 -12.82 -41.51 24.87
CA PRO C 154 -13.02 -42.05 23.52
C PRO C 154 -12.37 -41.21 22.37
N ALA C 155 -12.21 -41.86 21.22
CA ALA C 155 -11.62 -41.26 20.01
C ALA C 155 -12.70 -40.77 19.04
N ARG C 156 -12.42 -39.66 18.37
CA ARG C 156 -13.25 -39.21 17.24
C ARG C 156 -12.60 -39.67 15.95
N VAL C 157 -13.21 -40.58 15.22
CA VAL C 157 -12.56 -41.19 14.07
C VAL C 157 -13.31 -40.96 12.78
N GLN C 158 -12.59 -40.77 11.68
CA GLN C 158 -13.22 -40.54 10.39
C GLN C 158 -12.71 -41.58 9.44
N LEU C 159 -13.59 -42.36 8.86
CA LEU C 159 -13.17 -43.40 7.93
C LEU C 159 -12.94 -42.79 6.56
N ALA C 161 -12.66 -43.20 2.66
CA ALA C 161 -13.09 -44.12 1.62
C ALA C 161 -12.35 -43.83 0.34
N ASP C 162 -11.83 -44.86 -0.31
CA ASP C 162 -11.16 -44.72 -1.62
C ASP C 162 -12.21 -44.85 -2.73
N THR C 163 -12.64 -43.70 -3.23
CA THR C 163 -13.69 -43.63 -4.24
C THR C 163 -13.17 -43.77 -5.68
N GLY C 164 -11.87 -43.88 -5.88
CA GLY C 164 -11.29 -43.81 -7.24
C GLY C 164 -9.94 -43.11 -7.33
N LEU C 165 -9.62 -42.31 -6.33
CA LEU C 165 -8.35 -41.58 -6.29
C LEU C 165 -7.16 -42.52 -6.27
N GLY C 166 -7.24 -43.53 -5.42
CA GLY C 166 -6.25 -44.60 -5.39
C GLY C 166 -4.99 -44.22 -4.65
N ARG C 167 -5.12 -43.21 -3.80
CA ARG C 167 -4.03 -42.79 -3.00
C ARG C 167 -4.24 -43.45 -1.64
N GLY C 168 -4.39 -42.67 -0.57
CA GLY C 168 -4.76 -43.21 0.71
C GLY C 168 -6.21 -43.53 0.53
N GLY C 169 -6.88 -44.00 1.59
CA GLY C 169 -8.28 -44.38 1.46
C GLY C 169 -8.41 -45.89 1.51
N CYS C 170 -9.58 -46.32 1.96
CA CYS C 170 -9.94 -47.73 2.03
C CYS C 170 -10.65 -48.18 0.76
N GLN C 171 -10.20 -49.26 0.13
CA GLN C 171 -10.85 -49.80 -1.09
C GLN C 171 -12.26 -50.34 -0.77
N PRO C 172 -13.19 -50.28 -1.74
CA PRO C 172 -14.55 -50.80 -1.47
C PRO C 172 -14.59 -52.35 -1.31
N GLY C 173 -15.76 -52.88 -0.95
CA GLY C 173 -15.93 -54.33 -0.80
C GLY C 173 -15.32 -54.82 0.49
N ALA C 174 -14.43 -55.82 0.37
CA ALA C 174 -13.92 -56.61 1.53
C ALA C 174 -13.21 -55.79 2.62
N ASP C 175 -12.41 -54.82 2.18
CA ASP C 175 -11.67 -53.93 3.12
C ASP C 175 -12.62 -52.94 3.84
N TRP C 176 -13.57 -52.35 3.09
CA TRP C 176 -14.55 -51.41 3.65
C TRP C 176 -15.47 -52.13 4.66
N GLU C 177 -16.03 -53.25 4.22
CA GLU C 177 -16.83 -54.15 5.08
C GLU C 177 -16.14 -54.34 6.45
N ARG C 178 -14.88 -54.77 6.40
CA ARG C 178 -14.14 -55.12 7.59
C ARG C 178 -13.91 -53.92 8.51
N LEU C 179 -13.51 -52.79 7.90
CA LEU C 179 -13.24 -51.54 8.60
C LEU C 179 -14.51 -50.93 9.22
N VAL C 180 -15.59 -50.91 8.43
CA VAL C 180 -16.86 -50.47 8.95
C VAL C 180 -17.23 -51.33 10.16
N GLY C 181 -17.02 -52.65 10.06
CA GLY C 181 -17.35 -53.59 11.14
C GLY C 181 -16.51 -53.41 12.39
N ALA C 182 -15.22 -53.26 12.19
CA ALA C 182 -14.27 -53.01 13.30
C ALA C 182 -14.58 -51.70 14.04
N ALA C 183 -15.00 -50.71 13.25
CA ALA C 183 -15.42 -49.42 13.77
C ALA C 183 -16.67 -49.61 14.62
N LEU C 184 -17.66 -50.34 14.09
CA LEU C 184 -18.91 -50.66 14.81
C LEU C 184 -18.68 -51.31 16.16
N ARG C 185 -17.76 -52.27 16.19
CA ARG C 185 -17.35 -52.92 17.44
C ARG C 185 -16.71 -51.99 18.43
N ALA C 186 -15.86 -51.13 17.92
CA ALA C 186 -15.18 -50.16 18.75
C ALA C 186 -16.20 -49.18 19.37
N GLU C 187 -17.25 -48.84 18.60
CA GLU C 187 -18.34 -48.02 19.11
C GLU C 187 -19.11 -48.73 20.20
N GLU C 188 -19.49 -49.98 19.94
CA GLU C 188 -20.11 -50.87 20.93
C GLU C 188 -19.32 -50.95 22.27
N GLU C 189 -17.99 -51.12 22.19
CA GLU C 189 -17.10 -51.13 23.37
C GLU C 189 -16.82 -49.73 23.96
N GLY C 190 -17.28 -48.67 23.28
CA GLY C 190 -17.27 -47.30 23.81
C GLY C 190 -15.92 -46.62 23.71
N LEU C 191 -15.08 -47.09 22.79
CA LEU C 191 -13.70 -46.59 22.65
C LEU C 191 -13.57 -45.45 21.61
N LEU C 192 -14.53 -45.34 20.70
CA LEU C 192 -14.50 -44.32 19.66
C LEU C 192 -15.90 -44.09 19.16
N ARG C 193 -16.14 -42.91 18.60
CA ARG C 193 -17.33 -42.68 17.78
C ARG C 193 -16.89 -42.22 16.39
N VAL C 194 -17.35 -42.90 15.33
CA VAL C 194 -17.05 -42.49 13.96
C VAL C 194 -17.81 -41.20 13.66
N THR C 195 -17.08 -40.09 13.66
CA THR C 195 -17.65 -38.75 13.50
C THR C 195 -17.76 -38.33 12.03
N GLY C 196 -17.09 -39.04 11.12
CA GLY C 196 -17.24 -38.72 9.72
C GLY C 196 -16.93 -39.84 8.76
N LEU C 197 -17.42 -39.70 7.53
CA LEU C 197 -17.04 -40.57 6.42
C LEU C 197 -16.65 -39.68 5.29
N TRP C 198 -15.50 -39.94 4.66
CA TRP C 198 -14.95 -38.95 3.75
C TRP C 198 -14.04 -39.48 2.67
N SER C 199 -13.92 -38.69 1.61
CA SER C 199 -13.10 -39.05 0.45
C SER C 199 -12.53 -37.78 -0.24
N HIS C 200 -11.88 -37.98 -1.39
CA HIS C 200 -11.14 -36.92 -2.04
C HIS C 200 -11.19 -37.19 -3.52
N PHE C 201 -11.39 -36.13 -4.30
CA PHE C 201 -11.55 -36.23 -5.74
C PHE C 201 -10.18 -36.28 -6.41
N ALA C 202 -10.11 -37.01 -7.51
CA ALA C 202 -8.92 -37.08 -8.35
C ALA C 202 -8.89 -36.05 -9.47
N CYS C 203 -10.04 -35.74 -10.06
CA CYS C 203 -10.06 -34.92 -11.29
C CYS C 203 -11.10 -33.78 -11.27
N ALA C 204 -11.47 -33.30 -10.09
CA ALA C 204 -12.45 -32.22 -9.97
C ALA C 204 -12.01 -30.93 -10.66
N ASP C 205 -10.70 -30.69 -10.75
CA ASP C 205 -10.15 -29.49 -11.42
C ASP C 205 -10.32 -29.44 -12.95
N GLU C 206 -10.69 -30.58 -13.54
CA GLU C 206 -11.09 -30.67 -14.96
C GLU C 206 -12.62 -30.87 -15.00
N PRO C 207 -13.39 -29.78 -15.27
CA PRO C 207 -14.84 -29.85 -14.98
C PRO C 207 -15.60 -30.82 -15.90
N GLY C 208 -16.52 -31.59 -15.32
CA GLY C 208 -17.25 -32.64 -16.05
C GLY C 208 -16.48 -33.86 -16.55
N HIS C 209 -15.22 -34.05 -16.13
CA HIS C 209 -14.46 -35.29 -16.40
C HIS C 209 -15.26 -36.49 -15.84
N PRO C 210 -15.23 -37.64 -16.56
CA PRO C 210 -16.14 -38.75 -16.15
C PRO C 210 -15.97 -39.21 -14.71
N SER C 211 -14.73 -39.49 -14.30
CA SER C 211 -14.37 -39.88 -12.91
C SER C 211 -15.05 -39.10 -11.77
N ILE C 212 -15.35 -37.82 -11.98
CA ILE C 212 -15.96 -36.98 -10.94
C ILE C 212 -17.29 -37.62 -10.55
N ALA C 213 -18.17 -37.80 -11.53
CA ALA C 213 -19.49 -38.44 -11.30
C ALA C 213 -19.38 -39.88 -10.74
N ALA C 214 -18.39 -40.62 -11.23
CA ALA C 214 -18.10 -41.98 -10.79
C ALA C 214 -17.74 -42.03 -9.32
N GLN C 215 -16.69 -41.28 -8.94
CA GLN C 215 -16.27 -41.18 -7.53
C GLN C 215 -17.42 -40.76 -6.62
N LEU C 216 -18.26 -39.85 -7.13
CA LEU C 216 -19.33 -39.26 -6.36
C LEU C 216 -20.43 -40.27 -6.06
N THR C 217 -20.82 -41.09 -7.05
CA THR C 217 -21.83 -42.14 -6.81
C THR C 217 -21.26 -43.30 -6.00
N ARG C 218 -19.96 -43.60 -6.15
CA ARG C 218 -19.30 -44.59 -5.29
C ARG C 218 -19.17 -44.08 -3.84
N PHE C 219 -19.03 -42.76 -3.68
CA PHE C 219 -19.05 -42.15 -2.34
C PHE C 219 -20.43 -42.34 -1.69
N ARG C 220 -21.50 -42.20 -2.49
CA ARG C 220 -22.88 -42.38 -2.01
C ARG C 220 -23.18 -43.85 -1.63
N GLU C 221 -22.73 -44.79 -2.47
CA GLU C 221 -22.78 -46.25 -2.17
C GLU C 221 -22.07 -46.60 -0.86
N MET C 222 -20.79 -46.24 -0.76
CA MET C 222 -19.96 -46.58 0.40
C MET C 222 -20.46 -45.93 1.70
N THR C 223 -20.92 -44.68 1.62
CA THR C 223 -21.48 -44.00 2.80
C THR C 223 -22.79 -44.65 3.21
N ALA C 224 -23.64 -44.94 2.22
CA ALA C 224 -24.94 -45.59 2.45
C ALA C 224 -24.76 -46.92 3.17
N TYR C 225 -23.84 -47.75 2.66
CA TYR C 225 -23.46 -49.01 3.27
C TYR C 225 -23.11 -48.86 4.75
N ALA C 226 -22.32 -47.85 5.11
CA ALA C 226 -21.81 -47.73 6.48
C ALA C 226 -22.87 -47.24 7.46
N GLU C 227 -23.73 -46.38 6.96
CA GLU C 227 -24.90 -45.91 7.74
C GLU C 227 -25.95 -47.03 7.90
N GLN C 228 -26.16 -47.80 6.81
CA GLN C 228 -27.04 -49.00 6.77
C GLN C 228 -26.64 -50.05 7.82
N ARG C 229 -25.34 -50.14 8.11
CA ARG C 229 -24.81 -51.05 9.12
C ARG C 229 -24.67 -50.45 10.52
N GLY C 230 -25.17 -49.23 10.75
CA GLY C 230 -25.28 -48.68 12.12
C GLY C 230 -24.38 -47.51 12.48
N LEU C 231 -23.50 -47.09 11.57
CA LEU C 231 -22.65 -45.94 11.85
C LEU C 231 -23.45 -44.65 11.63
N ARG C 232 -23.23 -43.70 12.53
CA ARG C 232 -23.98 -42.43 12.59
C ARG C 232 -22.99 -41.26 12.66
N PRO C 233 -22.52 -40.79 11.49
CA PRO C 233 -21.52 -39.71 11.47
C PRO C 233 -22.09 -38.30 11.56
N GLU C 234 -21.30 -37.38 12.09
CA GLU C 234 -21.66 -35.97 12.12
C GLU C 234 -21.55 -35.36 10.74
N VAL C 235 -20.57 -35.80 9.95
CA VAL C 235 -20.31 -35.18 8.65
C VAL C 235 -19.83 -36.15 7.58
N ARG C 236 -20.44 -36.06 6.40
CA ARG C 236 -19.92 -36.63 5.18
C ARG C 236 -19.26 -35.52 4.37
N HIS C 237 -18.10 -35.80 3.75
CA HIS C 237 -17.39 -34.80 2.94
C HIS C 237 -16.43 -35.34 1.91
N ILE C 238 -16.49 -34.76 0.72
CA ILE C 238 -15.61 -35.12 -0.37
C ILE C 238 -14.97 -33.88 -1.10
N ALA C 239 -15.58 -32.73 -0.96
CA ALA C 239 -15.13 -31.60 -1.68
C ALA C 239 -13.93 -30.82 -1.32
N ASN C 240 -12.99 -30.79 -2.25
CA ASN C 240 -11.83 -29.89 -2.24
C ASN C 240 -12.23 -28.51 -2.82
N SER C 241 -11.27 -27.64 -3.14
CA SER C 241 -11.58 -26.33 -3.74
C SER C 241 -12.41 -26.40 -5.03
N PRO C 242 -11.90 -27.05 -6.09
CA PRO C 242 -12.65 -27.07 -7.37
C PRO C 242 -14.06 -27.67 -7.25
N ALA C 243 -14.19 -28.73 -6.46
CA ALA C 243 -15.50 -29.28 -6.17
C ALA C 243 -16.39 -28.21 -5.56
N THR C 244 -15.98 -27.65 -4.42
CA THR C 244 -16.73 -26.59 -3.71
C THR C 244 -17.23 -25.47 -4.66
N LEU C 245 -16.36 -25.04 -5.57
CA LEU C 245 -16.71 -23.99 -6.50
C LEU C 245 -17.69 -24.40 -7.61
N THR C 246 -17.62 -25.66 -8.07
CA THR C 246 -18.34 -26.10 -9.29
C THR C 246 -19.35 -27.25 -9.11
N LEU C 247 -19.48 -27.86 -7.94
CA LEU C 247 -20.35 -29.04 -7.74
C LEU C 247 -21.14 -28.96 -6.45
N PRO C 248 -22.30 -28.30 -6.48
CA PRO C 248 -23.14 -28.25 -5.26
C PRO C 248 -23.66 -29.61 -4.77
N ASP C 249 -23.83 -30.57 -5.68
CA ASP C 249 -24.04 -31.99 -5.35
C ASP C 249 -23.01 -32.53 -4.33
N ALA C 250 -21.76 -32.10 -4.50
CA ALA C 250 -20.62 -32.62 -3.73
C ALA C 250 -20.42 -32.06 -2.33
N HIS C 251 -21.19 -31.06 -1.95
CA HIS C 251 -20.92 -30.33 -0.71
C HIS C 251 -21.16 -31.16 0.54
N PHE C 252 -22.27 -31.87 0.57
CA PHE C 252 -22.65 -32.68 1.72
C PHE C 252 -22.53 -31.84 3.01
N ASP C 253 -22.15 -32.40 4.15
CA ASP C 253 -22.20 -31.67 5.41
C ASP C 253 -21.03 -30.70 5.61
N LEU C 254 -20.01 -30.80 4.76
CA LEU C 254 -18.72 -30.12 5.00
C LEU C 254 -17.87 -30.02 3.71
N VAL C 255 -17.20 -28.88 3.56
CA VAL C 255 -16.30 -28.60 2.44
C VAL C 255 -14.88 -28.28 2.95
N ARG C 256 -13.88 -28.63 2.12
CA ARG C 256 -12.46 -28.48 2.46
C ARG C 256 -11.76 -27.71 1.33
N PRO C 257 -12.15 -26.43 1.12
CA PRO C 257 -11.49 -25.67 0.08
C PRO C 257 -10.17 -25.09 0.60
N GLY C 258 -9.07 -25.67 0.15
CA GLY C 258 -7.77 -25.24 0.60
C GLY C 258 -7.29 -24.04 -0.19
N ILE C 259 -6.87 -24.30 -1.42
CA ILE C 259 -6.21 -23.32 -2.27
C ILE C 259 -7.10 -22.08 -2.48
N ALA C 260 -8.38 -22.31 -2.65
CA ALA C 260 -9.31 -21.21 -2.84
C ALA C 260 -9.36 -20.25 -1.65
N MET C 261 -9.22 -20.79 -0.44
CA MET C 261 -9.11 -19.97 0.77
C MET C 261 -7.87 -19.06 0.73
N TYR C 262 -6.80 -19.47 0.06
CA TYR C 262 -5.63 -18.59 -0.09
C TYR C 262 -5.78 -17.70 -1.32
N GLY C 263 -6.99 -17.63 -1.86
CA GLY C 263 -7.34 -16.81 -3.00
C GLY C 263 -6.83 -17.21 -4.34
N VAL C 264 -6.31 -18.43 -4.51
CA VAL C 264 -5.75 -18.92 -5.80
C VAL C 264 -6.66 -19.97 -6.42
N SER C 265 -6.86 -19.86 -7.73
CA SER C 265 -7.78 -20.77 -8.44
C SER C 265 -7.17 -22.15 -8.60
N PRO C 266 -7.94 -23.23 -8.34
CA PRO C 266 -7.38 -24.55 -8.49
C PRO C 266 -6.94 -24.88 -9.92
N SER C 267 -7.47 -24.16 -10.90
CA SER C 267 -7.18 -24.40 -12.30
C SER C 267 -7.70 -23.22 -13.13
N PRO C 268 -6.95 -22.76 -14.15
CA PRO C 268 -7.55 -21.75 -15.06
C PRO C 268 -8.82 -22.22 -15.82
N GLU C 269 -8.97 -23.54 -15.99
CA GLU C 269 -10.20 -24.12 -16.53
C GLU C 269 -11.40 -23.93 -15.63
N ILE C 270 -11.20 -23.97 -14.31
CA ILE C 270 -12.26 -23.63 -13.35
C ILE C 270 -12.59 -22.11 -13.46
N GLY C 271 -11.55 -21.27 -13.43
CA GLY C 271 -11.70 -19.81 -13.58
C GLY C 271 -10.59 -19.01 -12.93
N THR C 272 -10.71 -17.67 -12.99
CA THR C 272 -9.86 -16.78 -12.20
C THR C 272 -10.39 -16.68 -10.76
N PRO C 273 -9.57 -16.16 -9.83
CA PRO C 273 -10.07 -15.94 -8.48
C PRO C 273 -11.20 -14.93 -8.47
N ALA C 274 -11.05 -13.86 -9.25
CA ALA C 274 -12.09 -12.85 -9.45
C ALA C 274 -13.45 -13.43 -9.84
N ASP C 275 -13.47 -14.48 -10.69
CA ASP C 275 -14.74 -15.19 -11.06
C ASP C 275 -15.52 -15.72 -9.84
N PHE C 276 -14.83 -16.05 -8.75
CA PHE C 276 -15.48 -16.60 -7.56
C PHE C 276 -15.40 -15.70 -6.31
N GLY C 277 -15.11 -14.43 -6.52
CA GLY C 277 -15.06 -13.46 -5.43
C GLY C 277 -13.92 -13.65 -4.47
N LEU C 278 -12.76 -14.08 -5.03
CA LEU C 278 -11.58 -14.48 -4.28
C LEU C 278 -10.38 -13.65 -4.63
N ARG C 279 -9.51 -13.42 -3.64
CA ARG C 279 -8.36 -12.50 -3.74
C ARG C 279 -7.13 -13.19 -3.20
N PRO C 280 -6.04 -13.25 -3.99
CA PRO C 280 -4.88 -13.96 -3.50
C PRO C 280 -4.32 -13.36 -2.23
N VAL C 281 -3.96 -14.22 -1.29
CA VAL C 281 -3.51 -13.82 0.04
C VAL C 281 -2.01 -13.45 0.07
N MET C 282 -1.18 -14.14 -0.71
CA MET C 282 0.26 -13.94 -0.64
C MET C 282 0.74 -12.98 -1.72
N THR C 283 1.53 -11.97 -1.32
CA THR C 283 2.32 -11.16 -2.25
C THR C 283 3.78 -11.45 -1.96
N LEU C 284 4.56 -11.83 -2.97
CA LEU C 284 6.00 -12.12 -2.82
C LEU C 284 6.83 -11.02 -3.47
N ALA C 285 7.59 -10.29 -2.68
CA ALA C 285 8.35 -9.15 -3.19
C ALA C 285 9.74 -9.08 -2.63
N ALA C 286 10.59 -8.35 -3.33
CA ALA C 286 11.99 -8.23 -2.95
C ALA C 286 12.53 -6.89 -3.38
N SER C 287 13.70 -6.53 -2.83
CA SER C 287 14.37 -5.28 -3.14
C SER C 287 15.54 -5.55 -4.01
N LEU C 288 15.68 -4.77 -5.08
CA LEU C 288 16.84 -4.91 -5.97
C LEU C 288 18.19 -4.71 -5.24
N ALA C 289 19.02 -5.74 -5.25
CA ALA C 289 20.37 -5.64 -4.68
C ALA C 289 21.31 -4.85 -5.57
N LEU C 290 21.09 -4.90 -6.89
CA LEU C 290 22.05 -4.35 -7.84
C LEU C 290 21.40 -3.96 -9.15
N VAL C 291 21.78 -2.77 -9.61
CA VAL C 291 21.38 -2.27 -10.90
C VAL C 291 22.68 -1.88 -11.57
N LYS C 292 22.90 -2.37 -12.78
CA LYS C 292 24.16 -2.10 -13.45
C LYS C 292 24.04 -2.23 -14.94
N GLN C 293 24.89 -1.47 -15.63
CA GLN C 293 24.92 -1.42 -17.08
C GLN C 293 25.95 -2.41 -17.57
N VAL C 294 25.57 -3.17 -18.59
CA VAL C 294 26.48 -4.14 -19.20
C VAL C 294 26.46 -3.93 -20.71
N PRO C 295 27.60 -4.14 -21.38
CA PRO C 295 27.57 -4.10 -22.84
C PRO C 295 26.75 -5.23 -23.49
N GLY C 296 26.64 -5.22 -24.82
CA GLY C 296 26.06 -6.31 -25.59
C GLY C 296 26.97 -7.52 -25.63
N GLY C 297 26.42 -8.67 -26.00
CA GLY C 297 27.16 -9.93 -26.05
C GLY C 297 27.81 -10.35 -24.74
N HIS C 298 27.18 -9.96 -23.62
CA HIS C 298 27.66 -10.28 -22.28
C HIS C 298 26.65 -11.27 -21.70
N GLY C 299 27.15 -12.43 -21.28
CA GLY C 299 26.29 -13.48 -20.76
C GLY C 299 25.71 -13.17 -19.39
N VAL C 300 24.62 -13.86 -19.07
CA VAL C 300 23.91 -13.70 -17.79
C VAL C 300 23.60 -15.07 -17.15
N SER C 301 24.12 -15.23 -15.93
CA SER C 301 23.85 -16.37 -15.07
C SER C 301 24.47 -17.68 -15.57
N TYR C 302 24.27 -18.77 -14.83
CA TYR C 302 24.90 -20.08 -15.10
C TYR C 302 24.59 -20.61 -16.51
N GLY C 303 25.62 -21.18 -17.16
CA GLY C 303 25.51 -21.73 -18.52
C GLY C 303 25.40 -20.70 -19.64
N HIS C 304 25.55 -19.40 -19.33
CA HIS C 304 25.23 -18.26 -20.24
C HIS C 304 24.01 -18.49 -21.15
N HIS C 305 22.85 -18.78 -20.57
CA HIS C 305 21.60 -19.03 -21.34
C HIS C 305 20.81 -17.77 -21.70
N TYR C 306 21.35 -16.62 -21.32
CA TYR C 306 20.93 -15.34 -21.86
C TYR C 306 22.20 -14.50 -22.03
N THR C 307 22.35 -13.95 -23.22
CA THR C 307 23.39 -12.95 -23.50
C THR C 307 22.66 -11.68 -23.96
N THR C 308 23.17 -10.52 -23.54
CA THR C 308 22.48 -9.24 -23.76
C THR C 308 22.45 -8.87 -25.26
N PRO C 309 21.28 -8.42 -25.80
CA PRO C 309 21.19 -8.17 -27.25
C PRO C 309 22.03 -6.96 -27.73
N GLY C 310 21.91 -5.83 -27.04
CA GLY C 310 22.82 -4.70 -27.21
C GLY C 310 23.25 -4.26 -25.83
N GLU C 311 23.64 -2.99 -25.69
CA GLU C 311 23.91 -2.42 -24.37
C GLU C 311 22.59 -2.25 -23.61
N THR C 312 22.63 -2.53 -22.31
CA THR C 312 21.41 -2.65 -21.49
C THR C 312 21.73 -2.54 -19.98
N THR C 313 20.67 -2.56 -19.18
CA THR C 313 20.77 -2.61 -17.72
C THR C 313 20.26 -3.96 -17.15
N LEU C 314 20.92 -4.42 -16.08
CA LEU C 314 20.56 -5.66 -15.35
C LEU C 314 20.21 -5.39 -13.89
N GLY C 315 19.07 -5.95 -13.49
CA GLY C 315 18.60 -5.91 -12.10
C GLY C 315 18.79 -7.25 -11.38
N LEU C 316 19.43 -7.20 -10.21
CA LEU C 316 19.64 -8.39 -9.39
C LEU C 316 18.54 -8.47 -8.36
N VAL C 317 17.72 -9.52 -8.46
CA VAL C 317 16.68 -9.79 -7.48
C VAL C 317 17.28 -10.83 -6.55
N PRO C 318 17.36 -10.56 -5.24
CA PRO C 318 17.98 -11.47 -4.28
C PRO C 318 17.05 -12.56 -3.73
N LEU C 319 16.51 -13.39 -4.61
CA LEU C 319 15.75 -14.58 -4.25
C LEU C 319 16.17 -15.61 -5.26
N GLY C 320 16.35 -16.86 -4.82
CA GLY C 320 16.60 -17.96 -5.73
C GLY C 320 15.83 -19.21 -5.36
N TYR C 321 16.29 -20.33 -5.90
CA TYR C 321 15.58 -21.59 -5.72
C TYR C 321 15.57 -22.04 -4.25
N ALA C 322 16.58 -21.66 -3.48
CA ALA C 322 16.57 -21.94 -2.03
C ALA C 322 15.43 -21.23 -1.35
N ASP C 323 14.99 -20.11 -1.93
CA ASP C 323 13.80 -19.38 -1.43
C ASP C 323 12.49 -19.83 -2.00
N GLY C 324 12.53 -20.85 -2.85
CA GLY C 324 11.34 -21.37 -3.55
C GLY C 324 11.00 -20.69 -4.85
N ILE C 325 11.95 -19.96 -5.45
CA ILE C 325 11.79 -19.44 -6.81
C ILE C 325 12.15 -20.60 -7.73
N PRO C 326 11.16 -21.23 -8.39
CA PRO C 326 11.49 -22.49 -9.07
C PRO C 326 12.49 -22.28 -10.19
N ARG C 327 13.49 -23.15 -10.24
CA ARG C 327 14.52 -23.11 -11.29
C ARG C 327 13.94 -23.42 -12.69
N HIS C 328 12.81 -24.11 -12.75
CA HIS C 328 12.06 -24.29 -14.00
C HIS C 328 11.58 -23.02 -14.63
N ALA C 329 11.39 -22.00 -13.82
CA ALA C 329 11.04 -20.68 -14.33
C ALA C 329 12.26 -19.88 -14.72
N SER C 330 13.38 -20.57 -14.99
CA SER C 330 14.53 -19.92 -15.63
C SER C 330 14.09 -19.44 -17.00
N SER C 331 14.56 -18.25 -17.35
CA SER C 331 14.27 -17.56 -18.61
C SER C 331 12.81 -17.18 -18.87
N SER C 332 11.87 -17.54 -17.99
CA SER C 332 10.43 -17.26 -18.19
C SER C 332 9.68 -16.48 -17.06
N GLY C 333 10.13 -16.62 -15.81
CA GLY C 333 9.45 -16.04 -14.66
C GLY C 333 9.26 -14.54 -14.75
N PRO C 334 8.02 -14.05 -14.52
CA PRO C 334 7.72 -12.64 -14.56
C PRO C 334 7.92 -11.93 -13.21
N VAL C 335 8.45 -10.70 -13.27
CA VAL C 335 8.62 -9.82 -12.11
C VAL C 335 8.27 -8.39 -12.45
N LEU C 336 7.38 -7.75 -11.69
CA LEU C 336 7.10 -6.32 -11.87
C LEU C 336 8.19 -5.48 -11.22
N VAL C 337 8.94 -4.75 -12.03
CA VAL C 337 10.01 -3.85 -11.55
C VAL C 337 9.85 -2.52 -12.24
N ASP C 338 9.83 -1.44 -11.46
CA ASP C 338 9.93 -0.07 -12.01
C ASP C 338 8.75 0.28 -12.94
N GLY C 339 7.57 -0.32 -12.71
CA GLY C 339 6.39 -0.08 -13.56
C GLY C 339 6.14 -1.00 -14.77
N LYS C 340 7.11 -1.82 -15.17
CA LYS C 340 6.91 -2.78 -16.28
C LYS C 340 7.21 -4.23 -15.85
N TRP C 341 6.49 -5.21 -16.42
CA TRP C 341 6.87 -6.62 -16.29
C TRP C 341 8.22 -6.91 -16.92
N ARG C 342 9.14 -7.40 -16.10
CA ARG C 342 10.42 -7.91 -16.57
C ARG C 342 10.30 -9.42 -16.53
N THR C 343 11.20 -10.13 -17.21
CA THR C 343 11.24 -11.58 -17.10
C THR C 343 12.66 -12.04 -16.78
N VAL C 344 12.74 -13.16 -16.09
CA VAL C 344 14.01 -13.71 -15.70
C VAL C 344 14.89 -13.86 -16.92
N ALA C 345 16.11 -13.35 -16.79
CA ALA C 345 17.18 -13.46 -17.78
C ALA C 345 18.06 -14.66 -17.45
N GLY C 346 17.84 -15.75 -18.16
CA GLY C 346 18.67 -16.92 -18.02
C GLY C 346 18.34 -17.73 -16.78
N ARG C 347 19.36 -18.33 -16.20
CA ARG C 347 19.15 -19.23 -15.06
C ARG C 347 18.96 -18.52 -13.72
N ILE C 348 18.19 -19.21 -12.88
CA ILE C 348 17.93 -18.85 -11.50
C ILE C 348 19.01 -19.56 -10.64
N ALA C 349 19.64 -18.82 -9.75
CA ALA C 349 20.67 -19.37 -8.89
C ALA C 349 20.04 -19.74 -7.53
N MET C 350 20.85 -20.26 -6.61
CA MET C 350 20.39 -20.58 -5.28
C MET C 350 19.77 -19.39 -4.52
N ASP C 351 20.35 -18.19 -4.69
CA ASP C 351 19.91 -17.00 -3.88
C ASP C 351 19.46 -15.80 -4.68
N GLN C 352 19.57 -15.86 -6.01
CA GLN C 352 19.39 -14.68 -6.83
C GLN C 352 19.00 -15.04 -8.25
N PHE C 353 18.36 -14.09 -8.93
CA PHE C 353 18.26 -14.09 -10.40
C PHE C 353 18.32 -12.68 -10.94
N VAL C 354 18.51 -12.60 -12.25
CA VAL C 354 18.65 -11.36 -12.96
C VAL C 354 17.48 -11.14 -13.92
N VAL C 355 17.12 -9.87 -14.09
CA VAL C 355 16.18 -9.44 -15.12
C VAL C 355 16.88 -8.41 -16.00
N ASP C 356 16.56 -8.43 -17.31
CA ASP C 356 16.95 -7.37 -18.25
C ASP C 356 15.98 -6.21 -18.05
N LEU C 357 16.52 -5.02 -17.74
CA LEU C 357 15.69 -3.83 -17.46
C LEU C 357 15.58 -2.86 -18.67
N GLY C 358 15.63 -3.38 -19.90
CA GLY C 358 15.76 -2.55 -21.11
C GLY C 358 16.99 -1.66 -21.00
N GLY C 359 16.78 -0.37 -20.79
CA GLY C 359 17.83 0.53 -20.30
C GLY C 359 17.45 1.26 -19.01
N ASP C 360 16.32 0.89 -18.40
CA ASP C 360 15.81 1.63 -17.24
C ASP C 360 16.77 1.53 -16.08
N ARG C 361 16.76 2.54 -15.22
CA ARG C 361 17.76 2.65 -14.17
C ARG C 361 17.11 2.97 -12.83
N PRO C 362 16.34 2.02 -12.27
CA PRO C 362 15.76 2.26 -10.94
C PRO C 362 16.84 2.22 -9.86
N GLU C 363 16.56 2.82 -8.71
CA GLU C 363 17.52 2.86 -7.63
C GLU C 363 17.65 1.47 -7.00
N PRO C 364 18.87 1.06 -6.59
CA PRO C 364 18.93 -0.19 -5.82
C PRO C 364 18.17 0.01 -4.51
N GLY C 365 17.45 -1.03 -4.09
CA GLY C 365 16.45 -0.93 -3.02
C GLY C 365 15.01 -0.87 -3.54
N ALA C 366 14.86 -0.63 -4.85
CA ALA C 366 13.54 -0.62 -5.50
C ALA C 366 12.78 -1.95 -5.39
N GLU C 367 11.47 -1.85 -5.34
CA GLU C 367 10.62 -3.02 -5.14
C GLU C 367 10.51 -3.85 -6.43
N ALA C 368 10.73 -5.15 -6.30
CA ALA C 368 10.55 -6.13 -7.36
C ALA C 368 9.47 -7.10 -6.88
N VAL C 369 8.27 -7.00 -7.45
CA VAL C 369 7.14 -7.81 -7.00
C VAL C 369 7.03 -9.03 -7.90
N LEU C 370 7.22 -10.23 -7.32
CA LEU C 370 7.26 -11.45 -8.13
C LEU C 370 5.82 -11.89 -8.41
N PHE C 371 4.97 -11.90 -7.40
CA PHE C 371 3.55 -12.12 -7.61
C PHE C 371 2.69 -11.57 -6.47
N GLY C 372 1.41 -11.45 -6.75
CA GLY C 372 0.47 -10.94 -5.79
C GLY C 372 -0.96 -11.14 -6.30
N PRO C 373 -1.90 -10.32 -5.79
CA PRO C 373 -3.30 -10.36 -6.18
C PRO C 373 -3.58 -10.02 -7.64
N GLY C 374 -2.85 -9.07 -8.20
CA GLY C 374 -2.99 -8.70 -9.62
C GLY C 374 -3.33 -7.23 -9.85
N ASP C 375 -3.92 -6.61 -8.84
CA ASP C 375 -4.50 -5.28 -9.01
C ASP C 375 -3.50 -4.08 -9.05
N ARG C 376 -2.22 -4.29 -8.76
CA ARG C 376 -1.22 -3.23 -8.93
C ARG C 376 -0.33 -3.49 -10.16
N GLY C 377 -0.81 -4.32 -11.09
CA GLY C 377 -0.05 -4.69 -12.28
C GLY C 377 0.95 -5.81 -12.07
N GLU C 378 0.90 -6.50 -10.92
CA GLU C 378 1.88 -7.56 -10.60
C GLU C 378 1.45 -8.81 -11.36
N PRO C 379 2.38 -9.76 -11.56
CA PRO C 379 1.97 -11.10 -11.94
C PRO C 379 1.25 -11.80 -10.80
N THR C 380 0.60 -12.92 -11.10
CA THR C 380 0.01 -13.74 -10.05
C THR C 380 0.78 -15.06 -9.87
N ALA C 381 0.49 -15.77 -8.77
CA ALA C 381 1.03 -17.09 -8.53
C ALA C 381 0.87 -17.99 -9.75
N GLU C 382 -0.31 -17.96 -10.38
CA GLU C 382 -0.57 -18.75 -11.60
C GLU C 382 0.38 -18.41 -12.75
N ASP C 383 0.74 -17.14 -12.88
CA ASP C 383 1.70 -16.74 -13.89
C ASP C 383 3.03 -17.42 -13.65
N TRP C 384 3.44 -17.55 -12.39
CA TRP C 384 4.68 -18.29 -12.07
C TRP C 384 4.53 -19.78 -12.24
N ALA C 385 3.36 -20.32 -11.88
CA ALA C 385 3.06 -21.72 -12.16
C ALA C 385 3.31 -22.08 -13.64
N GLN C 386 2.88 -21.19 -14.54
CA GLN C 386 3.02 -21.44 -15.97
C GLN C 386 4.47 -21.32 -16.38
N ALA C 387 5.13 -20.26 -15.97
CA ALA C 387 6.55 -20.08 -16.28
C ALA C 387 7.42 -21.28 -15.87
N ALA C 388 7.03 -21.94 -14.79
CA ALA C 388 7.76 -23.06 -14.26
C ALA C 388 7.20 -24.43 -14.67
N GLY C 389 6.11 -24.46 -15.42
CA GLY C 389 5.51 -25.72 -15.86
C GLY C 389 4.92 -26.57 -14.77
N THR C 390 4.20 -25.93 -13.87
CA THR C 390 3.64 -26.61 -12.69
C THR C 390 2.32 -25.91 -12.28
N ILE C 391 1.79 -26.26 -11.10
CA ILE C 391 0.54 -25.70 -10.62
C ILE C 391 0.82 -24.64 -9.58
N ALA C 392 -0.05 -23.63 -9.51
CA ALA C 392 0.07 -22.57 -8.49
C ALA C 392 0.17 -23.08 -7.02
N TYR C 393 -0.47 -24.20 -6.72
CA TYR C 393 -0.35 -24.86 -5.41
C TYR C 393 1.10 -24.98 -5.00
N GLU C 394 1.93 -25.46 -5.91
CA GLU C 394 3.34 -25.68 -5.62
C GLU C 394 4.08 -24.34 -5.44
N ILE C 395 3.69 -23.31 -6.18
CA ILE C 395 4.38 -22.01 -6.14
C ILE C 395 4.36 -21.42 -4.72
N VAL C 396 3.17 -21.38 -4.13
CA VAL C 396 2.98 -20.72 -2.83
C VAL C 396 3.45 -21.60 -1.66
N THR C 397 3.18 -22.89 -1.75
CA THR C 397 3.47 -23.85 -0.68
C THR C 397 4.96 -23.97 -0.41
N ARG C 398 5.76 -23.86 -1.47
CA ARG C 398 7.20 -24.07 -1.39
C ARG C 398 8.02 -22.80 -1.33
N ILE C 399 7.38 -21.67 -1.06
CA ILE C 399 8.13 -20.45 -0.77
C ILE C 399 8.96 -20.73 0.51
N GLY C 400 10.26 -20.52 0.43
CA GLY C 400 11.15 -20.98 1.47
C GLY C 400 11.01 -20.33 2.85
N SER C 401 11.45 -21.04 3.88
CA SER C 401 11.39 -20.55 5.24
C SER C 401 12.39 -19.42 5.52
N ARG C 402 13.34 -19.24 4.62
CA ARG C 402 14.28 -18.14 4.64
C ARG C 402 13.65 -16.83 4.10
N VAL C 403 12.42 -16.88 3.61
CA VAL C 403 11.70 -15.68 3.20
C VAL C 403 10.77 -15.36 4.37
N PRO C 404 11.03 -14.27 5.09
CA PRO C 404 10.14 -14.00 6.24
C PRO C 404 8.71 -13.60 5.83
N ARG C 405 7.71 -14.10 6.56
CA ARG C 405 6.32 -13.77 6.32
C ARG C 405 5.95 -12.55 7.13
N VAL C 406 5.35 -11.58 6.48
CA VAL C 406 4.79 -10.40 7.15
C VAL C 406 3.25 -10.45 7.07
N TYR C 407 2.58 -10.38 8.23
CA TYR C 407 1.10 -10.50 8.31
C TYR C 407 0.43 -9.14 8.39
N VAL C 408 -0.44 -8.81 7.45
CA VAL C 408 -1.14 -7.53 7.45
C VAL C 408 -2.64 -7.78 7.69
N ASN C 409 -3.32 -6.75 8.18
CA ASN C 409 -4.72 -6.82 8.66
C ASN C 409 -4.99 -7.98 9.62
N GLU C 410 -4.11 -8.06 10.64
CA GLU C 410 -4.11 -9.15 11.61
C GLU C 410 -5.20 -8.95 12.62
N ASP D 30 9.85 -38.96 17.12
CA ASP D 30 8.36 -38.83 17.03
C ASP D 30 7.92 -38.37 15.61
N ALA D 31 8.29 -37.14 15.23
CA ALA D 31 8.10 -36.63 13.84
C ALA D 31 8.97 -37.38 12.81
N VAL D 32 10.05 -38.00 13.28
CA VAL D 32 10.98 -38.80 12.47
C VAL D 32 10.31 -40.07 11.87
N LEU D 33 9.23 -40.53 12.51
CA LEU D 33 8.53 -41.73 12.05
C LEU D 33 7.93 -41.58 10.68
N ARG D 34 7.51 -40.39 10.31
CA ARG D 34 6.93 -40.18 9.00
C ARG D 34 8.08 -40.19 8.00
N ALA D 35 9.07 -39.33 8.26
CA ALA D 35 10.17 -39.06 7.32
C ALA D 35 11.27 -38.33 8.01
N ARG D 36 12.44 -38.31 7.38
CA ARG D 36 13.62 -37.68 7.92
C ARG D 36 14.70 -37.49 6.86
N ALA D 37 15.57 -36.52 7.10
CA ALA D 37 16.77 -36.34 6.34
C ALA D 37 17.92 -36.66 7.27
N GLU D 38 18.59 -37.79 7.06
CA GLU D 38 19.76 -38.20 7.89
C GLU D 38 20.98 -37.48 7.36
N ILE D 39 21.62 -36.71 8.24
CA ILE D 39 22.77 -35.89 7.86
C ILE D 39 23.98 -36.57 8.46
N ASP D 40 24.78 -37.23 7.63
CA ASP D 40 25.98 -37.91 8.07
C ASP D 40 27.18 -36.96 8.10
N LEU D 41 27.43 -36.38 9.27
CA LEU D 41 28.47 -35.39 9.45
C LEU D 41 29.88 -35.96 9.29
N ALA D 42 30.03 -37.26 9.45
CA ALA D 42 31.29 -37.90 9.15
C ALA D 42 31.57 -37.86 7.68
N ALA D 43 30.55 -38.06 6.85
CA ALA D 43 30.75 -38.00 5.39
C ALA D 43 31.18 -36.60 4.98
N LEU D 44 30.57 -35.62 5.65
CA LEU D 44 30.88 -34.22 5.41
C LEU D 44 32.34 -33.89 5.71
N ARG D 45 32.83 -34.39 6.85
CA ARG D 45 34.23 -34.23 7.22
C ARG D 45 35.14 -34.99 6.27
N ALA D 46 34.74 -36.18 5.86
CA ALA D 46 35.47 -36.89 4.81
C ALA D 46 35.59 -36.04 3.54
N ASN D 47 34.48 -35.42 3.13
CA ASN D 47 34.48 -34.58 1.91
C ASN D 47 35.38 -33.35 2.04
N VAL D 48 35.28 -32.65 3.16
CA VAL D 48 36.15 -31.48 3.39
C VAL D 48 37.63 -31.80 3.27
N ARG D 49 38.03 -32.91 3.88
CA ARG D 49 39.40 -33.41 3.73
C ARG D 49 39.71 -33.76 2.28
N ALA D 50 38.84 -34.49 1.59
CA ALA D 50 39.08 -34.83 0.19
C ALA D 50 39.32 -33.58 -0.62
N LEU D 51 38.56 -32.53 -0.29
CA LEU D 51 38.65 -31.25 -1.00
C LEU D 51 39.89 -30.43 -0.67
N ARG D 52 40.33 -30.47 0.60
CA ARG D 52 41.59 -29.85 1.00
C ARG D 52 42.80 -30.53 0.36
N GLU D 53 42.66 -31.82 0.06
CA GLU D 53 43.67 -32.56 -0.68
C GLU D 53 43.69 -32.09 -2.15
N ARG D 54 42.54 -31.93 -2.82
CA ARG D 54 42.50 -31.47 -4.22
CA ARG D 54 42.53 -31.47 -4.22
C ARG D 54 43.03 -30.03 -4.37
N ALA D 55 42.91 -29.21 -3.33
CA ALA D 55 43.39 -27.82 -3.34
C ALA D 55 44.41 -27.63 -2.24
N PRO D 56 45.60 -28.21 -2.45
CA PRO D 56 46.59 -28.29 -1.36
C PRO D 56 47.24 -26.94 -1.04
N GLY D 57 47.37 -26.07 -2.05
CA GLY D 57 47.93 -24.75 -1.83
C GLY D 57 46.96 -23.69 -1.35
N ALA D 58 45.80 -24.06 -0.80
CA ALA D 58 44.71 -23.09 -0.54
C ALA D 58 43.97 -23.39 0.74
N ALA D 59 43.40 -22.35 1.34
CA ALA D 59 42.43 -22.52 2.41
C ALA D 59 41.12 -22.97 1.79
N LEU D 60 40.27 -23.56 2.63
CA LEU D 60 38.96 -23.99 2.20
C LEU D 60 37.86 -23.26 2.98
N MET D 61 36.90 -22.71 2.24
CA MET D 61 35.68 -22.15 2.78
C MET D 61 34.57 -23.19 2.71
N ALA D 62 33.93 -23.39 3.85
CA ALA D 62 32.74 -24.22 3.91
C ALA D 62 31.55 -23.32 3.70
N VAL D 63 30.94 -23.46 2.54
CA VAL D 63 29.77 -22.69 2.17
C VAL D 63 28.56 -23.33 2.85
N VAL D 64 27.98 -22.61 3.79
CA VAL D 64 26.84 -23.11 4.55
C VAL D 64 25.62 -22.21 4.35
N LYS D 65 25.50 -21.60 3.18
CA LYS D 65 24.35 -20.76 2.84
C LYS D 65 23.12 -21.65 2.71
N ALA D 66 21.95 -21.05 2.72
CA ALA D 66 20.71 -21.78 2.45
C ALA D 66 20.56 -22.99 3.36
N ASP D 67 20.80 -22.74 4.63
CA ASP D 67 20.77 -23.76 5.67
C ASP D 67 21.67 -24.91 5.33
N ALA D 68 22.94 -24.60 5.04
CA ALA D 68 23.92 -25.57 4.53
C ALA D 68 23.37 -26.46 3.39
N TYR D 69 22.75 -25.82 2.38
CA TYR D 69 22.14 -26.51 1.24
C TYR D 69 21.06 -27.51 1.72
N GLY D 70 20.29 -27.13 2.74
CA GLY D 70 19.26 -28.02 3.30
C GLY D 70 19.72 -29.03 4.35
N HIS D 71 21.03 -29.08 4.61
CA HIS D 71 21.62 -30.04 5.56
C HIS D 71 21.73 -29.55 7.02
N GLY D 72 21.46 -28.26 7.29
CA GLY D 72 21.62 -27.67 8.65
C GLY D 72 22.91 -26.87 8.84
N ALA D 73 22.78 -25.55 8.82
CA ALA D 73 23.93 -24.64 8.80
C ALA D 73 24.95 -24.85 9.91
N ILE D 74 24.52 -24.76 11.17
CA ILE D 74 25.44 -24.78 12.30
C ILE D 74 26.13 -26.13 12.42
N PRO D 75 25.36 -27.23 12.49
CA PRO D 75 26.00 -28.53 12.60
C PRO D 75 27.06 -28.78 11.52
N CYS D 76 26.72 -28.49 10.27
CA CYS D 76 27.65 -28.69 9.16
C CYS D 76 28.84 -27.76 9.26
N ALA D 77 28.61 -26.52 9.66
CA ALA D 77 29.69 -25.56 9.85
C ALA D 77 30.69 -26.04 10.92
N ARG D 78 30.19 -26.58 12.04
CA ARG D 78 31.08 -27.16 13.06
C ARG D 78 31.93 -28.29 12.50
N ALA D 79 31.27 -29.21 11.80
CA ALA D 79 31.96 -30.35 11.20
C ALA D 79 33.02 -29.88 10.21
N ALA D 80 32.68 -28.89 9.40
CA ALA D 80 33.61 -28.44 8.38
C ALA D 80 34.83 -27.74 8.98
N VAL D 81 34.65 -26.99 10.06
CA VAL D 81 35.79 -26.43 10.79
C VAL D 81 36.64 -27.55 11.40
N ALA D 82 35.99 -28.45 12.10
CA ALA D 82 36.66 -29.59 12.71
C ALA D 82 37.61 -30.23 11.71
N ALA D 83 37.15 -30.39 10.47
CA ALA D 83 37.93 -31.04 9.44
C ALA D 83 38.85 -30.14 8.56
N GLY D 84 39.05 -28.88 8.96
CA GLY D 84 40.06 -28.01 8.32
C GLY D 84 39.58 -26.77 7.56
N ALA D 85 38.26 -26.56 7.48
CA ALA D 85 37.76 -25.33 6.88
C ALA D 85 38.19 -24.21 7.82
N THR D 86 38.85 -23.21 7.25
CA THR D 86 39.19 -22.01 8.00
C THR D 86 38.32 -20.81 7.65
N TRP D 87 37.46 -20.92 6.63
CA TRP D 87 36.45 -19.90 6.33
C TRP D 87 35.07 -20.50 6.25
N LEU D 88 34.08 -19.70 6.61
CA LEU D 88 32.66 -20.03 6.38
C LEU D 88 32.08 -19.03 5.43
N GLY D 89 31.12 -19.49 4.64
CA GLY D 89 30.50 -18.69 3.57
C GLY D 89 28.99 -18.75 3.66
N THR D 90 28.34 -17.59 3.59
CA THR D 90 26.89 -17.49 3.57
C THR D 90 26.47 -16.45 2.56
N ALA D 91 25.17 -16.42 2.28
CA ALA D 91 24.64 -15.45 1.36
C ALA D 91 24.24 -14.24 2.14
N THR D 92 23.21 -14.37 2.95
CA THR D 92 22.66 -13.24 3.65
C THR D 92 23.49 -12.94 4.90
N PRO D 93 23.47 -11.68 5.37
CA PRO D 93 24.09 -11.38 6.65
C PRO D 93 23.38 -11.97 7.90
N GLN D 94 22.10 -12.27 7.80
CA GLN D 94 21.36 -12.93 8.88
C GLN D 94 21.94 -14.33 9.16
N GLU D 95 22.22 -15.06 8.08
CA GLU D 95 22.84 -16.40 8.15
C GLU D 95 24.23 -16.38 8.82
N ALA D 96 25.06 -15.44 8.38
CA ALA D 96 26.39 -15.27 8.94
C ALA D 96 26.41 -14.83 10.41
N LEU D 97 25.46 -13.97 10.81
CA LEU D 97 25.34 -13.52 12.20
C LEU D 97 24.90 -14.65 13.11
N ALA D 98 24.06 -15.54 12.59
CA ALA D 98 23.61 -16.71 13.34
C ALA D 98 24.74 -17.68 13.60
N LEU D 99 25.69 -17.75 12.68
CA LEU D 99 26.89 -18.55 12.87
C LEU D 99 27.73 -17.98 13.99
N ARG D 100 27.91 -16.65 13.97
CA ARG D 100 28.69 -15.98 14.97
C ARG D 100 28.03 -16.01 16.36
N ALA D 101 26.70 -16.11 16.39
CA ALA D 101 25.96 -16.22 17.62
C ALA D 101 25.75 -17.66 18.08
N ALA D 102 26.45 -18.62 17.48
CA ALA D 102 26.15 -20.04 17.72
C ALA D 102 26.58 -20.45 19.12
N GLU D 103 25.79 -21.29 19.75
CA GLU D 103 26.08 -21.81 21.07
C GLU D 103 26.00 -23.34 21.07
N PRO D 104 27.12 -24.04 21.33
CA PRO D 104 28.44 -23.45 21.69
C PRO D 104 29.09 -22.70 20.53
N GLY D 105 30.01 -21.80 20.85
CA GLY D 105 30.62 -20.91 19.83
C GLY D 105 31.43 -21.69 18.82
N LEU D 106 31.46 -21.22 17.59
CA LEU D 106 32.50 -21.61 16.65
C LEU D 106 33.75 -20.88 17.08
N PRO D 107 34.95 -21.36 16.72
CA PRO D 107 36.18 -20.60 17.05
C PRO D 107 36.08 -19.14 16.66
N ASP D 108 36.47 -18.23 17.55
CA ASP D 108 36.42 -16.77 17.26
C ASP D 108 37.41 -16.42 16.15
N ASP D 109 38.50 -17.16 16.09
CA ASP D 109 39.52 -17.05 15.04
C ASP D 109 39.04 -17.34 13.59
N VAL D 110 37.89 -18.00 13.43
CA VAL D 110 37.33 -18.33 12.11
C VAL D 110 36.73 -17.13 11.35
N ARG D 111 37.00 -17.09 10.05
CA ARG D 111 36.49 -16.06 9.18
C ARG D 111 35.15 -16.46 8.57
N ILE D 112 34.20 -15.52 8.58
CA ILE D 112 32.84 -15.73 8.10
C ILE D 112 32.51 -14.64 7.07
N MET D 113 32.22 -15.03 5.83
CA MET D 113 31.92 -14.09 4.76
C MET D 113 30.46 -14.14 4.35
N CYS D 114 29.87 -12.98 4.06
CA CYS D 114 28.49 -12.87 3.53
C CYS D 114 28.43 -11.86 2.42
N TRP D 115 27.67 -12.17 1.37
CA TRP D 115 27.78 -11.43 0.09
C TRP D 115 26.51 -10.76 -0.39
N LEU D 116 25.34 -11.33 -0.07
CA LEU D 116 24.03 -10.89 -0.59
C LEU D 116 23.42 -9.76 0.26
N TRP D 117 23.83 -8.55 -0.06
CA TRP D 117 23.36 -7.36 0.66
C TRP D 117 22.36 -6.53 -0.14
N THR D 118 21.44 -5.88 0.57
CA THR D 118 20.56 -4.86 0.01
C THR D 118 20.65 -3.59 0.86
N PRO D 119 20.27 -2.44 0.28
CA PRO D 119 20.22 -1.18 1.04
C PRO D 119 19.56 -1.28 2.41
N GLY D 120 20.12 -0.57 3.38
CA GLY D 120 19.61 -0.57 4.73
C GLY D 120 19.89 -1.83 5.51
N GLY D 121 20.66 -2.75 4.94
CA GLY D 121 20.97 -4.01 5.63
C GLY D 121 21.80 -3.79 6.88
N PRO D 122 21.93 -4.80 7.75
CA PRO D 122 22.61 -4.63 9.04
C PRO D 122 24.16 -4.58 8.92
N TRP D 123 24.66 -3.55 8.23
CA TRP D 123 26.09 -3.42 7.99
C TRP D 123 26.86 -3.19 9.29
N ARG D 124 26.30 -2.38 10.17
CA ARG D 124 26.91 -2.13 11.46
C ARG D 124 27.09 -3.42 12.26
N GLU D 125 26.01 -4.19 12.41
CA GLU D 125 26.04 -5.47 13.17
C GLU D 125 27.06 -6.46 12.59
N ALA D 126 27.22 -6.42 11.26
CA ALA D 126 28.23 -7.19 10.56
C ALA D 126 29.67 -6.75 10.86
N VAL D 127 29.94 -5.45 10.78
CA VAL D 127 31.26 -4.93 11.09
C VAL D 127 31.62 -5.22 12.56
N GLU D 128 30.66 -5.03 13.47
CA GLU D 128 30.85 -5.36 14.90
C GLU D 128 31.12 -6.84 15.16
N ALA D 129 30.35 -7.69 14.48
CA ALA D 129 30.53 -9.14 14.55
C ALA D 129 31.74 -9.68 13.74
N ARG D 130 32.52 -8.79 13.11
CA ARG D 130 33.80 -9.11 12.48
C ARG D 130 33.65 -10.03 11.23
N LEU D 131 32.59 -9.78 10.49
CA LEU D 131 32.29 -10.50 9.28
C LEU D 131 33.08 -9.93 8.14
N ASP D 132 33.48 -10.78 7.21
CA ASP D 132 33.93 -10.30 5.90
C ASP D 132 32.70 -10.05 5.04
N VAL D 133 32.58 -8.85 4.47
CA VAL D 133 31.42 -8.48 3.67
C VAL D 133 31.81 -8.20 2.21
N SER D 134 31.08 -8.79 1.27
CA SER D 134 31.28 -8.47 -0.13
C SER D 134 30.64 -7.13 -0.45
N VAL D 135 31.32 -6.41 -1.33
CA VAL D 135 30.87 -5.15 -1.84
C VAL D 135 31.16 -5.26 -3.33
N SER D 136 30.15 -5.00 -4.15
CA SER D 136 30.37 -5.01 -5.60
C SER D 136 29.87 -3.75 -6.29
N ALA D 137 29.46 -2.76 -5.50
CA ALA D 137 28.78 -1.58 -6.02
C ALA D 137 28.91 -0.43 -5.03
N MET D 138 28.85 0.78 -5.58
CA MET D 138 29.24 1.97 -4.87
C MET D 138 28.32 2.26 -3.67
N TRP D 139 27.01 2.08 -3.84
CA TRP D 139 26.05 2.26 -2.72
C TRP D 139 26.48 1.47 -1.47
N ALA D 140 26.97 0.25 -1.68
CA ALA D 140 27.39 -0.64 -0.61
C ALA D 140 28.65 -0.15 0.07
N MET D 141 29.59 0.32 -0.76
CA MET D 141 30.82 0.91 -0.24
C MET D 141 30.52 2.07 0.69
N GLU D 142 29.58 2.93 0.27
CA GLU D 142 29.19 4.08 1.10
C GLU D 142 28.51 3.63 2.39
N GLU D 143 27.61 2.65 2.28
CA GLU D 143 26.90 2.16 3.44
C GLU D 143 27.79 1.45 4.46
N VAL D 144 28.74 0.66 3.98
CA VAL D 144 29.63 -0.10 4.87
C VAL D 144 30.62 0.81 5.58
N THR D 145 31.18 1.75 4.82
CA THR D 145 32.08 2.80 5.34
C THR D 145 31.36 3.66 6.39
N GLY D 146 30.12 4.07 6.08
CA GLY D 146 29.27 4.78 7.04
C GLY D 146 29.05 4.02 8.34
N ALA D 147 28.85 2.71 8.23
CA ALA D 147 28.68 1.84 9.39
C ALA D 147 29.96 1.64 10.22
N ALA D 148 31.12 1.54 9.56
CA ALA D 148 32.41 1.43 10.26
C ALA D 148 32.71 2.68 11.11
N ARG D 149 32.38 3.86 10.57
CA ARG D 149 32.40 5.13 11.37
C ARG D 149 31.55 5.00 12.62
N ALA D 150 30.25 4.74 12.44
CA ALA D 150 29.34 4.64 13.57
C ALA D 150 29.82 3.63 14.61
N ALA D 151 30.35 2.49 14.16
CA ALA D 151 30.78 1.43 15.06
C ALA D 151 32.11 1.74 15.72
N GLY D 152 32.98 2.50 15.03
CA GLY D 152 34.32 2.82 15.55
C GLY D 152 35.42 1.84 15.16
N VAL D 153 35.06 0.56 14.93
CA VAL D 153 36.00 -0.49 14.49
C VAL D 153 35.98 -0.71 12.96
N PRO D 154 37.14 -1.03 12.36
CA PRO D 154 37.18 -1.10 10.90
C PRO D 154 36.43 -2.33 10.31
N ALA D 155 36.11 -2.23 9.02
CA ALA D 155 35.40 -3.27 8.26
C ALA D 155 36.34 -4.15 7.46
N ARG D 156 36.02 -5.44 7.37
CA ARG D 156 36.73 -6.34 6.48
C ARG D 156 35.90 -6.47 5.19
N VAL D 157 36.41 -5.99 4.07
CA VAL D 157 35.61 -5.92 2.86
C VAL D 157 36.21 -6.71 1.72
N GLN D 158 35.37 -7.35 0.92
CA GLN D 158 35.84 -8.13 -0.22
C GLN D 158 35.18 -7.58 -1.46
N LEU D 159 35.97 -7.12 -2.43
CA LEU D 159 35.41 -6.56 -3.65
C LEU D 159 35.05 -7.68 -4.61
N ALA D 161 34.34 -8.95 -8.21
CA ALA D 161 34.58 -8.58 -9.59
C ALA D 161 33.71 -9.41 -10.52
N ASP D 162 33.07 -8.74 -11.49
CA ASP D 162 32.26 -9.42 -12.51
C ASP D 162 33.16 -9.80 -13.69
N THR D 163 33.57 -11.06 -13.70
CA THR D 163 34.48 -11.57 -14.70
C THR D 163 33.80 -12.04 -15.99
N GLY D 164 32.47 -11.99 -16.07
CA GLY D 164 31.74 -12.63 -17.18
C GLY D 164 30.39 -13.25 -16.80
N LEU D 165 30.21 -13.55 -15.51
CA LEU D 165 28.98 -14.16 -15.01
C LEU D 165 27.77 -13.28 -15.26
N GLY D 166 27.94 -12.00 -14.96
CA GLY D 166 26.92 -11.01 -15.25
C GLY D 166 25.78 -11.01 -14.26
N ARG D 167 26.00 -11.59 -13.08
CA ARG D 167 24.99 -11.57 -12.05
C ARG D 167 25.37 -10.42 -11.12
N GLY D 168 25.73 -10.71 -9.88
CA GLY D 168 26.24 -9.68 -9.00
C GLY D 168 27.66 -9.49 -9.46
N GLY D 169 28.41 -8.64 -8.80
CA GLY D 169 29.76 -8.35 -9.26
C GLY D 169 29.87 -6.97 -9.89
N CYS D 170 31.07 -6.41 -9.82
CA CYS D 170 31.39 -5.11 -10.40
C CYS D 170 31.94 -5.26 -11.81
N GLN D 171 31.37 -4.53 -12.79
CA GLN D 171 31.85 -4.59 -14.20
C GLN D 171 33.27 -3.99 -14.33
N PRO D 172 34.11 -4.49 -15.27
CA PRO D 172 35.46 -3.93 -15.44
C PRO D 172 35.47 -2.48 -16.01
N GLY D 173 36.66 -1.87 -16.06
CA GLY D 173 36.79 -0.49 -16.53
C GLY D 173 36.29 0.53 -15.50
N ALA D 174 35.37 1.39 -15.93
CA ALA D 174 34.97 2.60 -15.17
C ALA D 174 34.41 2.35 -13.77
N ASP D 175 33.60 1.29 -13.63
CA ASP D 175 33.02 0.91 -12.33
C ASP D 175 34.07 0.31 -11.37
N TRP D 176 34.94 -0.57 -11.89
CA TRP D 176 36.01 -1.19 -11.10
C TRP D 176 37.01 -0.12 -10.63
N GLU D 177 37.47 0.70 -11.57
CA GLU D 177 38.34 1.85 -11.27
C GLU D 177 37.81 2.62 -10.04
N ARG D 178 36.55 3.01 -10.12
CA ARG D 178 35.95 3.86 -9.11
C ARG D 178 35.86 3.17 -7.73
N LEU D 179 35.42 1.90 -7.76
CA LEU D 179 35.30 1.07 -6.56
C LEU D 179 36.64 0.76 -5.90
N VAL D 180 37.62 0.39 -6.72
CA VAL D 180 38.97 0.18 -6.22
C VAL D 180 39.45 1.47 -5.54
N GLY D 181 39.19 2.62 -6.16
CA GLY D 181 39.61 3.92 -5.65
C GLY D 181 38.92 4.31 -4.34
N ALA D 182 37.61 4.11 -4.32
CA ALA D 182 36.83 4.38 -3.12
C ALA D 182 37.25 3.51 -1.93
N ALA D 183 37.63 2.27 -2.26
CA ALA D 183 38.16 1.33 -1.29
C ALA D 183 39.48 1.81 -0.76
N LEU D 184 40.37 2.23 -1.67
CA LEU D 184 41.68 2.82 -1.30
C LEU D 184 41.59 4.01 -0.34
N ARG D 185 40.65 4.92 -0.63
CA ARG D 185 40.39 6.06 0.27
C ARG D 185 39.86 5.65 1.63
N ALA D 186 39.00 4.65 1.64
CA ALA D 186 38.47 4.13 2.89
C ALA D 186 39.57 3.49 3.74
N GLU D 187 40.53 2.85 3.07
CA GLU D 187 41.72 2.30 3.74
C GLU D 187 42.59 3.41 4.32
N GLU D 188 42.89 4.42 3.51
CA GLU D 188 43.60 5.64 3.94
C GLU D 188 42.96 6.30 5.19
N GLU D 189 41.64 6.43 5.21
CA GLU D 189 40.88 6.97 6.36
C GLU D 189 40.72 5.97 7.52
N GLY D 190 41.15 4.72 7.31
CA GLY D 190 41.25 3.71 8.37
C GLY D 190 39.93 3.05 8.74
N LEU D 191 38.96 3.09 7.81
CA LEU D 191 37.59 2.61 8.07
C LEU D 191 37.35 1.15 7.64
N LEU D 192 38.21 0.65 6.75
CA LEU D 192 38.10 -0.70 6.29
C LEU D 192 39.44 -1.17 5.77
N ARG D 193 39.64 -2.49 5.75
CA ARG D 193 40.73 -3.07 4.97
C ARG D 193 40.15 -4.07 3.97
N VAL D 194 40.45 -3.91 2.68
CA VAL D 194 40.02 -4.88 1.67
C VAL D 194 40.78 -6.17 1.87
N THR D 195 40.08 -7.16 2.43
CA THR D 195 40.67 -8.47 2.79
C THR D 195 40.60 -9.49 1.66
N GLY D 196 39.80 -9.23 0.62
CA GLY D 196 39.80 -10.13 -0.53
C GLY D 196 39.33 -9.53 -1.82
N LEU D 197 39.68 -10.19 -2.92
CA LEU D 197 39.17 -9.84 -4.25
C LEU D 197 38.68 -11.12 -4.82
N TRP D 198 37.46 -11.13 -5.35
CA TRP D 198 36.83 -12.38 -5.69
C TRP D 198 35.79 -12.35 -6.79
N SER D 199 35.56 -13.52 -7.37
CA SER D 199 34.60 -13.66 -8.46
C SER D 199 33.98 -15.08 -8.46
N HIS D 200 33.20 -15.38 -9.48
CA HIS D 200 32.43 -16.61 -9.51
C HIS D 200 32.29 -17.00 -10.98
N PHE D 201 32.43 -18.29 -11.25
CA PHE D 201 32.41 -18.83 -12.60
C PHE D 201 30.97 -19.06 -13.04
N ALA D 202 30.74 -18.87 -14.33
CA ALA D 202 29.45 -19.13 -14.94
C ALA D 202 29.31 -20.54 -15.48
N CYS D 203 30.40 -21.10 -16.03
CA CYS D 203 30.31 -22.35 -16.80
C CYS D 203 31.37 -23.37 -16.42
N ALA D 204 31.89 -23.30 -15.21
CA ALA D 204 32.92 -24.26 -14.74
C ALA D 204 32.42 -25.71 -14.73
N ASP D 205 31.11 -25.93 -14.55
CA ASP D 205 30.51 -27.29 -14.60
C ASP D 205 30.50 -27.99 -15.97
N GLU D 206 30.77 -27.23 -17.04
CA GLU D 206 30.98 -27.78 -18.39
C GLU D 206 32.49 -27.67 -18.69
N PRO D 207 33.25 -28.77 -18.57
CA PRO D 207 34.72 -28.63 -18.52
C PRO D 207 35.32 -28.16 -19.84
N GLY D 208 36.28 -27.25 -19.76
CA GLY D 208 36.90 -26.66 -20.94
C GLY D 208 36.04 -25.74 -21.82
N HIS D 209 34.84 -25.37 -21.38
CA HIS D 209 34.00 -24.34 -22.06
C HIS D 209 34.85 -23.04 -22.20
N PRO D 210 34.71 -22.31 -23.33
CA PRO D 210 35.61 -21.17 -23.56
C PRO D 210 35.62 -20.13 -22.41
N SER D 211 34.43 -19.66 -22.02
CA SER D 211 34.23 -18.70 -20.91
C SER D 211 35.05 -18.92 -19.65
N ILE D 212 35.35 -20.18 -19.31
CA ILE D 212 36.13 -20.49 -18.11
C ILE D 212 37.48 -19.79 -18.20
N ALA D 213 38.23 -20.07 -19.27
CA ALA D 213 39.54 -19.43 -19.50
C ALA D 213 39.46 -17.90 -19.61
N ALA D 214 38.40 -17.43 -20.23
CA ALA D 214 38.13 -16.00 -20.38
C ALA D 214 37.96 -15.31 -19.03
N GLN D 215 36.98 -15.77 -18.25
CA GLN D 215 36.72 -15.24 -16.89
C GLN D 215 37.98 -15.26 -16.05
N LEU D 216 38.77 -16.32 -16.22
CA LEU D 216 39.96 -16.54 -15.42
C LEU D 216 41.05 -15.52 -15.72
N THR D 217 41.30 -15.23 -17.00
CA THR D 217 42.29 -14.20 -17.36
C THR D 217 41.79 -12.80 -17.09
N ARG D 218 40.48 -12.56 -17.21
CA ARG D 218 39.88 -11.29 -16.75
C ARG D 218 39.93 -11.13 -15.21
N PHE D 219 39.85 -12.24 -14.47
CA PHE D 219 40.07 -12.20 -13.02
C PHE D 219 41.49 -11.78 -12.71
N ARG D 220 42.46 -12.28 -13.50
CA ARG D 220 43.89 -11.93 -13.32
C ARG D 220 44.17 -10.46 -13.62
N GLU D 221 43.59 -9.95 -14.73
CA GLU D 221 43.63 -8.50 -15.10
C GLU D 221 43.08 -7.59 -14.00
N MET D 222 41.84 -7.85 -13.58
CA MET D 222 41.15 -7.05 -12.58
C MET D 222 41.84 -7.08 -11.21
N THR D 223 42.32 -8.26 -10.79
CA THR D 223 43.04 -8.38 -9.52
C THR D 223 44.35 -7.64 -9.59
N ALA D 224 45.06 -7.82 -10.72
CA ALA D 224 46.37 -7.16 -10.96
C ALA D 224 46.25 -5.64 -10.88
N TYR D 225 45.26 -5.10 -11.56
CA TYR D 225 44.88 -3.69 -11.48
C TYR D 225 44.72 -3.18 -10.05
N ALA D 226 44.01 -3.92 -9.21
CA ALA D 226 43.68 -3.43 -7.87
C ALA D 226 44.86 -3.48 -6.93
N GLU D 227 45.71 -4.50 -7.10
CA GLU D 227 46.94 -4.60 -6.35
C GLU D 227 47.96 -3.54 -6.81
N GLN D 228 48.02 -3.32 -8.13
CA GLN D 228 48.87 -2.27 -8.79
C GLN D 228 48.56 -0.88 -8.25
N ARG D 229 47.31 -0.66 -7.86
CA ARG D 229 46.88 0.62 -7.27
C ARG D 229 46.91 0.70 -5.74
N GLY D 230 47.47 -0.31 -5.07
CA GLY D 230 47.76 -0.22 -3.65
C GLY D 230 46.95 -1.11 -2.73
N LEU D 231 45.99 -1.87 -3.27
CA LEU D 231 45.22 -2.78 -2.41
C LEU D 231 46.03 -4.04 -2.13
N ARG D 232 45.95 -4.52 -0.88
CA ARG D 232 46.75 -5.66 -0.38
C ARG D 232 45.83 -6.69 0.31
N PRO D 233 45.25 -7.61 -0.47
CA PRO D 233 44.27 -8.54 0.10
C PRO D 233 44.89 -9.79 0.71
N GLU D 234 44.19 -10.37 1.69
CA GLU D 234 44.59 -11.66 2.27
C GLU D 234 44.33 -12.79 1.31
N VAL D 235 43.25 -12.71 0.53
CA VAL D 235 42.87 -13.82 -0.34
C VAL D 235 42.25 -13.38 -1.66
N ARG D 236 42.60 -14.05 -2.73
CA ARG D 236 41.96 -13.86 -4.01
C ARG D 236 41.34 -15.25 -4.31
N HIS D 237 40.09 -15.29 -4.74
CA HIS D 237 39.29 -16.53 -4.91
C HIS D 237 38.22 -16.47 -5.98
N ILE D 238 38.16 -17.51 -6.79
CA ILE D 238 37.13 -17.62 -7.82
C ILE D 238 36.43 -19.02 -7.84
N ALA D 239 37.08 -19.99 -7.26
CA ALA D 239 36.60 -21.33 -7.33
C ALA D 239 35.45 -21.89 -6.55
N ASN D 240 34.41 -22.25 -7.29
CA ASN D 240 33.30 -23.03 -6.76
C ASN D 240 33.68 -24.53 -6.75
N SER D 241 32.71 -25.43 -6.55
CA SER D 241 32.98 -26.89 -6.54
C SER D 241 33.63 -27.40 -7.82
N PRO D 242 32.97 -27.24 -8.99
CA PRO D 242 33.57 -27.79 -10.23
C PRO D 242 34.96 -27.23 -10.56
N ALA D 243 35.15 -25.95 -10.33
CA ALA D 243 36.49 -25.36 -10.47
C ALA D 243 37.48 -26.10 -9.58
N THR D 244 37.22 -26.09 -8.27
CA THR D 244 38.08 -26.77 -7.30
C THR D 244 38.48 -28.19 -7.75
N LEU D 245 37.52 -28.95 -8.25
CA LEU D 245 37.79 -30.32 -8.65
C LEU D 245 38.60 -30.46 -9.94
N THR D 246 38.45 -29.51 -10.87
CA THR D 246 38.99 -29.65 -12.24
C THR D 246 40.00 -28.57 -12.71
N LEU D 247 40.25 -27.51 -11.93
CA LEU D 247 41.10 -26.37 -12.39
C LEU D 247 42.06 -25.90 -11.32
N PRO D 248 43.25 -26.52 -11.24
CA PRO D 248 44.20 -26.10 -10.19
C PRO D 248 44.74 -24.68 -10.40
N ASP D 249 44.77 -24.21 -11.64
CA ASP D 249 45.00 -22.79 -11.92
C ASP D 249 44.05 -21.82 -11.16
N ALA D 250 42.80 -22.25 -10.99
CA ALA D 250 41.75 -21.44 -10.37
C ALA D 250 41.75 -21.35 -8.85
N HIS D 251 42.60 -22.13 -8.18
CA HIS D 251 42.51 -22.25 -6.72
C HIS D 251 42.88 -20.97 -5.95
N PHE D 252 43.98 -20.33 -6.36
CA PHE D 252 44.46 -19.10 -5.74
C PHE D 252 44.53 -19.32 -4.22
N ASP D 253 44.26 -18.31 -3.39
CA ASP D 253 44.48 -18.43 -1.96
C ASP D 253 43.37 -19.18 -1.23
N LEU D 254 42.24 -19.42 -1.91
CA LEU D 254 41.03 -19.92 -1.26
C LEU D 254 40.03 -20.53 -2.23
N VAL D 255 39.36 -21.59 -1.78
CA VAL D 255 38.35 -22.30 -2.55
C VAL D 255 37.02 -22.34 -1.80
N ARG D 256 35.92 -22.36 -2.56
CA ARG D 256 34.56 -22.33 -2.03
C ARG D 256 33.75 -23.51 -2.60
N PRO D 257 34.12 -24.75 -2.27
CA PRO D 257 33.38 -25.86 -2.81
C PRO D 257 32.15 -26.13 -1.94
N GLY D 258 30.98 -25.75 -2.45
CA GLY D 258 29.74 -25.91 -1.73
C GLY D 258 29.18 -27.31 -1.86
N ILE D 259 28.61 -27.59 -3.03
CA ILE D 259 27.89 -28.84 -3.28
C ILE D 259 28.79 -30.07 -3.06
N ALA D 260 30.05 -29.97 -3.45
CA ALA D 260 31.00 -31.06 -3.28
C ALA D 260 31.23 -31.42 -1.81
N MET D 261 31.24 -30.41 -0.93
CA MET D 261 31.27 -30.65 0.52
C MET D 261 30.07 -31.47 1.03
N TYR D 262 28.92 -31.34 0.39
CA TYR D 262 27.75 -32.16 0.75
C TYR D 262 27.76 -33.51 0.02
N GLY D 263 28.90 -33.84 -0.58
CA GLY D 263 29.12 -35.07 -1.28
C GLY D 263 28.42 -35.27 -2.62
N VAL D 264 27.87 -34.22 -3.22
CA VAL D 264 27.14 -34.32 -4.49
C VAL D 264 27.93 -33.66 -5.62
N SER D 265 27.97 -34.31 -6.77
CA SER D 265 28.74 -33.80 -7.89
C SER D 265 28.07 -32.60 -8.53
N PRO D 266 28.85 -31.53 -8.84
CA PRO D 266 28.25 -30.40 -9.50
C PRO D 266 27.61 -30.71 -10.87
N SER D 267 28.05 -31.79 -11.51
CA SER D 267 27.58 -32.16 -12.84
C SER D 267 28.02 -33.59 -13.15
N PRO D 268 27.15 -34.42 -13.79
CA PRO D 268 27.65 -35.74 -14.24
C PRO D 268 28.80 -35.67 -15.28
N GLU D 269 28.90 -34.56 -16.01
CA GLU D 269 30.06 -34.29 -16.90
C GLU D 269 31.39 -34.11 -16.16
N ILE D 270 31.35 -33.50 -14.97
CA ILE D 270 32.53 -33.42 -14.09
C ILE D 270 32.86 -34.85 -13.57
N GLY D 271 31.86 -35.57 -13.07
CA GLY D 271 32.01 -36.95 -12.61
C GLY D 271 31.01 -37.38 -11.55
N THR D 272 31.17 -38.60 -11.04
CA THR D 272 30.45 -39.03 -9.83
C THR D 272 31.16 -38.49 -8.59
N PRO D 273 30.47 -38.51 -7.44
CA PRO D 273 31.16 -38.22 -6.19
C PRO D 273 32.31 -39.16 -5.90
N ALA D 274 32.09 -40.47 -6.13
CA ALA D 274 33.13 -41.50 -6.02
C ALA D 274 34.42 -41.15 -6.78
N ASP D 275 34.30 -40.55 -7.98
CA ASP D 275 35.49 -40.11 -8.77
C ASP D 275 36.40 -39.12 -8.02
N PHE D 276 35.84 -38.37 -7.08
CA PHE D 276 36.63 -37.39 -6.33
C PHE D 276 36.74 -37.69 -4.82
N GLY D 277 36.44 -38.92 -4.43
CA GLY D 277 36.56 -39.35 -3.04
C GLY D 277 35.53 -38.76 -2.12
N LEU D 278 34.32 -38.55 -2.64
CA LEU D 278 33.23 -37.82 -1.99
C LEU D 278 32.01 -38.70 -1.80
N ARG D 279 31.30 -38.49 -0.70
CA ARG D 279 30.19 -39.33 -0.28
C ARG D 279 29.01 -38.43 0.06
N PRO D 280 27.85 -38.63 -0.58
CA PRO D 280 26.71 -37.80 -0.25
C PRO D 280 26.33 -37.79 1.25
N VAL D 281 26.07 -36.60 1.78
CA VAL D 281 25.80 -36.39 3.20
C VAL D 281 24.33 -36.65 3.60
N MET D 282 23.39 -36.34 2.70
CA MET D 282 21.96 -36.45 3.03
C MET D 282 21.36 -37.75 2.53
N THR D 283 20.66 -38.46 3.42
CA THR D 283 19.78 -39.56 3.06
C THR D 283 18.35 -39.15 3.39
N LEU D 284 17.43 -39.19 2.42
CA LEU D 284 16.01 -38.79 2.60
C LEU D 284 15.13 -40.02 2.60
N ALA D 285 14.51 -40.32 3.72
CA ALA D 285 13.76 -41.56 3.86
C ALA D 285 12.46 -41.37 4.59
N ALA D 286 11.55 -42.32 4.43
CA ALA D 286 10.23 -42.19 4.99
C ALA D 286 9.69 -43.54 5.27
N SER D 287 8.60 -43.58 6.04
CA SER D 287 7.92 -44.83 6.39
C SER D 287 6.64 -44.94 5.63
N LEU D 288 6.38 -46.09 5.04
CA LEU D 288 5.11 -46.30 4.36
C LEU D 288 3.89 -46.11 5.27
N ALA D 289 3.04 -45.15 4.93
CA ALA D 289 1.79 -44.95 5.65
C ALA D 289 0.77 -46.04 5.33
N LEU D 290 0.80 -46.55 4.09
CA LEU D 290 -0.27 -47.44 3.62
C LEU D 290 0.21 -48.40 2.56
N VAL D 291 -0.19 -49.65 2.72
CA VAL D 291 0.03 -50.69 1.75
C VAL D 291 -1.32 -51.30 1.51
N LYS D 292 -1.72 -51.36 0.24
CA LYS D 292 -3.07 -51.84 -0.04
C LYS D 292 -3.14 -52.39 -1.44
N GLN D 293 -4.06 -53.34 -1.58
CA GLN D 293 -4.29 -54.01 -2.84
C GLN D 293 -5.40 -53.30 -3.60
N VAL D 294 -5.18 -53.08 -4.88
CA VAL D 294 -6.17 -52.44 -5.72
C VAL D 294 -6.36 -53.30 -6.97
N PRO D 295 -7.59 -53.37 -7.51
CA PRO D 295 -7.75 -54.06 -8.80
C PRO D 295 -7.05 -53.36 -9.98
N GLY D 296 -7.14 -53.96 -11.16
CA GLY D 296 -6.69 -53.33 -12.39
C GLY D 296 -7.62 -52.19 -12.81
N GLY D 297 -7.17 -51.34 -13.73
CA GLY D 297 -7.94 -50.20 -14.24
C GLY D 297 -8.41 -49.22 -13.18
N HIS D 298 -7.64 -49.11 -12.11
CA HIS D 298 -7.94 -48.23 -11.00
C HIS D 298 -6.89 -47.14 -11.07
N GLY D 299 -7.35 -45.90 -11.13
CA GLY D 299 -6.46 -44.75 -11.25
C GLY D 299 -5.70 -44.44 -9.98
N VAL D 300 -4.58 -43.72 -10.15
CA VAL D 300 -3.72 -43.33 -9.04
C VAL D 300 -3.36 -41.83 -9.11
N SER D 301 -3.73 -41.13 -8.03
CA SER D 301 -3.37 -39.73 -7.78
C SER D 301 -4.10 -38.75 -8.74
N TYR D 302 -3.82 -37.46 -8.59
CA TYR D 302 -4.52 -36.39 -9.31
C TYR D 302 -4.42 -36.54 -10.83
N GLY D 303 -5.54 -36.29 -11.51
CA GLY D 303 -5.63 -36.39 -12.96
C GLY D 303 -5.64 -37.81 -13.53
N HIS D 304 -5.72 -38.83 -12.68
CA HIS D 304 -5.47 -40.24 -13.04
C HIS D 304 -4.40 -40.45 -14.10
N HIS D 305 -3.19 -39.95 -13.87
CA HIS D 305 -2.06 -40.14 -14.81
C HIS D 305 -1.29 -41.47 -14.68
N TYR D 306 -1.74 -42.33 -13.76
CA TYR D 306 -1.37 -43.72 -13.76
C TYR D 306 -2.62 -44.52 -13.38
N THR D 307 -2.94 -45.53 -14.18
CA THR D 307 -4.00 -46.49 -13.85
C THR D 307 -3.27 -47.88 -13.77
N THR D 308 -3.69 -48.72 -12.82
CA THR D 308 -3.00 -50.00 -12.55
C THR D 308 -3.17 -51.00 -13.71
N PRO D 309 -2.07 -51.69 -14.13
CA PRO D 309 -2.16 -52.55 -15.33
C PRO D 309 -3.03 -53.82 -15.13
N GLY D 310 -2.78 -54.53 -14.04
CA GLY D 310 -3.66 -55.59 -13.58
C GLY D 310 -3.85 -55.37 -12.10
N GLU D 311 -4.16 -56.43 -11.36
CA GLU D 311 -4.25 -56.38 -9.90
C GLU D 311 -2.87 -56.25 -9.31
N THR D 312 -2.75 -55.43 -8.25
CA THR D 312 -1.43 -54.97 -7.77
C THR D 312 -1.55 -54.40 -6.36
N THR D 313 -0.39 -54.04 -5.81
CA THR D 313 -0.29 -53.36 -4.51
C THR D 313 0.27 -51.92 -4.66
N LEU D 314 -0.26 -51.02 -3.82
CA LEU D 314 0.16 -49.61 -3.80
C LEU D 314 0.70 -49.22 -2.44
N GLY D 315 1.87 -48.57 -2.49
CA GLY D 315 2.52 -48.02 -1.31
C GLY D 315 2.38 -46.51 -1.25
N LEU D 316 1.88 -46.01 -0.10
CA LEU D 316 1.78 -44.58 0.14
C LEU D 316 3.04 -44.13 0.85
N VAL D 317 3.82 -43.27 0.21
CA VAL D 317 4.96 -42.60 0.82
C VAL D 317 4.48 -41.22 1.28
N PRO D 318 4.60 -40.91 2.58
CA PRO D 318 4.05 -39.66 3.12
C PRO D 318 5.05 -38.48 3.03
N LEU D 319 5.42 -38.13 1.80
CA LEU D 319 6.17 -36.92 1.51
C LEU D 319 5.58 -36.40 0.21
N GLY D 320 5.42 -35.09 0.09
CA GLY D 320 5.02 -34.48 -1.17
C GLY D 320 5.81 -33.23 -1.51
N TYR D 321 5.26 -32.42 -2.41
CA TYR D 321 5.95 -31.24 -2.86
C TYR D 321 6.11 -30.19 -1.76
N ALA D 322 5.21 -30.16 -0.78
CA ALA D 322 5.41 -29.31 0.39
C ALA D 322 6.67 -29.67 1.18
N ASP D 323 7.06 -30.94 1.10
CA ASP D 323 8.31 -31.45 1.71
C ASP D 323 9.53 -31.35 0.81
N GLY D 324 9.36 -30.78 -0.38
CA GLY D 324 10.43 -30.65 -1.37
C GLY D 324 10.63 -31.82 -2.30
N ILE D 325 9.63 -32.71 -2.39
CA ILE D 325 9.63 -33.76 -3.39
C ILE D 325 9.11 -33.11 -4.67
N PRO D 326 9.97 -32.84 -5.65
CA PRO D 326 9.52 -32.02 -6.77
C PRO D 326 8.38 -32.65 -7.58
N ARG D 327 7.37 -31.86 -7.90
CA ARG D 327 6.20 -32.32 -8.65
C ARG D 327 6.58 -32.67 -10.09
N HIS D 328 7.68 -32.09 -10.59
CA HIS D 328 8.24 -32.49 -11.90
C HIS D 328 8.68 -33.92 -11.96
N ALA D 329 9.02 -34.50 -10.81
CA ALA D 329 9.32 -35.93 -10.74
C ALA D 329 8.05 -36.78 -10.59
N SER D 330 6.89 -36.26 -10.95
CA SER D 330 5.70 -37.07 -11.07
C SER D 330 5.95 -38.11 -12.16
N SER D 331 5.46 -39.32 -11.89
CA SER D 331 5.61 -40.50 -12.75
C SER D 331 7.05 -41.01 -12.98
N SER D 332 8.09 -40.33 -12.50
CA SER D 332 9.50 -40.69 -12.76
C SER D 332 10.41 -40.91 -11.54
N GLY D 333 10.13 -40.23 -10.43
CA GLY D 333 10.97 -40.29 -9.23
C GLY D 333 11.21 -41.71 -8.72
N PRO D 334 12.49 -42.10 -8.49
CA PRO D 334 12.80 -43.37 -7.91
C PRO D 334 12.78 -43.40 -6.35
N VAL D 335 12.30 -44.52 -5.78
CA VAL D 335 12.35 -44.78 -4.33
C VAL D 335 12.64 -46.26 -4.05
N LEU D 336 13.65 -46.53 -3.23
CA LEU D 336 13.94 -47.91 -2.80
C LEU D 336 12.96 -48.36 -1.71
N VAL D 337 12.13 -49.35 -2.02
CA VAL D 337 11.16 -49.89 -1.06
C VAL D 337 11.23 -51.40 -1.12
N ASP D 338 11.39 -52.04 0.05
CA ASP D 338 11.27 -53.50 0.16
C ASP D 338 12.33 -54.26 -0.66
N GLY D 339 13.50 -53.66 -0.87
CA GLY D 339 14.57 -54.27 -1.67
C GLY D 339 14.64 -54.00 -3.18
N LYS D 340 13.60 -53.39 -3.76
CA LYS D 340 13.62 -53.03 -5.20
C LYS D 340 13.36 -51.53 -5.41
N TRP D 341 13.98 -50.92 -6.44
CA TRP D 341 13.56 -49.57 -6.90
C TRP D 341 12.15 -49.54 -7.40
N ARG D 342 11.33 -48.72 -6.77
CA ARG D 342 9.97 -48.43 -7.24
C ARG D 342 10.04 -47.05 -7.90
N THR D 343 9.04 -46.68 -8.69
CA THR D 343 8.98 -45.32 -9.22
C THR D 343 7.62 -44.75 -8.97
N VAL D 344 7.59 -43.43 -8.82
CA VAL D 344 6.37 -42.70 -8.53
C VAL D 344 5.30 -43.04 -9.55
N ALA D 345 4.13 -43.40 -9.03
CA ALA D 345 2.95 -43.73 -9.83
C ALA D 345 2.12 -42.50 -9.93
N GLY D 346 2.23 -41.83 -11.08
CA GLY D 346 1.37 -40.67 -11.36
C GLY D 346 1.82 -39.40 -10.67
N ARG D 347 0.86 -38.57 -10.27
CA ARG D 347 1.19 -37.27 -9.69
C ARG D 347 1.58 -37.33 -8.22
N ILE D 348 2.43 -36.36 -7.88
CA ILE D 348 2.89 -36.11 -6.51
C ILE D 348 1.93 -35.09 -5.92
N ALA D 349 1.44 -35.38 -4.73
CA ALA D 349 0.53 -34.45 -4.06
C ALA D 349 1.31 -33.56 -3.10
N MET D 350 0.61 -32.66 -2.42
CA MET D 350 1.25 -31.79 -1.42
C MET D 350 2.00 -32.58 -0.31
N ASP D 351 1.44 -33.71 0.15
CA ASP D 351 2.01 -34.42 1.33
C ASP D 351 2.38 -35.87 1.09
N GLN D 352 2.10 -36.39 -0.11
CA GLN D 352 2.20 -37.83 -0.37
C GLN D 352 2.40 -38.11 -1.83
N PHE D 353 2.97 -39.27 -2.10
CA PHE D 353 2.88 -39.90 -3.42
C PHE D 353 2.77 -41.43 -3.28
N VAL D 354 2.40 -42.06 -4.40
CA VAL D 354 2.20 -43.51 -4.46
C VAL D 354 3.21 -44.17 -5.36
N VAL D 355 3.57 -45.39 -5.01
CA VAL D 355 4.39 -46.25 -5.85
C VAL D 355 3.61 -47.54 -6.07
N ASP D 356 3.77 -48.10 -7.28
CA ASP D 356 3.29 -49.47 -7.60
C ASP D 356 4.32 -50.46 -7.04
N LEU D 357 3.87 -51.37 -6.19
CA LEU D 357 4.76 -52.33 -5.52
C LEU D 357 4.74 -53.73 -6.17
N GLY D 358 4.50 -53.78 -7.49
CA GLY D 358 4.23 -55.07 -8.17
C GLY D 358 3.05 -55.77 -7.50
N GLY D 359 3.33 -56.86 -6.80
CA GLY D 359 2.39 -57.40 -5.83
C GLY D 359 2.94 -57.50 -4.40
N ASP D 360 4.13 -56.95 -4.15
CA ASP D 360 4.81 -57.14 -2.89
C ASP D 360 4.01 -56.50 -1.78
N ARG D 361 4.16 -57.02 -0.57
CA ARG D 361 3.31 -56.64 0.55
C ARG D 361 4.14 -56.34 1.79
N PRO D 362 4.97 -55.28 1.76
CA PRO D 362 5.72 -54.93 2.96
C PRO D 362 4.80 -54.37 4.02
N GLU D 363 5.24 -54.44 5.27
CA GLU D 363 4.43 -54.02 6.43
C GLU D 363 4.34 -52.46 6.37
N PRO D 364 3.18 -51.87 6.70
CA PRO D 364 3.18 -50.43 6.83
C PRO D 364 4.12 -50.05 7.98
N GLY D 365 4.86 -48.95 7.81
CA GLY D 365 5.99 -48.61 8.67
C GLY D 365 7.32 -48.92 8.03
N ALA D 366 7.32 -49.68 6.93
CA ALA D 366 8.54 -50.03 6.20
C ALA D 366 9.27 -48.82 5.63
N GLU D 367 10.59 -48.94 5.54
CA GLU D 367 11.42 -47.86 5.09
C GLU D 367 11.32 -47.66 3.56
N ALA D 368 11.09 -46.42 3.14
CA ALA D 368 11.12 -46.00 1.75
C ALA D 368 12.23 -44.97 1.61
N VAL D 369 13.34 -45.36 1.00
CA VAL D 369 14.50 -44.48 0.89
C VAL D 369 14.46 -43.76 -0.47
N LEU D 370 14.33 -42.44 -0.45
CA LEU D 370 14.16 -41.68 -1.68
C LEU D 370 15.52 -41.45 -2.32
N PHE D 371 16.49 -41.01 -1.53
CA PHE D 371 17.87 -40.96 -2.01
C PHE D 371 18.87 -40.97 -0.86
N GLY D 372 20.11 -41.24 -1.22
CA GLY D 372 21.17 -41.33 -0.28
C GLY D 372 22.52 -41.40 -1.00
N PRO D 373 23.54 -41.97 -0.31
CA PRO D 373 24.87 -42.14 -0.87
C PRO D 373 24.96 -43.08 -2.09
N GLY D 374 24.18 -44.17 -2.08
CA GLY D 374 24.15 -45.12 -3.19
C GLY D 374 24.49 -46.55 -2.80
N ASP D 375 25.23 -46.71 -1.70
CA ASP D 375 25.82 -48.00 -1.36
C ASP D 375 24.85 -49.07 -0.78
N ARG D 376 23.61 -48.71 -0.43
CA ARG D 376 22.63 -49.69 0.03
C ARG D 376 21.58 -49.95 -1.05
N GLY D 377 21.91 -49.62 -2.30
CA GLY D 377 21.00 -49.79 -3.41
C GLY D 377 20.00 -48.67 -3.58
N GLU D 378 20.18 -47.54 -2.87
CA GLU D 378 19.23 -46.42 -2.90
C GLU D 378 19.53 -45.62 -4.17
N PRO D 379 18.55 -44.82 -4.64
CA PRO D 379 18.87 -43.79 -5.64
C PRO D 379 19.72 -42.70 -5.04
N THR D 380 20.27 -41.82 -5.87
CA THR D 380 20.97 -40.65 -5.36
C THR D 380 20.19 -39.37 -5.64
N ALA D 381 20.60 -38.28 -5.01
CA ALA D 381 20.09 -36.95 -5.29
C ALA D 381 20.08 -36.65 -6.80
N GLU D 382 21.17 -36.97 -7.50
CA GLU D 382 21.25 -36.80 -8.97
C GLU D 382 20.19 -37.59 -9.74
N ASP D 383 19.86 -38.79 -9.27
CA ASP D 383 18.77 -39.55 -9.87
C ASP D 383 17.44 -38.80 -9.77
N TRP D 384 17.18 -38.13 -8.64
CA TRP D 384 15.97 -37.31 -8.51
C TRP D 384 16.09 -36.04 -9.33
N ALA D 385 17.26 -35.44 -9.39
CA ALA D 385 17.48 -34.29 -10.26
C ALA D 385 17.03 -34.59 -11.71
N GLN D 386 17.36 -35.79 -12.19
CA GLN D 386 17.03 -36.17 -13.55
C GLN D 386 15.56 -36.43 -13.70
N ALA D 387 14.98 -37.21 -12.80
CA ALA D 387 13.53 -37.44 -12.80
C ALA D 387 12.69 -36.14 -12.83
N ALA D 388 13.20 -35.09 -12.20
CA ALA D 388 12.53 -33.82 -12.10
C ALA D 388 13.03 -32.77 -13.11
N GLY D 389 14.01 -33.10 -13.92
CA GLY D 389 14.48 -32.18 -14.96
C GLY D 389 15.17 -30.95 -14.43
N THR D 390 16.00 -31.14 -13.42
CA THR D 390 16.70 -30.04 -12.76
C THR D 390 18.07 -30.53 -12.29
N ILE D 391 18.74 -29.74 -11.46
CA ILE D 391 20.07 -30.06 -10.92
C ILE D 391 19.98 -30.55 -9.48
N ALA D 392 20.88 -31.44 -9.09
CA ALA D 392 20.90 -31.99 -7.73
C ALA D 392 20.98 -30.92 -6.63
N TYR D 393 21.61 -29.79 -6.91
CA TYR D 393 21.65 -28.65 -6.02
C TYR D 393 20.24 -28.32 -5.49
N GLU D 394 19.28 -28.24 -6.42
CA GLU D 394 17.93 -27.88 -6.07
C GLU D 394 17.25 -29.00 -5.25
N ILE D 395 17.56 -30.25 -5.53
CA ILE D 395 16.93 -31.37 -4.85
C ILE D 395 17.17 -31.31 -3.34
N VAL D 396 18.43 -31.14 -2.95
CA VAL D 396 18.82 -31.18 -1.52
C VAL D 396 18.48 -29.88 -0.78
N THR D 397 18.70 -28.74 -1.45
CA THR D 397 18.50 -27.42 -0.86
C THR D 397 17.06 -27.13 -0.47
N ARG D 398 16.13 -27.64 -1.27
CA ARG D 398 14.72 -27.37 -1.10
C ARG D 398 13.94 -28.47 -0.39
N ILE D 399 14.64 -29.40 0.23
CA ILE D 399 13.98 -30.36 1.12
C ILE D 399 13.31 -29.53 2.24
N GLY D 400 12.01 -29.72 2.43
CA GLY D 400 11.27 -28.85 3.29
C GLY D 400 11.59 -28.87 4.79
N SER D 401 11.28 -27.76 5.46
CA SER D 401 11.54 -27.61 6.90
C SER D 401 10.62 -28.45 7.76
N ARG D 402 9.57 -28.96 7.16
CA ARG D 402 8.67 -29.92 7.77
C ARG D 402 9.26 -31.36 7.78
N VAL D 403 10.41 -31.57 7.16
CA VAL D 403 11.12 -32.86 7.21
C VAL D 403 12.21 -32.70 8.26
N PRO D 404 12.13 -33.41 9.39
CA PRO D 404 13.09 -33.14 10.43
C PRO D 404 14.43 -33.71 10.04
N ARG D 405 15.50 -32.98 10.36
CA ARG D 405 16.86 -33.45 10.10
C ARG D 405 17.36 -34.23 11.32
N VAL D 406 17.90 -35.41 11.07
CA VAL D 406 18.59 -36.19 12.10
C VAL D 406 20.11 -36.26 11.82
N TYR D 407 20.94 -35.85 12.79
CA TYR D 407 22.40 -35.73 12.63
C TYR D 407 23.13 -36.92 13.21
N VAL D 408 23.88 -37.67 12.40
CA VAL D 408 24.39 -38.93 12.91
C VAL D 408 25.66 -38.97 13.71
N ASN D 409 26.77 -38.37 13.28
CA ASN D 409 27.96 -38.56 14.11
C ASN D 409 28.79 -37.37 14.32
N GLU D 410 28.49 -36.70 15.43
CA GLU D 410 29.30 -35.68 16.14
C GLU D 410 28.52 -34.38 16.03
#